data_4NXL
#
_entry.id   4NXL
#
_cell.length_a   130.980
_cell.length_b   136.180
_cell.length_c   174.830
_cell.angle_alpha   90.00
_cell.angle_beta   90.00
_cell.angle_gamma   90.00
#
_symmetry.space_group_name_H-M   'C 2 2 21'
#
loop_
_entity.id
_entity.type
_entity.pdbx_description
1 polymer DszC
2 water water
#
_entity_poly.entity_id   1
_entity_poly.type   'polypeptide(L)'
_entity_poly.pdbx_seq_one_letter_code
;MGSSHHHHHHSSGLVPRGSHMASMTGGQQMGRGSEFMTLSPEKQHVRPRDAADNDPVAVARGLAEKWRATAVERDRAGGS
ATAEREDLRASGLLSLLVPREYGGWGADWPTAIEVVREIAAADGSLGHLFGYHLTNAPMIELIGSQEQEEHLYTQIAQNN
WWTGNASSENNSHVLDWKVSATPTEDGGYVLNGTKHFCSGAKGSDLLFVFGVVQDDSPQQGAIIAAAIPTSRAGVTPNDD
WAAIGMRQTDSGSTDFHNVKVEPDEVLGAPNAFVLAFIQSERGSLFAPIAQLIFANVYLGIAHGALDAAREYTRTQARPW
TPAGIQQATEDPYTIRSYGEFTIALQGADAAAREAAHLLQTVWDKGDALTPEDRGELMVKVSGVKALATNAALNISSGVF
EVIGARGTHPRYGFDRFWRNVRTHSLHDPVSYKIADVGKHTLNGQYPIPGFTS
;
_entity_poly.pdbx_strand_id   A,B,C,D
#
# COMPACT_ATOMS: atom_id res chain seq x y z
N ASP A 55 40.12 -1.36 -9.05
CA ASP A 55 38.82 -1.46 -8.38
C ASP A 55 37.72 -0.90 -9.30
N PRO A 56 36.94 -1.78 -9.94
CA PRO A 56 35.98 -1.35 -10.97
C PRO A 56 34.87 -0.46 -10.43
N VAL A 57 34.50 -0.67 -9.17
CA VAL A 57 33.47 0.13 -8.54
C VAL A 57 33.99 1.55 -8.37
N ALA A 58 35.26 1.65 -8.02
CA ALA A 58 35.95 2.94 -7.90
C ALA A 58 36.02 3.63 -9.25
N VAL A 59 36.29 2.85 -10.30
CA VAL A 59 36.29 3.38 -11.66
C VAL A 59 34.90 3.89 -12.02
N ALA A 60 33.87 3.14 -11.66
CA ALA A 60 32.50 3.57 -11.91
C ALA A 60 32.14 4.88 -11.15
N ARG A 61 32.54 5.02 -9.90
CA ARG A 61 32.23 6.25 -9.16
C ARG A 61 32.90 7.46 -9.81
N GLY A 62 34.09 7.23 -10.35
CA GLY A 62 34.80 8.25 -11.09
C GLY A 62 34.00 8.72 -12.28
N LEU A 63 33.42 7.78 -13.02
CA LEU A 63 32.59 8.16 -14.17
C LEU A 63 31.35 8.94 -13.72
N ALA A 64 30.72 8.47 -12.64
CA ALA A 64 29.52 9.12 -12.12
C ALA A 64 29.75 10.60 -11.80
N GLU A 65 30.83 10.87 -11.10
CA GLU A 65 31.23 12.22 -10.75
C GLU A 65 31.44 13.06 -12.03
N LYS A 66 32.05 12.47 -13.06
CA LYS A 66 32.21 13.19 -14.33
C LYS A 66 30.85 13.53 -14.98
N TRP A 67 29.93 12.57 -15.01
CA TRP A 67 28.66 12.72 -15.70
C TRP A 67 27.69 13.66 -14.96
N ARG A 68 27.95 13.93 -13.69
CA ARG A 68 26.97 14.57 -12.83
C ARG A 68 26.44 15.95 -13.25
N ALA A 69 27.30 16.84 -13.74
CA ALA A 69 26.84 18.21 -14.03
C ALA A 69 25.83 18.27 -15.18
N THR A 70 25.82 17.25 -16.03
CA THR A 70 25.00 17.30 -17.23
C THR A 70 23.91 16.22 -17.32
N ALA A 71 23.59 15.61 -16.19
CA ALA A 71 22.55 14.58 -16.10
C ALA A 71 21.16 15.10 -16.55
N VAL A 72 20.84 16.34 -16.15
CA VAL A 72 19.58 16.94 -16.56
C VAL A 72 19.54 17.12 -18.07
N GLU A 73 20.66 17.65 -18.57
CA GLU A 73 20.84 17.98 -19.98
C GLU A 73 20.70 16.77 -20.89
N ARG A 74 21.31 15.65 -20.48
CA ARG A 74 21.31 14.42 -21.25
C ARG A 74 19.90 13.86 -21.39
N ASP A 75 19.16 13.90 -20.29
CA ASP A 75 17.80 13.41 -20.29
C ASP A 75 16.94 14.22 -21.26
N ARG A 76 17.08 15.55 -21.22
CA ARG A 76 16.31 16.43 -22.08
C ARG A 76 16.64 16.27 -23.56
N ALA A 77 17.92 16.06 -23.85
CA ALA A 77 18.35 15.95 -25.25
C ALA A 77 17.95 14.63 -25.92
N GLY A 78 17.96 13.55 -25.17
CA GLY A 78 17.75 12.24 -25.78
C GLY A 78 18.89 11.95 -26.75
N GLY A 79 18.63 11.13 -27.76
CA GLY A 79 19.69 10.75 -28.69
C GLY A 79 20.72 9.86 -28.00
N SER A 80 21.91 9.82 -28.58
CA SER A 80 22.95 8.96 -28.04
C SER A 80 23.85 9.67 -27.06
N ALA A 81 24.23 8.96 -26.01
CA ALA A 81 25.18 9.48 -25.03
C ALA A 81 26.58 9.17 -25.55
N THR A 82 26.89 9.79 -26.68
CA THR A 82 28.09 9.44 -27.44
C THR A 82 29.34 9.60 -26.62
N ALA A 83 29.48 10.76 -25.98
CA ALA A 83 30.67 11.00 -25.16
C ALA A 83 30.79 10.06 -23.96
N GLU A 84 29.65 9.77 -23.31
CA GLU A 84 29.66 8.94 -22.10
C GLU A 84 29.88 7.45 -22.42
N ARG A 85 29.32 6.99 -23.54
CA ARG A 85 29.62 5.66 -24.06
C ARG A 85 31.14 5.55 -24.28
N GLU A 86 31.77 6.61 -24.77
CA GLU A 86 33.22 6.68 -24.87
C GLU A 86 33.94 6.70 -23.52
N ASP A 87 33.37 7.40 -22.54
CA ASP A 87 33.94 7.34 -21.20
C ASP A 87 34.05 5.88 -20.74
N LEU A 88 32.96 5.13 -20.93
CA LEU A 88 32.87 3.74 -20.50
C LEU A 88 33.88 2.90 -21.27
N ARG A 89 33.90 3.06 -22.59
CA ARG A 89 34.89 2.36 -23.40
C ARG A 89 36.33 2.61 -22.93
N ALA A 90 36.69 3.89 -22.77
CA ALA A 90 38.04 4.24 -22.35
C ALA A 90 38.38 3.70 -20.95
N SER A 91 37.38 3.53 -20.09
CA SER A 91 37.59 3.08 -18.70
C SER A 91 38.06 1.64 -18.56
N GLY A 92 37.86 0.85 -19.60
CA GLY A 92 38.19 -0.55 -19.52
C GLY A 92 37.07 -1.42 -18.98
N LEU A 93 35.95 -0.81 -18.58
CA LEU A 93 34.92 -1.55 -17.86
C LEU A 93 34.09 -2.50 -18.73
N LEU A 94 34.12 -2.30 -20.05
CA LEU A 94 33.36 -3.17 -20.92
C LEU A 94 33.86 -4.63 -20.85
N SER A 95 35.10 -4.86 -20.41
CA SER A 95 35.58 -6.24 -20.34
C SER A 95 35.48 -6.78 -18.91
N LEU A 96 34.64 -6.15 -18.10
CA LEU A 96 34.53 -6.47 -16.67
C LEU A 96 34.31 -7.96 -16.39
N LEU A 97 33.45 -8.58 -17.19
CA LEU A 97 33.08 -9.97 -16.95
C LEU A 97 33.84 -10.97 -17.80
N VAL A 98 34.70 -10.46 -18.68
CA VAL A 98 35.57 -11.33 -19.43
C VAL A 98 36.67 -11.79 -18.46
N PRO A 99 36.93 -13.11 -18.41
CA PRO A 99 37.98 -13.76 -17.61
C PRO A 99 39.35 -13.12 -17.80
N ARG A 100 40.13 -13.05 -16.73
CA ARG A 100 41.49 -12.51 -16.80
C ARG A 100 42.35 -13.22 -17.84
N GLU A 101 42.10 -14.51 -18.06
CA GLU A 101 42.92 -15.30 -18.99
C GLU A 101 42.69 -14.89 -20.44
N TYR A 102 41.63 -14.15 -20.70
CA TYR A 102 41.39 -13.63 -22.03
C TYR A 102 41.62 -12.14 -22.11
N GLY A 103 42.19 -11.54 -21.08
CA GLY A 103 42.44 -10.11 -21.13
C GLY A 103 41.45 -9.23 -20.38
N GLY A 104 40.41 -9.84 -19.79
CA GLY A 104 39.41 -9.08 -19.06
C GLY A 104 39.74 -8.85 -17.60
N TRP A 105 38.78 -8.33 -16.83
CA TRP A 105 38.98 -8.07 -15.40
C TRP A 105 38.72 -9.31 -14.55
N GLY A 106 37.97 -10.26 -15.10
CA GLY A 106 37.61 -11.45 -14.35
C GLY A 106 36.83 -11.22 -13.08
N ALA A 107 35.96 -10.22 -13.08
CA ALA A 107 35.15 -9.91 -11.90
C ALA A 107 34.05 -10.93 -11.69
N ASP A 108 33.61 -11.07 -10.44
CA ASP A 108 32.50 -11.95 -10.15
C ASP A 108 31.19 -11.20 -10.36
N TRP A 109 30.09 -11.94 -10.33
CA TRP A 109 28.79 -11.34 -10.59
C TRP A 109 28.43 -10.28 -9.53
N PRO A 110 28.66 -10.54 -8.22
CA PRO A 110 28.34 -9.44 -7.29
C PRO A 110 29.06 -8.11 -7.56
N THR A 111 30.33 -8.15 -7.91
CA THR A 111 31.10 -6.95 -8.23
C THR A 111 30.57 -6.28 -9.50
N ALA A 112 30.26 -7.10 -10.50
CA ALA A 112 29.76 -6.56 -11.76
C ALA A 112 28.45 -5.82 -11.54
N ILE A 113 27.59 -6.39 -10.71
CA ILE A 113 26.30 -5.80 -10.39
C ILE A 113 26.48 -4.50 -9.57
N GLU A 114 27.46 -4.46 -8.68
CA GLU A 114 27.78 -3.21 -7.98
C GLU A 114 28.16 -2.10 -8.97
N VAL A 115 28.90 -2.46 -10.02
CA VAL A 115 29.30 -1.51 -11.05
C VAL A 115 28.08 -0.97 -11.79
N VAL A 116 27.19 -1.88 -12.16
CA VAL A 116 25.94 -1.52 -12.82
C VAL A 116 25.14 -0.51 -12.00
N ARG A 117 25.02 -0.78 -10.71
CA ARG A 117 24.25 0.10 -9.81
C ARG A 117 24.84 1.52 -9.76
N GLU A 118 26.17 1.61 -9.69
CA GLU A 118 26.82 2.94 -9.65
C GLU A 118 26.45 3.75 -10.87
N ILE A 119 26.57 3.11 -12.01
CA ILE A 119 26.32 3.78 -13.29
C ILE A 119 24.84 4.14 -13.36
N ALA A 120 23.97 3.20 -12.98
CA ALA A 120 22.53 3.42 -13.04
C ALA A 120 22.10 4.55 -12.11
N ALA A 121 22.78 4.67 -10.97
CA ALA A 121 22.49 5.74 -10.04
C ALA A 121 22.84 7.10 -10.64
N ALA A 122 23.90 7.12 -11.46
CA ALA A 122 24.31 8.36 -12.10
C ALA A 122 23.39 8.69 -13.29
N ASP A 123 23.04 7.67 -14.06
CA ASP A 123 22.23 7.81 -15.27
C ASP A 123 21.50 6.49 -15.64
N GLY A 124 20.17 6.48 -15.58
CA GLY A 124 19.45 5.25 -15.86
C GLY A 124 19.74 4.63 -17.23
N SER A 125 19.93 5.48 -18.24
CA SER A 125 20.19 5.01 -19.59
C SER A 125 21.56 4.35 -19.70
N LEU A 126 22.57 4.98 -19.11
CA LEU A 126 23.91 4.40 -19.12
C LEU A 126 23.95 3.12 -18.30
N GLY A 127 23.24 3.08 -17.19
CA GLY A 127 23.10 1.86 -16.41
C GLY A 127 22.50 0.72 -17.25
N HIS A 128 21.43 1.04 -17.96
CA HIS A 128 20.80 0.09 -18.87
C HIS A 128 21.71 -0.39 -20.00
N LEU A 129 22.37 0.56 -20.66
CA LEU A 129 23.28 0.26 -21.77
C LEU A 129 24.38 -0.68 -21.30
N PHE A 130 25.03 -0.29 -20.21
CA PHE A 130 26.15 -1.06 -19.69
C PHE A 130 25.71 -2.41 -19.15
N GLY A 131 24.59 -2.44 -18.42
CA GLY A 131 24.05 -3.68 -17.90
C GLY A 131 23.66 -4.67 -18.98
N TYR A 132 23.08 -4.20 -20.08
CA TYR A 132 22.59 -5.09 -21.10
C TYR A 132 23.81 -5.59 -21.89
N HIS A 133 24.78 -4.71 -22.05
CA HIS A 133 26.06 -5.12 -22.63
C HIS A 133 26.64 -6.33 -21.90
N LEU A 134 26.59 -6.31 -20.57
CA LEU A 134 27.16 -7.41 -19.79
C LEU A 134 26.44 -8.72 -19.97
N THR A 135 25.17 -8.65 -20.35
CA THR A 135 24.42 -9.88 -20.48
C THR A 135 24.68 -10.57 -21.79
N ASN A 136 25.16 -9.83 -22.78
CA ASN A 136 25.29 -10.34 -24.13
C ASN A 136 26.45 -11.29 -24.21
N ALA A 137 27.60 -10.82 -23.76
CA ALA A 137 28.82 -11.62 -23.80
C ALA A 137 28.61 -13.07 -23.30
N PRO A 138 28.08 -13.28 -22.08
CA PRO A 138 27.91 -14.66 -21.57
C PRO A 138 27.19 -15.62 -22.52
N MET A 139 26.34 -15.10 -23.41
CA MET A 139 25.72 -15.92 -24.46
C MET A 139 26.77 -16.68 -25.25
N ILE A 140 27.97 -16.16 -25.33
CA ILE A 140 29.02 -16.87 -26.01
C ILE A 140 29.32 -18.14 -25.22
N GLU A 141 29.52 -17.98 -23.92
CA GLU A 141 29.85 -19.08 -23.03
C GLU A 141 28.73 -20.11 -22.94
N LEU A 142 27.50 -19.61 -22.79
CA LEU A 142 26.37 -20.46 -22.45
C LEU A 142 25.89 -21.34 -23.59
N ILE A 143 26.14 -20.93 -24.84
CA ILE A 143 25.77 -21.75 -25.99
C ILE A 143 26.82 -21.84 -27.09
N GLY A 144 27.92 -21.13 -26.95
CA GLY A 144 28.95 -21.22 -27.97
C GLY A 144 29.87 -22.41 -27.73
N SER A 145 30.82 -22.59 -28.62
CA SER A 145 31.80 -23.66 -28.48
C SER A 145 32.98 -23.10 -27.68
N GLN A 146 33.85 -23.98 -27.20
CA GLN A 146 35.02 -23.54 -26.46
C GLN A 146 35.91 -22.61 -27.27
N GLU A 147 35.97 -22.83 -28.58
CA GLU A 147 36.77 -21.98 -29.44
C GLU A 147 36.18 -20.60 -29.66
N GLN A 148 34.88 -20.56 -29.97
CA GLN A 148 34.17 -19.30 -30.10
C GLN A 148 34.30 -18.52 -28.80
N GLU A 149 34.22 -19.24 -27.68
CA GLU A 149 34.38 -18.63 -26.36
C GLU A 149 35.73 -17.93 -26.19
N GLU A 150 36.83 -18.67 -26.41
CA GLU A 150 38.18 -18.10 -26.30
C GLU A 150 38.41 -16.97 -27.30
N HIS A 151 38.01 -17.15 -28.55
CA HIS A 151 38.22 -16.13 -29.56
C HIS A 151 37.42 -14.83 -29.29
N LEU A 152 36.12 -14.96 -29.03
CA LEU A 152 35.28 -13.77 -28.85
C LEU A 152 35.55 -13.04 -27.55
N TYR A 153 35.72 -13.78 -26.45
CA TYR A 153 36.07 -13.16 -25.17
C TYR A 153 37.36 -12.35 -25.29
N THR A 154 38.35 -12.94 -25.94
CA THR A 154 39.63 -12.28 -26.19
C THR A 154 39.45 -11.04 -27.06
N GLN A 155 38.61 -11.13 -28.09
CA GLN A 155 38.47 -10.00 -28.98
C GLN A 155 37.73 -8.86 -28.27
N ILE A 156 36.73 -9.22 -27.48
CA ILE A 156 35.97 -8.22 -26.75
C ILE A 156 36.88 -7.47 -25.78
N ALA A 157 37.65 -8.21 -24.98
CA ALA A 157 38.55 -7.59 -24.04
C ALA A 157 39.66 -6.78 -24.69
N GLN A 158 40.31 -7.34 -25.71
CA GLN A 158 41.43 -6.63 -26.33
C GLN A 158 41.01 -5.36 -27.09
N ASN A 159 39.85 -5.38 -27.75
CA ASN A 159 39.40 -4.24 -28.55
C ASN A 159 38.46 -3.33 -27.77
N ASN A 160 38.12 -3.72 -26.54
CA ASN A 160 37.17 -2.96 -25.72
C ASN A 160 35.88 -2.71 -26.44
N TRP A 161 35.25 -3.81 -26.88
CA TRP A 161 34.03 -3.76 -27.69
C TRP A 161 32.78 -3.48 -26.89
N TRP A 162 31.95 -2.56 -27.40
CA TRP A 162 30.54 -2.52 -27.00
C TRP A 162 29.78 -3.69 -27.64
N THR A 163 29.01 -4.42 -26.85
CA THR A 163 28.12 -5.42 -27.43
C THR A 163 26.68 -4.91 -27.47
N GLY A 164 25.97 -5.24 -28.53
CA GLY A 164 24.60 -4.82 -28.66
C GLY A 164 23.75 -6.03 -28.96
N ASN A 165 22.47 -5.77 -29.11
CA ASN A 165 21.46 -6.79 -29.05
C ASN A 165 20.33 -6.54 -30.04
N ALA A 166 20.07 -7.50 -30.90
CA ALA A 166 18.90 -7.45 -31.77
C ALA A 166 18.34 -8.86 -31.75
N SER A 167 17.83 -9.25 -30.59
CA SER A 167 17.65 -10.65 -30.26
C SER A 167 16.22 -11.14 -30.24
N SER A 168 15.70 -11.41 -29.05
CA SER A 168 14.42 -12.10 -28.95
C SER A 168 13.21 -11.21 -29.20
N GLU A 169 12.20 -11.78 -29.83
CA GLU A 169 10.90 -11.13 -29.91
C GLU A 169 9.97 -11.81 -28.90
N ASN A 170 10.08 -11.35 -27.64
CA ASN A 170 9.49 -12.03 -26.48
C ASN A 170 7.97 -12.20 -26.55
N ASN A 171 7.34 -11.47 -27.45
CA ASN A 171 5.90 -11.49 -27.46
C ASN A 171 5.40 -11.92 -28.84
N SER A 172 6.13 -12.84 -29.46
CA SER A 172 5.74 -13.42 -30.75
C SER A 172 6.16 -14.88 -30.84
N HIS A 173 5.33 -15.73 -31.44
CA HIS A 173 5.78 -17.09 -31.75
C HIS A 173 6.73 -17.00 -32.93
N VAL A 174 7.76 -17.86 -32.90
CA VAL A 174 8.93 -17.75 -33.78
C VAL A 174 8.68 -17.52 -35.27
N LEU A 175 7.66 -18.13 -35.85
CA LEU A 175 7.39 -17.93 -37.27
C LEU A 175 6.78 -16.55 -37.55
N ASP A 176 6.46 -15.82 -36.49
CA ASP A 176 5.98 -14.45 -36.59
C ASP A 176 7.12 -13.46 -36.39
N TRP A 177 8.31 -13.96 -36.08
CA TRP A 177 9.47 -13.09 -35.89
C TRP A 177 9.80 -12.35 -37.18
N LYS A 178 10.27 -11.12 -37.04
CA LYS A 178 10.45 -10.25 -38.17
C LYS A 178 11.76 -10.53 -38.90
N VAL A 179 12.67 -11.22 -38.23
CA VAL A 179 13.95 -11.52 -38.85
C VAL A 179 14.07 -12.98 -39.26
N SER A 180 14.17 -13.20 -40.56
CA SER A 180 14.29 -14.54 -41.09
C SER A 180 15.76 -14.93 -41.20
N ALA A 181 16.06 -16.21 -40.97
CA ALA A 181 17.40 -16.71 -41.19
C ALA A 181 17.35 -17.74 -42.30
N THR A 182 17.89 -17.39 -43.46
CA THR A 182 17.91 -18.30 -44.60
C THR A 182 19.25 -19.02 -44.74
N PRO A 183 19.21 -20.36 -44.66
CA PRO A 183 20.43 -21.19 -44.71
C PRO A 183 21.18 -21.07 -46.04
N THR A 184 22.51 -21.10 -45.96
CA THR A 184 23.35 -21.09 -47.14
C THR A 184 24.16 -22.38 -47.21
N GLU A 185 24.48 -22.80 -48.43
CA GLU A 185 25.31 -23.99 -48.69
C GLU A 185 26.54 -24.13 -47.78
N ASP A 186 27.23 -23.03 -47.53
CA ASP A 186 28.48 -23.07 -46.79
C ASP A 186 28.27 -23.24 -45.28
N GLY A 187 27.00 -23.44 -44.90
CA GLY A 187 26.64 -23.68 -43.52
C GLY A 187 26.27 -22.42 -42.75
N GLY A 188 26.21 -21.30 -43.47
CA GLY A 188 25.87 -20.04 -42.87
C GLY A 188 24.41 -19.69 -43.07
N TYR A 189 24.09 -18.44 -42.79
CA TYR A 189 22.74 -17.96 -42.92
C TYR A 189 22.72 -16.56 -43.51
N VAL A 190 21.58 -16.18 -44.07
CA VAL A 190 21.35 -14.81 -44.45
C VAL A 190 20.18 -14.22 -43.68
N LEU A 191 20.37 -13.03 -43.12
CA LEU A 191 19.34 -12.39 -42.29
C LEU A 191 18.58 -11.34 -43.09
N ASN A 192 17.26 -11.36 -42.98
CA ASN A 192 16.42 -10.34 -43.61
C ASN A 192 15.29 -9.96 -42.69
N GLY A 193 15.03 -8.67 -42.61
CA GLY A 193 13.92 -8.19 -41.83
C GLY A 193 14.35 -7.13 -40.84
N THR A 194 13.42 -6.77 -39.97
CA THR A 194 13.63 -5.70 -39.02
C THR A 194 13.37 -6.11 -37.59
N LYS A 195 14.38 -5.96 -36.73
CA LYS A 195 14.18 -6.13 -35.31
C LYS A 195 13.77 -4.78 -34.74
N HIS A 196 12.53 -4.68 -34.28
CA HIS A 196 11.90 -3.40 -33.95
C HIS A 196 12.27 -2.82 -32.60
N PHE A 197 12.62 -3.71 -31.66
CA PHE A 197 13.11 -3.32 -30.35
C PHE A 197 14.48 -3.94 -30.16
N CYS A 198 15.49 -3.09 -30.17
CA CYS A 198 16.86 -3.53 -29.93
C CYS A 198 17.38 -2.93 -28.65
N SER A 199 18.56 -3.36 -28.26
CA SER A 199 19.19 -2.89 -27.04
C SER A 199 20.68 -2.68 -27.27
N GLY A 200 21.11 -1.43 -27.42
CA GLY A 200 22.52 -1.11 -27.60
C GLY A 200 23.09 -1.44 -28.99
N ALA A 201 22.22 -1.75 -29.94
CA ALA A 201 22.68 -2.08 -31.28
C ALA A 201 23.34 -0.86 -31.95
N LYS A 202 22.70 0.29 -31.85
CA LYS A 202 23.17 1.50 -32.54
C LYS A 202 24.68 1.76 -32.40
N GLY A 203 25.21 1.84 -31.19
CA GLY A 203 26.65 2.05 -31.07
C GLY A 203 27.60 0.85 -30.93
N SER A 204 27.09 -0.36 -31.08
CA SER A 204 27.87 -1.55 -30.76
C SER A 204 28.93 -1.93 -31.81
N ASP A 205 29.91 -2.71 -31.38
CA ASP A 205 30.92 -3.31 -32.24
C ASP A 205 30.53 -4.73 -32.59
N LEU A 206 29.94 -5.39 -31.60
CA LEU A 206 29.54 -6.79 -31.73
C LEU A 206 28.05 -6.92 -31.47
N LEU A 207 27.33 -7.52 -32.42
CA LEU A 207 25.87 -7.55 -32.30
C LEU A 207 25.36 -8.97 -32.16
N PHE A 208 24.59 -9.21 -31.13
CA PHE A 208 23.99 -10.52 -30.94
C PHE A 208 22.59 -10.51 -31.54
N VAL A 209 22.41 -11.31 -32.59
CA VAL A 209 21.19 -11.32 -33.36
C VAL A 209 20.54 -12.69 -33.32
N PHE A 210 19.20 -12.71 -33.35
CA PHE A 210 18.42 -13.94 -33.49
C PHE A 210 17.63 -13.90 -34.79
N GLY A 211 17.63 -14.99 -35.53
CA GLY A 211 16.81 -15.11 -36.72
C GLY A 211 16.09 -16.43 -36.71
N VAL A 212 14.98 -16.54 -37.42
CA VAL A 212 14.27 -17.82 -37.47
C VAL A 212 14.33 -18.43 -38.87
N VAL A 213 14.66 -19.71 -38.93
CA VAL A 213 14.60 -20.41 -40.20
C VAL A 213 13.13 -20.55 -40.56
N GLN A 214 12.72 -19.80 -41.58
CA GLN A 214 11.33 -19.77 -42.03
C GLN A 214 11.32 -20.22 -43.47
N ASP A 215 12.15 -21.22 -43.71
CA ASP A 215 12.57 -21.64 -45.03
C ASP A 215 11.78 -22.84 -45.56
N ASP A 216 10.91 -23.43 -44.74
CA ASP A 216 10.40 -24.78 -45.01
C ASP A 216 11.60 -25.68 -45.26
N SER A 217 12.63 -25.43 -44.48
CA SER A 217 13.83 -26.26 -44.45
C SER A 217 13.53 -27.40 -43.49
N PRO A 218 14.43 -28.41 -43.36
CA PRO A 218 14.16 -29.35 -42.27
C PRO A 218 14.40 -28.68 -40.93
N GLN A 219 15.22 -27.64 -40.96
CA GLN A 219 15.55 -26.86 -39.77
C GLN A 219 14.47 -25.84 -39.43
N GLN A 220 13.40 -25.77 -40.22
CA GLN A 220 12.40 -24.72 -40.05
C GLN A 220 11.84 -24.54 -38.63
N GLY A 221 11.70 -23.27 -38.26
CA GLY A 221 11.18 -22.89 -36.95
C GLY A 221 12.29 -22.73 -35.95
N ALA A 222 13.50 -23.08 -36.37
CA ALA A 222 14.65 -22.99 -35.48
C ALA A 222 15.10 -21.55 -35.27
N ILE A 223 15.36 -21.20 -34.02
CA ILE A 223 15.98 -19.93 -33.69
C ILE A 223 17.48 -20.05 -33.85
N ILE A 224 18.05 -19.17 -34.67
CA ILE A 224 19.49 -19.10 -34.86
C ILE A 224 20.03 -17.94 -34.07
N ALA A 225 21.00 -18.23 -33.21
CA ALA A 225 21.67 -17.21 -32.44
C ALA A 225 23.04 -16.95 -33.08
N ALA A 226 23.41 -15.68 -33.20
CA ALA A 226 24.67 -15.34 -33.86
C ALA A 226 25.31 -14.08 -33.27
N ALA A 227 26.62 -14.00 -33.44
CA ALA A 227 27.41 -12.84 -33.06
C ALA A 227 28.15 -12.35 -34.30
N ILE A 228 27.77 -11.16 -34.79
CA ILE A 228 28.35 -10.60 -36.02
C ILE A 228 28.81 -9.14 -35.77
N PRO A 229 29.74 -8.64 -36.59
CA PRO A 229 30.09 -7.22 -36.39
C PRO A 229 28.90 -6.34 -36.79
N THR A 230 28.59 -5.33 -35.99
CA THR A 230 27.47 -4.40 -36.23
C THR A 230 27.68 -3.72 -37.56
N SER A 231 28.95 -3.57 -37.91
CA SER A 231 29.37 -2.95 -39.16
C SER A 231 29.33 -3.88 -40.38
N ARG A 232 28.78 -5.09 -40.26
CA ARG A 232 28.65 -5.90 -41.46
C ARG A 232 27.67 -5.20 -42.40
N ALA A 233 27.97 -5.22 -43.69
CA ALA A 233 27.12 -4.63 -44.72
C ALA A 233 25.69 -5.14 -44.64
N GLY A 234 24.71 -4.26 -44.80
CA GLY A 234 23.32 -4.68 -44.79
C GLY A 234 22.67 -4.57 -43.42
N VAL A 235 23.49 -4.28 -42.41
CA VAL A 235 23.00 -4.08 -41.06
C VAL A 235 22.80 -2.58 -40.82
N THR A 236 21.58 -2.17 -40.52
CA THR A 236 21.35 -0.76 -40.25
C THR A 236 20.58 -0.51 -38.94
N PRO A 237 21.31 -0.22 -37.86
CA PRO A 237 20.67 0.20 -36.61
C PRO A 237 20.18 1.64 -36.75
N ASN A 238 18.87 1.84 -36.72
CA ASN A 238 18.30 3.16 -36.97
C ASN A 238 18.35 4.05 -35.76
N ASP A 239 18.40 5.36 -36.00
CA ASP A 239 18.40 6.34 -34.93
C ASP A 239 16.95 6.66 -34.61
N ASP A 240 16.29 5.65 -34.05
CA ASP A 240 14.85 5.44 -34.15
C ASP A 240 14.09 5.55 -32.81
N TRP A 241 14.85 5.46 -31.72
CA TRP A 241 14.29 5.24 -30.39
C TRP A 241 13.72 6.51 -29.78
N ALA A 242 12.45 6.45 -29.37
CA ALA A 242 11.82 7.55 -28.68
C ALA A 242 10.95 6.97 -27.59
N ALA A 243 11.08 7.52 -26.40
CA ALA A 243 10.32 7.09 -25.24
C ALA A 243 10.37 8.21 -24.21
N ILE A 244 9.44 8.20 -23.27
CA ILE A 244 9.39 9.21 -22.24
C ILE A 244 10.59 9.09 -21.32
N GLY A 245 11.13 7.87 -21.19
CA GLY A 245 12.30 7.62 -20.36
C GLY A 245 13.29 6.68 -21.02
N MET A 246 14.40 6.40 -20.33
CA MET A 246 15.49 5.62 -20.91
C MET A 246 15.83 6.20 -22.27
N ARG A 247 15.86 7.52 -22.33
CA ARG A 247 15.88 8.25 -23.59
C ARG A 247 17.21 8.15 -24.36
N GLN A 248 18.28 7.69 -23.71
CA GLN A 248 19.56 7.56 -24.38
C GLN A 248 20.04 6.11 -24.47
N THR A 249 19.13 5.16 -24.50
CA THR A 249 19.56 3.75 -24.54
C THR A 249 19.66 3.19 -25.95
N ASP A 250 19.37 4.01 -26.96
CA ASP A 250 19.43 3.57 -28.35
C ASP A 250 18.71 2.24 -28.56
N SER A 251 17.42 2.23 -28.22
CA SER A 251 16.63 1.01 -28.20
C SER A 251 15.72 0.93 -29.41
N GLY A 252 16.19 1.45 -30.53
CA GLY A 252 15.39 1.49 -31.75
C GLY A 252 15.37 0.21 -32.57
N SER A 253 15.02 0.37 -33.84
CA SER A 253 14.93 -0.75 -34.76
C SER A 253 16.26 -0.96 -35.49
N THR A 254 16.49 -2.19 -35.94
CA THR A 254 17.64 -2.47 -36.75
C THR A 254 17.16 -3.24 -37.96
N ASP A 255 17.49 -2.74 -39.15
CA ASP A 255 17.10 -3.43 -40.37
C ASP A 255 18.21 -4.36 -40.86
N PHE A 256 17.81 -5.54 -41.33
CA PHE A 256 18.73 -6.49 -41.91
C PHE A 256 18.40 -6.77 -43.37
N HIS A 257 19.39 -6.55 -44.22
CA HIS A 257 19.18 -6.68 -45.64
C HIS A 257 20.21 -7.63 -46.23
N ASN A 258 19.80 -8.87 -46.46
CA ASN A 258 20.71 -9.93 -46.87
C ASN A 258 22.00 -9.96 -46.08
N VAL A 259 21.87 -9.99 -44.76
CA VAL A 259 23.05 -9.97 -43.94
C VAL A 259 23.55 -11.38 -43.73
N LYS A 260 24.81 -11.58 -44.09
CA LYS A 260 25.43 -12.88 -44.04
C LYS A 260 25.97 -13.16 -42.66
N VAL A 261 25.62 -14.34 -42.17
CA VAL A 261 26.20 -14.90 -40.98
C VAL A 261 27.04 -16.13 -41.34
N GLU A 262 28.34 -16.10 -41.06
CA GLU A 262 29.20 -17.27 -41.28
C GLU A 262 28.99 -18.34 -40.22
N PRO A 263 29.31 -19.60 -40.55
CA PRO A 263 29.10 -20.72 -39.61
C PRO A 263 29.81 -20.49 -38.29
N ASP A 264 31.05 -20.03 -38.33
CA ASP A 264 31.77 -19.78 -37.09
C ASP A 264 31.22 -18.57 -36.32
N GLU A 265 30.25 -17.88 -36.90
CA GLU A 265 29.60 -16.80 -36.18
C GLU A 265 28.28 -17.31 -35.57
N VAL A 266 27.88 -18.52 -35.93
CA VAL A 266 26.66 -19.08 -35.34
C VAL A 266 26.96 -19.63 -33.98
N LEU A 267 26.14 -19.25 -33.00
CA LEU A 267 26.34 -19.68 -31.63
C LEU A 267 25.53 -20.96 -31.31
N GLY A 268 26.23 -22.09 -31.26
CA GLY A 268 25.57 -23.36 -30.97
C GLY A 268 24.77 -23.92 -32.14
N ALA A 269 24.08 -25.02 -31.90
CA ALA A 269 23.28 -25.65 -32.94
C ALA A 269 22.08 -24.76 -33.26
N PRO A 270 21.38 -25.03 -34.38
CA PRO A 270 20.08 -24.38 -34.58
C PRO A 270 19.18 -24.67 -33.39
N ASN A 271 18.47 -23.66 -32.90
CA ASN A 271 17.56 -23.79 -31.76
C ASN A 271 18.31 -24.05 -30.45
N ALA A 272 19.62 -23.75 -30.42
CA ALA A 272 20.44 -24.01 -29.24
C ALA A 272 19.83 -23.43 -27.98
N PHE A 273 19.32 -22.21 -28.08
CA PHE A 273 18.68 -21.60 -26.92
C PHE A 273 17.46 -22.37 -26.46
N VAL A 274 16.59 -22.73 -27.40
CA VAL A 274 15.37 -23.42 -27.05
C VAL A 274 15.66 -24.78 -26.44
N LEU A 275 16.68 -25.47 -26.95
CA LEU A 275 17.03 -26.78 -26.42
C LEU A 275 17.61 -26.63 -25.02
N ALA A 276 18.56 -25.72 -24.85
CA ALA A 276 19.15 -25.50 -23.54
C ALA A 276 18.08 -25.09 -22.53
N PHE A 277 17.07 -24.32 -22.96
CA PHE A 277 15.97 -23.92 -22.08
C PHE A 277 15.11 -25.10 -21.64
N ILE A 278 14.62 -25.88 -22.61
CA ILE A 278 13.79 -27.05 -22.34
C ILE A 278 14.47 -27.99 -21.36
N GLN A 279 15.79 -28.11 -21.49
CA GLN A 279 16.58 -29.00 -20.66
C GLN A 279 17.03 -28.36 -19.36
N SER A 280 16.84 -27.04 -19.25
CA SER A 280 17.39 -26.23 -18.15
C SER A 280 18.88 -26.50 -17.99
N GLU A 281 19.57 -26.52 -19.12
CA GLU A 281 21.02 -26.65 -19.14
C GLU A 281 21.62 -25.25 -18.96
N ARG A 282 22.92 -25.11 -19.15
CA ARG A 282 23.58 -23.87 -18.76
C ARG A 282 23.14 -22.64 -19.54
N GLY A 283 22.82 -22.85 -20.82
CA GLY A 283 22.35 -21.77 -21.67
C GLY A 283 21.17 -21.06 -21.06
N SER A 284 20.41 -21.77 -20.24
CA SER A 284 19.22 -21.23 -19.59
C SER A 284 19.50 -20.21 -18.47
N LEU A 285 20.75 -19.84 -18.27
CA LEU A 285 21.06 -18.83 -17.26
C LEU A 285 20.86 -17.41 -17.77
N PHE A 286 20.57 -17.26 -19.06
CA PHE A 286 20.40 -15.94 -19.64
C PHE A 286 19.39 -15.10 -18.87
N ALA A 287 18.18 -15.62 -18.72
CA ALA A 287 17.14 -14.85 -18.05
C ALA A 287 17.53 -14.43 -16.65
N PRO A 288 17.94 -15.37 -15.77
CA PRO A 288 18.30 -14.88 -14.43
C PRO A 288 19.37 -13.81 -14.46
N ILE A 289 20.33 -13.92 -15.38
CA ILE A 289 21.40 -12.93 -15.46
C ILE A 289 20.83 -11.58 -15.85
N ALA A 290 20.08 -11.58 -16.95
CA ALA A 290 19.50 -10.36 -17.50
C ALA A 290 18.50 -9.71 -16.53
N GLN A 291 17.64 -10.53 -15.92
CA GLN A 291 16.62 -9.99 -15.02
C GLN A 291 17.26 -9.42 -13.74
N LEU A 292 18.31 -10.06 -13.26
CA LEU A 292 19.00 -9.54 -12.08
C LEU A 292 19.69 -8.21 -12.38
N ILE A 293 20.27 -8.10 -13.58
CA ILE A 293 20.86 -6.82 -14.00
C ILE A 293 19.78 -5.72 -14.04
N PHE A 294 18.66 -5.99 -14.71
CA PHE A 294 17.56 -5.04 -14.80
C PHE A 294 17.16 -4.56 -13.41
N ALA A 295 17.00 -5.51 -12.50
CA ALA A 295 16.54 -5.20 -11.15
C ALA A 295 17.47 -4.21 -10.49
N ASN A 296 18.77 -4.42 -10.69
CA ASN A 296 19.74 -3.54 -10.09
C ASN A 296 19.89 -2.18 -10.77
N VAL A 297 19.58 -2.11 -12.06
CA VAL A 297 19.45 -0.79 -12.70
C VAL A 297 18.36 0.02 -11.99
N TYR A 298 17.22 -0.61 -11.71
CA TYR A 298 16.11 0.10 -11.06
C TYR A 298 16.50 0.56 -9.65
N LEU A 299 17.15 -0.33 -8.93
CA LEU A 299 17.61 0.02 -7.60
C LEU A 299 18.60 1.18 -7.67
N GLY A 300 19.49 1.16 -8.66
CA GLY A 300 20.43 2.24 -8.86
C GLY A 300 19.71 3.54 -9.14
N ILE A 301 18.71 3.51 -10.02
CA ILE A 301 17.91 4.69 -10.29
C ILE A 301 17.19 5.17 -9.03
N ALA A 302 16.71 4.24 -8.22
CA ALA A 302 16.00 4.59 -6.96
C ALA A 302 16.93 5.33 -6.01
N HIS A 303 18.16 4.83 -5.89
CA HIS A 303 19.17 5.52 -5.10
C HIS A 303 19.45 6.91 -5.65
N GLY A 304 19.53 7.01 -6.98
CA GLY A 304 19.72 8.30 -7.63
C GLY A 304 18.66 9.32 -7.25
N ALA A 305 17.37 8.92 -7.30
CA ALA A 305 16.28 9.80 -6.89
C ALA A 305 16.41 10.14 -5.42
N LEU A 306 16.68 9.13 -4.61
CA LEU A 306 16.72 9.37 -3.18
C LEU A 306 17.83 10.36 -2.82
N ASP A 307 18.99 10.24 -3.45
CA ASP A 307 20.08 11.17 -3.13
C ASP A 307 19.80 12.59 -3.61
N ALA A 308 19.27 12.72 -4.83
CA ALA A 308 18.90 14.00 -5.40
C ALA A 308 17.90 14.73 -4.49
N ALA A 309 16.90 13.98 -4.01
CA ALA A 309 15.86 14.53 -3.14
C ALA A 309 16.43 15.03 -1.83
N ARG A 310 17.27 14.20 -1.22
CA ARG A 310 17.80 14.49 0.09
C ARG A 310 18.57 15.80 0.08
N GLU A 311 19.39 15.96 -0.95
CA GLU A 311 20.28 17.09 -1.02
C GLU A 311 19.45 18.35 -1.24
N TYR A 312 18.39 18.23 -2.01
CA TYR A 312 17.46 19.34 -2.24
C TYR A 312 16.70 19.70 -0.95
N THR A 313 16.19 18.69 -0.24
CA THR A 313 15.47 18.85 1.02
C THR A 313 16.35 19.52 2.07
N ARG A 314 17.63 19.11 2.13
CA ARG A 314 18.57 19.67 3.10
C ARG A 314 18.85 21.16 2.88
N THR A 315 18.78 21.61 1.64
CA THR A 315 19.29 22.94 1.29
C THR A 315 18.26 23.92 0.75
N GLN A 316 17.30 23.42 0.00
CA GLN A 316 16.38 24.29 -0.72
C GLN A 316 14.90 24.15 -0.36
N ALA A 317 14.50 23.03 0.23
CA ALA A 317 13.09 22.85 0.58
C ALA A 317 12.70 23.87 1.64
N ARG A 318 11.47 24.36 1.54
CA ARG A 318 10.92 25.34 2.49
C ARG A 318 10.09 24.62 3.55
N PRO A 319 10.23 24.99 4.84
CA PRO A 319 9.31 24.37 5.80
C PRO A 319 7.90 24.86 5.58
N TRP A 320 6.90 24.06 5.93
CA TRP A 320 5.49 24.46 5.81
C TRP A 320 5.08 25.27 7.04
N THR A 321 5.22 26.60 6.96
CA THR A 321 4.98 27.50 8.10
C THR A 321 3.54 27.56 8.63
N PRO A 322 2.51 27.36 7.78
CA PRO A 322 1.16 27.28 8.40
C PRO A 322 1.02 26.13 9.38
N ALA A 323 1.88 25.13 9.28
CA ALA A 323 1.84 24.04 10.25
C ALA A 323 2.79 24.35 11.37
N GLY A 324 3.41 25.53 11.30
CA GLY A 324 4.33 25.97 12.33
C GLY A 324 5.73 25.35 12.28
N ILE A 325 6.08 24.73 11.16
CA ILE A 325 7.39 24.07 11.03
C ILE A 325 8.45 25.15 10.74
N GLN A 326 9.56 25.11 11.48
CA GLN A 326 10.60 26.13 11.35
C GLN A 326 11.72 25.65 10.44
N GLN A 327 12.00 24.34 10.49
CA GLN A 327 13.07 23.74 9.70
C GLN A 327 12.57 22.53 8.92
N ALA A 328 12.77 22.56 7.61
CA ALA A 328 12.31 21.50 6.72
C ALA A 328 12.88 20.12 7.04
N THR A 329 14.13 20.06 7.50
CA THR A 329 14.75 18.78 7.80
C THR A 329 14.28 18.25 9.16
N GLU A 330 13.40 18.99 9.83
CA GLU A 330 12.87 18.52 11.11
C GLU A 330 11.37 18.26 11.04
N ASP A 331 10.79 18.42 9.86
CA ASP A 331 9.39 18.10 9.70
C ASP A 331 9.17 16.60 9.93
N PRO A 332 8.23 16.24 10.80
CA PRO A 332 8.09 14.82 11.17
C PRO A 332 7.65 13.93 10.02
N TYR A 333 6.85 14.48 9.11
CA TYR A 333 6.35 13.70 7.97
C TYR A 333 7.39 13.58 6.84
N THR A 334 8.18 14.64 6.66
CA THR A 334 9.30 14.59 5.74
C THR A 334 10.28 13.48 6.18
N ILE A 335 10.58 13.46 7.47
CA ILE A 335 11.48 12.48 8.08
C ILE A 335 10.99 11.03 7.92
N ARG A 336 9.71 10.83 8.22
CA ARG A 336 9.05 9.54 8.03
C ARG A 336 9.17 9.06 6.57
N SER A 337 8.88 9.96 5.63
CA SER A 337 8.95 9.60 4.22
C SER A 337 10.35 9.15 3.80
N TYR A 338 11.39 9.86 4.23
CA TYR A 338 12.77 9.45 3.93
C TYR A 338 13.11 8.11 4.56
N GLY A 339 12.61 7.87 5.76
CA GLY A 339 12.70 6.56 6.37
C GLY A 339 12.13 5.43 5.53
N GLU A 340 10.89 5.61 5.07
CA GLU A 340 10.18 4.59 4.29
C GLU A 340 10.89 4.32 2.97
N PHE A 341 11.42 5.39 2.37
CA PHE A 341 12.19 5.26 1.13
C PHE A 341 13.40 4.41 1.40
N THR A 342 14.12 4.74 2.47
CA THR A 342 15.37 4.05 2.80
C THR A 342 15.13 2.55 3.11
N ILE A 343 14.08 2.29 3.88
CA ILE A 343 13.73 0.95 4.31
C ILE A 343 13.32 0.04 3.13
N ALA A 344 12.49 0.57 2.23
CA ALA A 344 12.05 -0.18 1.05
C ALA A 344 13.27 -0.62 0.25
N LEU A 345 14.21 0.30 0.18
CA LEU A 345 15.46 0.11 -0.54
C LEU A 345 16.38 -0.84 0.22
N GLN A 346 16.38 -0.75 1.54
CA GLN A 346 17.16 -1.64 2.41
C GLN A 346 16.79 -3.11 2.16
N GLY A 347 15.49 -3.41 2.07
CA GLY A 347 15.06 -4.77 1.87
C GLY A 347 15.40 -5.28 0.47
N ALA A 348 15.16 -4.42 -0.52
CA ALA A 348 15.31 -4.76 -1.93
C ALA A 348 16.76 -4.95 -2.32
N ASP A 349 17.62 -4.07 -1.81
CA ASP A 349 19.07 -4.16 -2.07
C ASP A 349 19.66 -5.43 -1.46
N ALA A 350 19.29 -5.74 -0.22
CA ALA A 350 19.85 -6.92 0.44
C ALA A 350 19.44 -8.21 -0.28
N ALA A 351 18.20 -8.25 -0.77
CA ALA A 351 17.70 -9.38 -1.55
C ALA A 351 18.48 -9.53 -2.87
N ALA A 352 18.73 -8.39 -3.52
CA ALA A 352 19.48 -8.34 -4.77
C ALA A 352 20.88 -8.90 -4.55
N ARG A 353 21.53 -8.44 -3.49
CA ARG A 353 22.86 -8.90 -3.17
C ARG A 353 22.91 -10.39 -2.89
N GLU A 354 21.96 -10.90 -2.10
CA GLU A 354 21.85 -12.33 -1.89
C GLU A 354 21.67 -13.06 -3.23
N ALA A 355 20.85 -12.51 -4.13
CA ALA A 355 20.62 -13.16 -5.42
C ALA A 355 21.90 -13.18 -6.28
N ALA A 356 22.73 -12.16 -6.12
CA ALA A 356 23.99 -12.08 -6.86
C ALA A 356 24.92 -13.21 -6.43
N HIS A 357 25.02 -13.46 -5.13
CA HIS A 357 25.87 -14.55 -4.65
C HIS A 357 25.31 -15.90 -5.09
N LEU A 358 23.99 -16.05 -5.08
CA LEU A 358 23.37 -17.28 -5.60
C LEU A 358 23.63 -17.45 -7.12
N LEU A 359 23.55 -16.38 -7.88
CA LEU A 359 23.92 -16.47 -9.30
C LEU A 359 25.37 -16.94 -9.43
N GLN A 360 26.28 -16.38 -8.61
CA GLN A 360 27.68 -16.82 -8.64
C GLN A 360 27.87 -18.31 -8.36
N THR A 361 27.28 -18.78 -7.26
CA THR A 361 27.33 -20.19 -6.89
C THR A 361 26.86 -21.04 -8.06
N VAL A 362 25.78 -20.63 -8.69
CA VAL A 362 25.24 -21.41 -9.80
C VAL A 362 26.14 -21.32 -11.04
N TRP A 363 26.61 -20.11 -11.34
CA TRP A 363 27.49 -19.90 -12.48
C TRP A 363 28.70 -20.82 -12.37
N ASP A 364 29.27 -20.92 -11.17
CA ASP A 364 30.47 -21.72 -10.92
C ASP A 364 30.30 -23.24 -11.03
N LYS A 365 29.07 -23.72 -11.03
CA LYS A 365 28.83 -25.15 -11.24
C LYS A 365 29.03 -25.56 -12.71
N GLY A 366 29.22 -24.58 -13.60
CA GLY A 366 29.33 -24.86 -15.02
C GLY A 366 28.18 -25.67 -15.56
N ASP A 367 28.47 -26.65 -16.41
CA ASP A 367 27.45 -27.48 -17.03
C ASP A 367 26.83 -28.49 -16.08
N ALA A 368 27.35 -28.59 -14.87
CA ALA A 368 26.81 -29.51 -13.87
C ALA A 368 25.59 -28.94 -13.11
N LEU A 369 25.13 -27.74 -13.47
CA LEU A 369 23.95 -27.17 -12.84
C LEU A 369 22.75 -28.04 -13.17
N THR A 370 21.83 -28.15 -12.22
CA THR A 370 20.63 -28.95 -12.41
C THR A 370 19.50 -27.99 -12.74
N PRO A 371 18.38 -28.51 -13.27
CA PRO A 371 17.21 -27.65 -13.48
C PRO A 371 16.69 -27.07 -12.15
N GLU A 372 17.01 -27.73 -11.04
CA GLU A 372 16.65 -27.20 -9.74
C GLU A 372 17.48 -25.97 -9.42
N ASP A 373 18.79 -26.04 -9.68
CA ASP A 373 19.67 -24.88 -9.44
C ASP A 373 19.16 -23.67 -10.22
N ARG A 374 18.95 -23.86 -11.53
CA ARG A 374 18.49 -22.78 -12.42
C ARG A 374 17.14 -22.29 -11.93
N GLY A 375 16.25 -23.23 -11.64
CA GLY A 375 14.90 -22.94 -11.19
C GLY A 375 14.82 -22.14 -9.91
N GLU A 376 15.53 -22.58 -8.88
CA GLU A 376 15.56 -21.85 -7.61
C GLU A 376 16.14 -20.46 -7.83
N LEU A 377 17.19 -20.38 -8.64
CA LEU A 377 17.85 -19.10 -8.89
C LEU A 377 16.88 -18.12 -9.54
N MET A 378 16.14 -18.60 -10.55
CA MET A 378 15.21 -17.73 -11.28
C MET A 378 14.08 -17.25 -10.38
N VAL A 379 13.62 -18.10 -9.47
CA VAL A 379 12.61 -17.72 -8.50
C VAL A 379 13.15 -16.61 -7.60
N LYS A 380 14.41 -16.73 -7.17
CA LYS A 380 15.04 -15.70 -6.35
C LYS A 380 15.14 -14.38 -7.12
N VAL A 381 15.60 -14.45 -8.36
CA VAL A 381 15.74 -13.25 -9.18
C VAL A 381 14.36 -12.66 -9.50
N SER A 382 13.37 -13.51 -9.75
CA SER A 382 11.98 -13.02 -9.98
C SER A 382 11.52 -12.12 -8.84
N GLY A 383 11.84 -12.51 -7.61
CA GLY A 383 11.49 -11.71 -6.45
C GLY A 383 12.22 -10.39 -6.39
N VAL A 384 13.51 -10.42 -6.73
CA VAL A 384 14.31 -9.20 -6.74
C VAL A 384 13.76 -8.22 -7.78
N LYS A 385 13.40 -8.74 -8.96
CA LYS A 385 12.80 -7.93 -10.02
C LYS A 385 11.52 -7.23 -9.51
N ALA A 386 10.66 -7.96 -8.80
CA ALA A 386 9.44 -7.33 -8.25
C ALA A 386 9.77 -6.30 -7.16
N LEU A 387 10.64 -6.67 -6.22
CA LEU A 387 11.04 -5.74 -5.16
C LEU A 387 11.60 -4.43 -5.72
N ALA A 388 12.48 -4.56 -6.71
CA ALA A 388 13.16 -3.40 -7.30
C ALA A 388 12.21 -2.54 -8.09
N THR A 389 11.34 -3.18 -8.87
CA THR A 389 10.34 -2.46 -9.67
C THR A 389 9.51 -1.56 -8.76
N ASN A 390 8.93 -2.16 -7.73
CA ASN A 390 8.02 -1.47 -6.82
C ASN A 390 8.73 -0.37 -6.01
N ALA A 391 9.90 -0.69 -5.45
CA ALA A 391 10.64 0.29 -4.66
C ALA A 391 11.06 1.49 -5.51
N ALA A 392 11.51 1.22 -6.72
CA ALA A 392 11.98 2.29 -7.61
C ALA A 392 10.83 3.16 -8.07
N LEU A 393 9.68 2.57 -8.40
CA LEU A 393 8.48 3.35 -8.76
C LEU A 393 8.01 4.18 -7.58
N ASN A 394 7.93 3.56 -6.41
CA ASN A 394 7.38 4.27 -5.23
C ASN A 394 8.29 5.42 -4.82
N ILE A 395 9.60 5.18 -4.83
CA ILE A 395 10.56 6.22 -4.47
C ILE A 395 10.72 7.32 -5.53
N SER A 396 10.81 6.92 -6.80
CA SER A 396 10.89 7.87 -7.90
C SER A 396 9.84 8.96 -7.88
N SER A 397 8.60 8.56 -7.57
CA SER A 397 7.47 9.49 -7.47
C SER A 397 7.37 10.15 -6.11
N GLY A 398 7.52 9.34 -5.07
CA GLY A 398 7.24 9.80 -3.71
C GLY A 398 8.18 10.88 -3.29
N VAL A 399 9.37 10.86 -3.89
CA VAL A 399 10.41 11.81 -3.58
C VAL A 399 9.95 13.25 -3.84
N PHE A 400 8.97 13.40 -4.75
CA PHE A 400 8.41 14.73 -5.01
C PHE A 400 7.71 15.29 -3.79
N GLU A 401 7.08 14.43 -3.01
CA GLU A 401 6.32 14.90 -1.85
C GLU A 401 7.18 15.68 -0.87
N VAL A 402 8.42 15.24 -0.68
CA VAL A 402 9.34 15.88 0.24
C VAL A 402 10.21 16.93 -0.43
N ILE A 403 10.13 17.01 -1.75
CA ILE A 403 10.88 18.02 -2.49
C ILE A 403 10.14 19.36 -2.54
N GLY A 404 8.85 19.33 -2.86
CA GLY A 404 8.03 20.54 -2.90
C GLY A 404 7.77 21.07 -4.30
N ALA A 405 6.96 22.12 -4.37
CA ALA A 405 6.48 22.61 -5.66
C ALA A 405 7.62 23.06 -6.58
N ARG A 406 8.59 23.79 -6.04
CA ARG A 406 9.68 24.32 -6.84
C ARG A 406 10.54 23.22 -7.42
N GLY A 407 10.44 22.01 -6.91
CA GLY A 407 11.20 20.90 -7.49
C GLY A 407 10.63 20.40 -8.81
N THR A 408 9.51 20.94 -9.24
CA THR A 408 8.92 20.58 -10.53
C THR A 408 9.49 21.39 -11.70
N HIS A 409 10.43 22.29 -11.42
CA HIS A 409 11.04 23.07 -12.49
C HIS A 409 11.88 22.14 -13.39
N PRO A 410 11.79 22.34 -14.73
CA PRO A 410 12.52 21.48 -15.66
C PRO A 410 14.03 21.54 -15.45
N ARG A 411 14.54 22.61 -14.85
CA ARG A 411 15.96 22.67 -14.69
C ARG A 411 16.49 21.63 -13.71
N TYR A 412 15.64 21.05 -12.87
CA TYR A 412 16.09 20.02 -11.96
C TYR A 412 15.94 18.62 -12.56
N GLY A 413 15.06 18.50 -13.54
CA GLY A 413 14.78 17.23 -14.18
C GLY A 413 14.58 16.09 -13.19
N PHE A 414 13.90 16.40 -12.08
CA PHE A 414 13.72 15.41 -11.03
C PHE A 414 12.80 14.24 -11.45
N ASP A 415 12.00 14.44 -12.50
CA ASP A 415 11.13 13.36 -12.98
C ASP A 415 11.89 12.36 -13.87
N ARG A 416 13.19 12.58 -14.10
CA ARG A 416 13.92 11.68 -15.00
C ARG A 416 14.07 10.30 -14.38
N PHE A 417 14.17 10.24 -13.06
CA PHE A 417 14.33 8.97 -12.38
C PHE A 417 13.08 8.11 -12.59
N TRP A 418 11.92 8.68 -12.27
CA TRP A 418 10.66 7.97 -12.46
C TRP A 418 10.41 7.61 -13.91
N ARG A 419 10.59 8.56 -14.83
CA ARG A 419 10.35 8.23 -16.24
C ARG A 419 11.23 7.09 -16.73
N ASN A 420 12.49 7.04 -16.28
CA ASN A 420 13.40 5.95 -16.67
C ASN A 420 12.91 4.59 -16.19
N VAL A 421 12.58 4.49 -14.91
CA VAL A 421 12.09 3.22 -14.34
C VAL A 421 10.73 2.87 -14.90
N ARG A 422 9.90 3.89 -15.04
CA ARG A 422 8.55 3.66 -15.51
C ARG A 422 8.61 3.06 -16.92
N THR A 423 9.58 3.50 -17.71
CA THR A 423 9.77 2.99 -19.07
C THR A 423 10.27 1.54 -19.08
N HIS A 424 11.43 1.28 -18.48
CA HIS A 424 12.00 -0.06 -18.64
C HIS A 424 11.27 -1.15 -17.84
N SER A 425 10.63 -0.79 -16.74
CA SER A 425 9.89 -1.77 -15.94
C SER A 425 8.82 -2.50 -16.75
N LEU A 426 8.56 -2.01 -17.96
CA LEU A 426 7.58 -2.57 -18.88
C LEU A 426 8.21 -3.53 -19.92
N HIS A 427 9.53 -3.74 -19.87
CA HIS A 427 10.20 -4.73 -20.76
C HIS A 427 9.51 -6.10 -20.65
N ASP A 428 9.30 -6.55 -19.43
CA ASP A 428 8.47 -7.73 -19.24
C ASP A 428 7.60 -7.57 -17.98
N PRO A 429 6.38 -8.14 -18.00
CA PRO A 429 5.39 -7.83 -16.96
C PRO A 429 5.78 -8.35 -15.57
N VAL A 430 5.89 -7.40 -14.64
CA VAL A 430 6.22 -7.76 -13.27
C VAL A 430 5.16 -8.70 -12.66
N SER A 431 3.93 -8.63 -13.15
CA SER A 431 2.86 -9.50 -12.68
C SER A 431 3.21 -10.97 -12.81
N TYR A 432 3.93 -11.33 -13.87
CA TYR A 432 4.33 -12.72 -14.06
C TYR A 432 5.66 -13.07 -13.36
N LYS A 433 6.47 -12.08 -13.01
CA LYS A 433 7.56 -12.32 -12.06
C LYS A 433 6.96 -12.71 -10.70
N ILE A 434 5.99 -11.92 -10.26
CA ILE A 434 5.27 -12.23 -9.04
C ILE A 434 4.57 -13.60 -9.10
N ALA A 435 3.91 -13.91 -10.21
CA ALA A 435 3.24 -15.20 -10.38
C ALA A 435 4.20 -16.38 -10.35
N ASP A 436 5.34 -16.24 -11.00
CA ASP A 436 6.35 -17.29 -11.00
C ASP A 436 6.80 -17.58 -9.57
N VAL A 437 6.97 -16.53 -8.75
CA VAL A 437 7.32 -16.75 -7.35
C VAL A 437 6.21 -17.48 -6.61
N GLY A 438 4.97 -17.02 -6.77
CA GLY A 438 3.85 -17.66 -6.09
C GLY A 438 3.65 -19.10 -6.48
N LYS A 439 3.81 -19.41 -7.76
CA LYS A 439 3.69 -20.79 -8.24
C LYS A 439 4.70 -21.69 -7.52
N HIS A 440 5.90 -21.18 -7.28
CA HIS A 440 6.94 -21.96 -6.61
C HIS A 440 6.66 -22.12 -5.12
N THR A 441 6.32 -21.01 -4.48
CA THR A 441 6.02 -21.06 -3.06
C THR A 441 4.92 -22.08 -2.76
N LEU A 442 3.85 -22.03 -3.56
CA LEU A 442 2.67 -22.86 -3.31
C LEU A 442 2.82 -24.28 -3.85
N ASN A 443 3.27 -24.40 -5.10
CA ASN A 443 3.26 -25.70 -5.77
C ASN A 443 4.62 -26.32 -6.05
N GLY A 444 5.71 -25.61 -5.71
CA GLY A 444 7.05 -26.08 -6.01
C GLY A 444 7.38 -26.09 -7.50
N GLN A 445 6.55 -25.43 -8.30
CA GLN A 445 6.80 -25.36 -9.73
C GLN A 445 7.89 -24.33 -10.04
N TYR A 446 8.74 -24.65 -11.02
CA TYR A 446 9.74 -23.70 -11.49
C TYR A 446 9.24 -22.93 -12.71
N PRO A 447 9.80 -21.74 -12.94
CA PRO A 447 9.40 -20.99 -14.13
C PRO A 447 9.70 -21.76 -15.43
N ILE A 448 8.90 -21.52 -16.46
CA ILE A 448 9.19 -22.08 -17.77
C ILE A 448 10.35 -21.26 -18.32
N PRO A 449 11.48 -21.90 -18.62
CA PRO A 449 12.64 -21.16 -19.14
C PRO A 449 12.39 -20.52 -20.51
N GLY A 450 12.77 -19.27 -20.65
CA GLY A 450 12.63 -18.54 -21.89
C GLY A 450 13.58 -17.37 -21.79
N PHE A 451 13.32 -16.32 -22.55
CA PHE A 451 14.22 -15.16 -22.52
C PHE A 451 14.00 -14.24 -21.31
N THR A 452 12.85 -14.33 -20.65
CA THR A 452 12.61 -13.45 -19.49
C THR A 452 12.26 -14.23 -18.23
N SER A 453 12.25 -15.55 -18.31
CA SER A 453 11.95 -16.35 -17.14
C SER A 453 12.65 -17.70 -17.24
N ASP B 55 25.95 -28.05 16.24
CA ASP B 55 25.08 -27.21 15.40
C ASP B 55 23.77 -26.86 16.12
N PRO B 56 23.70 -25.65 16.69
CA PRO B 56 22.55 -25.26 17.50
C PRO B 56 21.28 -25.15 16.65
N VAL B 57 21.46 -24.85 15.36
CA VAL B 57 20.31 -24.70 14.49
C VAL B 57 19.61 -26.05 14.27
N ALA B 58 20.39 -27.11 14.14
CA ALA B 58 19.82 -28.44 14.03
C ALA B 58 19.03 -28.78 15.30
N VAL B 59 19.53 -28.35 16.46
CA VAL B 59 18.80 -28.51 17.71
C VAL B 59 17.50 -27.73 17.68
N ALA B 60 17.55 -26.48 17.23
CA ALA B 60 16.36 -25.65 17.17
C ALA B 60 15.28 -26.23 16.22
N ARG B 61 15.73 -26.72 15.08
CA ARG B 61 14.81 -27.32 14.11
C ARG B 61 14.14 -28.59 14.67
N GLY B 62 14.89 -29.37 15.45
CA GLY B 62 14.33 -30.52 16.15
C GLY B 62 13.23 -30.15 17.14
N LEU B 63 13.47 -29.09 17.93
CA LEU B 63 12.47 -28.62 18.89
C LEU B 63 11.22 -28.09 18.20
N ALA B 64 11.45 -27.26 17.19
CA ALA B 64 10.39 -26.60 16.43
C ALA B 64 9.41 -27.59 15.78
N GLU B 65 9.94 -28.63 15.14
CA GLU B 65 9.11 -29.65 14.51
C GLU B 65 8.11 -30.24 15.51
N LYS B 66 8.64 -30.60 16.67
CA LYS B 66 7.84 -31.12 17.78
C LYS B 66 6.82 -30.11 18.31
N TRP B 67 7.25 -28.87 18.50
CA TRP B 67 6.37 -27.86 19.10
C TRP B 67 5.23 -27.44 18.16
N ARG B 68 5.41 -27.58 16.85
CA ARG B 68 4.36 -27.18 15.89
C ARG B 68 3.12 -28.01 16.17
N ALA B 69 3.35 -29.27 16.54
CA ALA B 69 2.26 -30.22 16.72
C ALA B 69 1.30 -29.87 17.86
N THR B 70 1.76 -29.11 18.84
CA THR B 70 0.90 -28.78 19.97
C THR B 70 0.71 -27.27 20.06
N ALA B 71 1.15 -26.58 19.02
CA ALA B 71 1.08 -25.12 18.99
C ALA B 71 -0.35 -24.59 19.10
N VAL B 72 -1.29 -25.25 18.43
CA VAL B 72 -2.67 -24.79 18.42
C VAL B 72 -3.26 -24.89 19.84
N GLU B 73 -3.16 -26.04 20.47
CA GLU B 73 -3.70 -26.17 21.83
C GLU B 73 -3.03 -25.27 22.85
N ARG B 74 -1.71 -25.18 22.80
CA ARG B 74 -0.97 -24.41 23.79
C ARG B 74 -1.38 -22.95 23.67
N ASP B 75 -1.58 -22.50 22.43
CA ASP B 75 -2.01 -21.13 22.19
C ASP B 75 -3.41 -20.91 22.79
N ARG B 76 -4.33 -21.86 22.59
CA ARG B 76 -5.69 -21.73 23.12
C ARG B 76 -5.68 -21.81 24.66
N ALA B 77 -4.84 -22.66 25.22
CA ALA B 77 -4.77 -22.83 26.67
C ALA B 77 -4.12 -21.63 27.38
N GLY B 78 -3.17 -20.99 26.72
CA GLY B 78 -2.38 -19.93 27.35
C GLY B 78 -1.57 -20.49 28.52
N GLY B 79 -1.25 -19.62 29.48
CA GLY B 79 -0.43 -20.00 30.62
C GLY B 79 1.03 -20.21 30.23
N SER B 80 1.75 -20.95 31.04
CA SER B 80 3.18 -21.18 30.82
C SER B 80 3.41 -22.46 30.03
N ALA B 81 4.38 -22.43 29.12
CA ALA B 81 4.75 -23.61 28.34
C ALA B 81 5.79 -24.44 29.09
N THR B 82 5.38 -24.99 30.24
CA THR B 82 6.32 -25.62 31.16
C THR B 82 7.09 -26.79 30.53
N ALA B 83 6.39 -27.67 29.83
CA ALA B 83 7.06 -28.79 29.18
C ALA B 83 8.06 -28.30 28.13
N GLU B 84 7.69 -27.27 27.38
CA GLU B 84 8.54 -26.78 26.30
C GLU B 84 9.71 -25.95 26.83
N ARG B 85 9.48 -25.17 27.88
CA ARG B 85 10.59 -24.49 28.54
C ARG B 85 11.61 -25.53 29.02
N GLU B 86 11.12 -26.65 29.54
CA GLU B 86 11.98 -27.76 29.96
C GLU B 86 12.66 -28.45 28.77
N ASP B 87 11.99 -28.55 27.64
CA ASP B 87 12.67 -29.04 26.44
C ASP B 87 13.90 -28.21 26.17
N LEU B 88 13.73 -26.90 26.21
CA LEU B 88 14.82 -25.98 25.90
C LEU B 88 15.97 -26.15 26.85
N ARG B 89 15.68 -26.19 28.13
CA ARG B 89 16.72 -26.39 29.11
C ARG B 89 17.50 -27.67 28.80
N ALA B 90 16.79 -28.78 28.63
CA ALA B 90 17.43 -30.07 28.34
C ALA B 90 18.22 -30.06 27.04
N SER B 91 17.79 -29.24 26.08
CA SER B 91 18.45 -29.16 24.78
C SER B 91 19.87 -28.57 24.86
N GLY B 92 20.15 -27.86 25.95
CA GLY B 92 21.43 -27.21 26.12
C GLY B 92 21.46 -25.83 25.49
N LEU B 93 20.37 -25.45 24.84
CA LEU B 93 20.37 -24.27 24.00
C LEU B 93 20.40 -22.96 24.79
N LEU B 94 20.09 -23.01 26.10
CA LEU B 94 20.05 -21.78 26.88
C LEU B 94 21.38 -21.06 27.04
N SER B 95 22.49 -21.79 26.86
CA SER B 95 23.83 -21.21 26.97
C SER B 95 24.42 -20.92 25.60
N LEU B 96 23.54 -20.75 24.62
CA LEU B 96 23.94 -20.52 23.23
C LEU B 96 24.96 -19.36 23.12
N LEU B 97 24.72 -18.29 23.86
CA LEU B 97 25.58 -17.13 23.72
C LEU B 97 26.67 -17.08 24.79
N VAL B 98 26.68 -18.04 25.71
CA VAL B 98 27.78 -18.14 26.66
C VAL B 98 29.01 -18.66 25.92
N PRO B 99 30.17 -17.99 26.11
CA PRO B 99 31.48 -18.36 25.54
C PRO B 99 31.86 -19.84 25.77
N ARG B 100 32.51 -20.48 24.80
CA ARG B 100 32.90 -21.89 24.94
C ARG B 100 33.72 -22.14 26.20
N GLU B 101 34.55 -21.17 26.60
CA GLU B 101 35.44 -21.34 27.73
C GLU B 101 34.68 -21.41 29.06
N TYR B 102 33.41 -21.02 29.07
CA TYR B 102 32.63 -21.14 30.29
C TYR B 102 31.60 -22.27 30.18
N GLY B 103 31.74 -23.07 29.12
CA GLY B 103 30.87 -24.22 28.94
C GLY B 103 29.74 -24.01 27.95
N GLY B 104 29.61 -22.81 27.40
CA GLY B 104 28.54 -22.50 26.46
C GLY B 104 28.84 -22.86 25.02
N TRP B 105 27.98 -22.40 24.11
CA TRP B 105 28.15 -22.69 22.68
C TRP B 105 29.07 -21.71 21.95
N GLY B 106 29.26 -20.53 22.52
CA GLY B 106 30.08 -19.51 21.90
C GLY B 106 29.62 -19.16 20.50
N ALA B 107 28.30 -19.21 20.27
CA ALA B 107 27.79 -18.99 18.91
C ALA B 107 27.94 -17.53 18.51
N ASP B 108 28.03 -17.31 17.21
CA ASP B 108 28.11 -15.94 16.73
C ASP B 108 26.69 -15.44 16.54
N TRP B 109 26.56 -14.14 16.29
CA TRP B 109 25.25 -13.55 16.22
C TRP B 109 24.34 -14.07 15.08
N PRO B 110 24.87 -14.20 13.84
CA PRO B 110 23.98 -14.72 12.78
C PRO B 110 23.42 -16.09 13.13
N THR B 111 24.25 -16.93 13.73
CA THR B 111 23.80 -18.27 14.12
C THR B 111 22.77 -18.21 15.24
N ALA B 112 23.01 -17.37 16.25
CA ALA B 112 22.09 -17.25 17.37
C ALA B 112 20.73 -16.75 16.88
N ILE B 113 20.77 -15.80 15.96
CA ILE B 113 19.56 -15.22 15.40
C ILE B 113 18.76 -16.21 14.53
N GLU B 114 19.48 -17.04 13.77
CA GLU B 114 18.85 -18.15 13.05
C GLU B 114 18.15 -19.12 14.01
N VAL B 115 18.76 -19.34 15.19
CA VAL B 115 18.15 -20.22 16.20
C VAL B 115 16.81 -19.62 16.67
N VAL B 116 16.82 -18.33 16.94
CA VAL B 116 15.57 -17.66 17.33
C VAL B 116 14.51 -17.79 16.24
N ARG B 117 14.90 -17.62 14.98
CA ARG B 117 13.93 -17.70 13.88
C ARG B 117 13.30 -19.06 13.78
N GLU B 118 14.13 -20.09 13.91
CA GLU B 118 13.67 -21.48 13.79
C GLU B 118 12.57 -21.70 14.78
N ILE B 119 12.85 -21.27 16.00
CA ILE B 119 11.93 -21.49 17.09
C ILE B 119 10.66 -20.69 16.88
N ALA B 120 10.80 -19.42 16.52
CA ALA B 120 9.64 -18.52 16.34
C ALA B 120 8.68 -18.97 15.26
N ALA B 121 9.20 -19.64 14.23
CA ALA B 121 8.36 -20.12 13.14
C ALA B 121 7.35 -21.15 13.63
N ALA B 122 7.78 -21.97 14.58
CA ALA B 122 6.92 -22.95 15.21
C ALA B 122 6.02 -22.31 16.26
N ASP B 123 6.58 -21.41 17.05
CA ASP B 123 5.85 -20.84 18.18
C ASP B 123 6.37 -19.44 18.57
N GLY B 124 5.60 -18.42 18.26
CA GLY B 124 6.02 -17.05 18.54
C GLY B 124 6.35 -16.80 19.99
N SER B 125 5.62 -17.42 20.91
CA SER B 125 5.86 -17.19 22.33
C SER B 125 7.21 -17.72 22.79
N LEU B 126 7.54 -18.94 22.38
CA LEU B 126 8.80 -19.57 22.75
C LEU B 126 9.93 -18.81 22.10
N GLY B 127 9.66 -18.32 20.89
CA GLY B 127 10.56 -17.44 20.17
C GLY B 127 10.89 -16.17 20.93
N HIS B 128 9.87 -15.48 21.43
CA HIS B 128 10.12 -14.32 22.27
C HIS B 128 10.83 -14.70 23.59
N LEU B 129 10.34 -15.74 24.27
CA LEU B 129 10.96 -16.15 25.52
C LEU B 129 12.45 -16.44 25.37
N PHE B 130 12.78 -17.29 24.42
CA PHE B 130 14.16 -17.70 24.23
C PHE B 130 14.99 -16.51 23.77
N GLY B 131 14.45 -15.74 22.84
CA GLY B 131 15.13 -14.56 22.35
C GLY B 131 15.46 -13.54 23.43
N TYR B 132 14.52 -13.32 24.35
CA TYR B 132 14.75 -12.28 25.35
C TYR B 132 15.73 -12.79 26.41
N HIS B 133 15.65 -14.08 26.72
CA HIS B 133 16.64 -14.75 27.56
C HIS B 133 18.06 -14.45 27.07
N LEU B 134 18.23 -14.51 25.75
CA LEU B 134 19.51 -14.30 25.09
C LEU B 134 20.02 -12.89 25.24
N THR B 135 19.15 -11.93 25.53
CA THR B 135 19.59 -10.53 25.67
C THR B 135 20.21 -10.34 27.05
N ASN B 136 19.84 -11.23 27.97
CA ASN B 136 20.27 -11.10 29.34
C ASN B 136 21.75 -11.46 29.43
N ALA B 137 22.10 -12.63 28.91
CA ALA B 137 23.48 -13.09 29.00
C ALA B 137 24.52 -12.02 28.62
N PRO B 138 24.47 -11.46 27.39
CA PRO B 138 25.47 -10.46 26.99
C PRO B 138 25.60 -9.28 27.95
N MET B 139 24.49 -8.93 28.61
CA MET B 139 24.47 -7.88 29.61
C MET B 139 25.53 -8.05 30.71
N ILE B 140 25.87 -9.31 30.98
CA ILE B 140 26.93 -9.61 31.91
C ILE B 140 28.24 -9.12 31.33
N GLU B 141 28.48 -9.49 30.08
CA GLU B 141 29.69 -9.09 29.40
C GLU B 141 29.82 -7.58 29.24
N LEU B 142 28.75 -6.95 28.79
CA LEU B 142 28.83 -5.57 28.39
C LEU B 142 28.91 -4.61 29.58
N ILE B 143 28.48 -5.01 30.77
CA ILE B 143 28.67 -4.10 31.91
C ILE B 143 29.21 -4.76 33.20
N GLY B 144 29.36 -6.08 33.23
CA GLY B 144 29.88 -6.73 34.42
C GLY B 144 31.39 -6.75 34.49
N SER B 145 31.95 -7.30 35.56
CA SER B 145 33.40 -7.45 35.72
C SER B 145 33.79 -8.81 35.17
N GLN B 146 35.08 -9.00 34.89
CA GLN B 146 35.59 -10.28 34.41
C GLN B 146 35.33 -11.43 35.39
N GLU B 147 35.31 -11.12 36.69
CA GLU B 147 35.00 -12.13 37.71
C GLU B 147 33.53 -12.53 37.65
N GLN B 148 32.65 -11.54 37.51
CA GLN B 148 31.23 -11.82 37.33
C GLN B 148 31.03 -12.64 36.05
N GLU B 149 31.73 -12.27 34.98
CA GLU B 149 31.65 -13.01 33.72
C GLU B 149 31.98 -14.47 33.95
N GLU B 150 33.13 -14.74 34.57
CA GLU B 150 33.50 -16.13 34.85
C GLU B 150 32.45 -16.80 35.74
N HIS B 151 32.02 -16.11 36.78
CA HIS B 151 31.09 -16.68 37.75
C HIS B 151 29.69 -16.96 37.16
N LEU B 152 29.10 -15.96 36.50
CA LEU B 152 27.73 -16.09 36.01
C LEU B 152 27.60 -16.99 34.79
N TYR B 153 28.52 -16.81 33.85
CA TYR B 153 28.56 -17.63 32.63
C TYR B 153 28.73 -19.11 32.92
N THR B 154 29.63 -19.46 33.84
CA THR B 154 29.85 -20.86 34.18
C THR B 154 28.59 -21.52 34.72
N GLN B 155 27.91 -20.85 35.65
CA GLN B 155 26.76 -21.46 36.28
C GLN B 155 25.58 -21.57 35.33
N ILE B 156 25.45 -20.58 34.44
CA ILE B 156 24.39 -20.63 33.45
C ILE B 156 24.58 -21.85 32.55
N ALA B 157 25.79 -22.01 32.03
CA ALA B 157 26.10 -23.15 31.17
C ALA B 157 25.99 -24.48 31.90
N GLN B 158 26.55 -24.55 33.12
CA GLN B 158 26.57 -25.77 33.92
C GLN B 158 25.20 -26.22 34.39
N ASN B 159 24.37 -25.27 34.83
CA ASN B 159 23.05 -25.59 35.36
C ASN B 159 21.96 -25.44 34.31
N ASN B 160 22.34 -24.98 33.12
CA ASN B 160 21.37 -24.68 32.06
C ASN B 160 20.26 -23.77 32.57
N TRP B 161 20.67 -22.62 33.11
CA TRP B 161 19.74 -21.69 33.75
C TRP B 161 18.91 -20.91 32.74
N TRP B 162 17.61 -20.83 33.01
CA TRP B 162 16.77 -19.81 32.38
C TRP B 162 17.10 -18.46 33.00
N THR B 163 17.34 -17.46 32.17
CA THR B 163 17.47 -16.11 32.71
C THR B 163 16.22 -15.32 32.41
N GLY B 164 15.82 -14.50 33.37
CA GLY B 164 14.61 -13.73 33.20
C GLY B 164 14.89 -12.27 33.44
N ASN B 165 13.85 -11.47 33.34
CA ASN B 165 14.05 -10.05 33.18
C ASN B 165 13.02 -9.21 33.95
N ALA B 166 13.51 -8.32 34.79
CA ALA B 166 12.66 -7.32 35.44
C ALA B 166 13.47 -6.06 35.33
N SER B 167 13.55 -5.57 34.10
CA SER B 167 14.63 -4.68 33.73
C SER B 167 14.20 -3.24 33.60
N SER B 168 14.17 -2.82 32.36
CA SER B 168 13.95 -1.44 31.98
C SER B 168 12.47 -1.09 31.96
N GLU B 169 12.16 0.15 32.34
CA GLU B 169 10.84 0.72 32.05
C GLU B 169 11.03 1.68 30.88
N ASN B 170 10.92 1.13 29.66
CA ASN B 170 11.32 1.80 28.41
C ASN B 170 10.58 3.11 28.13
N ASN B 171 9.44 3.28 28.79
CA ASN B 171 8.60 4.46 28.62
C ASN B 171 8.34 5.14 29.96
N SER B 172 9.36 5.20 30.81
CA SER B 172 9.21 5.85 32.10
C SER B 172 10.48 6.61 32.48
N HIS B 173 10.27 7.74 33.14
CA HIS B 173 11.34 8.57 33.69
C HIS B 173 11.94 7.89 34.93
N VAL B 174 13.27 7.96 35.11
CA VAL B 174 13.94 7.16 36.16
C VAL B 174 13.41 7.26 37.60
N LEU B 175 13.04 8.45 38.06
CA LEU B 175 12.45 8.61 39.40
C LEU B 175 11.00 8.14 39.45
N ASP B 176 10.46 7.78 38.29
CA ASP B 176 9.10 7.24 38.18
C ASP B 176 9.06 5.72 38.11
N TRP B 177 10.24 5.08 38.08
CA TRP B 177 10.27 3.62 38.02
C TRP B 177 9.67 3.08 39.33
N LYS B 178 9.00 1.93 39.23
CA LYS B 178 8.27 1.39 40.38
C LYS B 178 9.24 0.64 41.28
N VAL B 179 10.43 0.34 40.77
CA VAL B 179 11.41 -0.37 41.56
C VAL B 179 12.54 0.56 42.02
N SER B 180 12.61 0.78 43.33
CA SER B 180 13.65 1.63 43.90
C SER B 180 14.82 0.79 44.37
N ALA B 181 16.01 1.36 44.29
CA ALA B 181 17.19 0.72 44.84
C ALA B 181 17.73 1.55 45.99
N THR B 182 17.63 1.03 47.20
CA THR B 182 18.17 1.70 48.37
C THR B 182 19.55 1.15 48.74
N PRO B 183 20.58 2.01 48.74
CA PRO B 183 21.96 1.58 49.02
C PRO B 183 22.09 1.03 50.44
N THR B 184 22.95 0.03 50.58
CA THR B 184 23.25 -0.54 51.89
C THR B 184 24.71 -0.32 52.22
N GLU B 185 24.99 -0.26 53.52
CA GLU B 185 26.35 -0.15 54.06
C GLU B 185 27.41 -1.00 53.36
N ASP B 186 27.09 -2.26 53.02
CA ASP B 186 28.07 -3.19 52.47
C ASP B 186 28.36 -2.97 50.98
N GLY B 187 27.70 -1.97 50.39
CA GLY B 187 27.87 -1.69 48.97
C GLY B 187 26.83 -2.38 48.10
N GLY B 188 25.86 -3.02 48.72
CA GLY B 188 24.79 -3.66 47.99
C GLY B 188 23.55 -2.78 47.98
N TYR B 189 22.44 -3.34 47.55
CA TYR B 189 21.20 -2.58 47.48
C TYR B 189 20.00 -3.39 47.96
N VAL B 190 18.95 -2.69 48.34
CA VAL B 190 17.70 -3.34 48.64
C VAL B 190 16.63 -2.87 47.65
N LEU B 191 15.94 -3.82 47.05
CA LEU B 191 14.96 -3.48 46.03
C LEU B 191 13.54 -3.54 46.56
N ASN B 192 12.74 -2.53 46.21
CA ASN B 192 11.33 -2.52 46.56
C ASN B 192 10.46 -1.97 45.46
N GLY B 193 9.34 -2.67 45.26
CA GLY B 193 8.30 -2.27 44.33
C GLY B 193 7.97 -3.41 43.39
N THR B 194 7.14 -3.13 42.40
CA THR B 194 6.68 -4.17 41.48
C THR B 194 6.96 -3.76 40.04
N LYS B 195 7.69 -4.60 39.33
CA LYS B 195 7.90 -4.38 37.90
C LYS B 195 6.73 -4.95 37.12
N HIS B 196 6.01 -4.07 36.43
CA HIS B 196 4.74 -4.44 35.84
C HIS B 196 4.88 -5.20 34.54
N PHE B 197 5.97 -4.95 33.80
CA PHE B 197 6.20 -5.70 32.56
C PHE B 197 7.53 -6.43 32.60
N CYS B 198 7.47 -7.76 32.77
CA CYS B 198 8.69 -8.57 32.82
C CYS B 198 8.82 -9.53 31.67
N SER B 199 9.96 -10.18 31.55
CA SER B 199 10.18 -11.13 30.46
C SER B 199 10.85 -12.39 30.97
N GLY B 200 10.06 -13.45 31.11
CA GLY B 200 10.57 -14.75 31.51
C GLY B 200 10.96 -14.82 32.97
N ALA B 201 10.52 -13.86 33.78
CA ALA B 201 10.89 -13.85 35.19
C ALA B 201 10.36 -15.07 35.91
N LYS B 202 9.09 -15.37 35.66
CA LYS B 202 8.34 -16.42 36.32
C LYS B 202 9.09 -17.76 36.42
N GLY B 203 9.52 -18.31 35.28
CA GLY B 203 10.26 -19.56 35.34
C GLY B 203 11.78 -19.44 35.44
N SER B 204 12.29 -18.24 35.67
CA SER B 204 13.73 -18.04 35.59
C SER B 204 14.47 -18.56 36.83
N ASP B 205 15.75 -18.86 36.64
CA ASP B 205 16.65 -19.23 37.74
C ASP B 205 17.45 -18.03 38.17
N LEU B 206 17.85 -17.26 37.16
CA LEU B 206 18.67 -16.07 37.38
C LEU B 206 17.91 -14.87 36.82
N LEU B 207 17.71 -13.85 37.63
CA LEU B 207 16.91 -12.70 37.23
C LEU B 207 17.74 -11.45 37.14
N PHE B 208 17.63 -10.76 36.00
CA PHE B 208 18.30 -9.48 35.80
C PHE B 208 17.36 -8.32 36.10
N VAL B 209 17.68 -7.57 37.15
CA VAL B 209 16.79 -6.53 37.66
C VAL B 209 17.45 -5.16 37.57
N PHE B 210 16.63 -4.15 37.31
CA PHE B 210 17.08 -2.77 37.36
C PHE B 210 16.29 -2.11 38.46
N GLY B 211 16.97 -1.34 39.28
CA GLY B 211 16.31 -0.53 40.29
C GLY B 211 16.88 0.87 40.23
N VAL B 212 16.11 1.86 40.65
CA VAL B 212 16.58 3.24 40.61
C VAL B 212 16.75 3.79 42.02
N VAL B 213 17.88 4.44 42.27
CA VAL B 213 18.13 5.10 43.56
C VAL B 213 17.26 6.34 43.74
N GLN B 214 16.27 6.24 44.62
CA GLN B 214 15.31 7.32 44.85
C GLN B 214 15.28 7.79 46.31
N ASP B 215 16.45 7.71 46.95
CA ASP B 215 16.63 7.85 48.41
C ASP B 215 17.15 9.20 48.89
N ASP B 216 17.41 10.10 47.95
CA ASP B 216 18.17 11.34 48.18
C ASP B 216 19.57 11.16 48.76
N SER B 217 20.26 10.11 48.29
CA SER B 217 21.68 9.94 48.51
C SER B 217 22.38 10.66 47.36
N PRO B 218 23.73 10.73 47.35
CA PRO B 218 24.36 11.28 46.13
C PRO B 218 24.17 10.41 44.88
N GLN B 219 23.81 9.14 45.07
CA GLN B 219 23.55 8.25 43.95
C GLN B 219 22.19 8.47 43.32
N GLN B 220 21.43 9.44 43.80
CA GLN B 220 20.03 9.61 43.38
C GLN B 220 19.88 9.65 41.86
N GLY B 221 18.91 8.91 41.35
CA GLY B 221 18.66 8.86 39.92
C GLY B 221 19.47 7.82 39.18
N ALA B 222 20.43 7.20 39.86
CA ALA B 222 21.27 6.20 39.21
C ALA B 222 20.50 4.92 39.00
N ILE B 223 20.59 4.35 37.80
CA ILE B 223 20.01 3.05 37.57
C ILE B 223 20.99 1.98 38.01
N ILE B 224 20.53 1.10 38.91
CA ILE B 224 21.35 -0.01 39.33
C ILE B 224 20.91 -1.30 38.64
N ALA B 225 21.87 -1.96 38.01
CA ALA B 225 21.65 -3.24 37.37
C ALA B 225 22.22 -4.38 38.22
N ALA B 226 21.49 -5.47 38.33
CA ALA B 226 21.94 -6.62 39.13
C ALA B 226 21.42 -7.95 38.57
N ALA B 227 22.13 -9.03 38.89
CA ALA B 227 21.68 -10.36 38.54
C ALA B 227 21.60 -11.19 39.81
N ILE B 228 20.38 -11.55 40.19
CA ILE B 228 20.17 -12.25 41.45
C ILE B 228 19.38 -13.52 41.25
N PRO B 229 19.54 -14.48 42.17
CA PRO B 229 18.72 -15.68 42.02
C PRO B 229 17.24 -15.31 42.17
N THR B 230 16.42 -15.81 41.27
CA THR B 230 15.00 -15.54 41.26
C THR B 230 14.34 -16.04 42.55
N SER B 231 14.96 -17.06 43.16
CA SER B 231 14.44 -17.63 44.40
C SER B 231 14.85 -16.84 45.62
N ARG B 232 15.45 -15.66 45.45
CA ARG B 232 15.78 -14.90 46.63
C ARG B 232 14.51 -14.46 47.33
N ALA B 233 14.54 -14.51 48.66
CA ALA B 233 13.44 -14.07 49.50
C ALA B 233 13.03 -12.63 49.14
N GLY B 234 11.73 -12.38 49.07
CA GLY B 234 11.23 -11.06 48.71
C GLY B 234 10.93 -10.89 47.24
N VAL B 235 11.33 -11.87 46.42
CA VAL B 235 11.04 -11.83 44.98
C VAL B 235 9.80 -12.67 44.67
N THR B 236 8.77 -12.03 44.11
CA THR B 236 7.53 -12.74 43.78
C THR B 236 7.10 -12.47 42.33
N PRO B 237 7.49 -13.37 41.40
CA PRO B 237 6.96 -13.30 40.04
C PRO B 237 5.50 -13.75 40.00
N ASN B 238 4.60 -12.85 39.63
CA ASN B 238 3.18 -13.17 39.68
C ASN B 238 2.74 -13.90 38.40
N ASP B 239 1.73 -14.76 38.52
CA ASP B 239 1.19 -15.52 37.37
C ASP B 239 0.10 -14.66 36.77
N ASP B 240 0.57 -13.62 36.10
CA ASP B 240 -0.18 -12.39 35.93
C ASP B 240 -0.51 -12.12 34.48
N TRP B 241 0.17 -12.84 33.59
CA TRP B 241 0.23 -12.47 32.21
C TRP B 241 -1.00 -12.86 31.42
N ALA B 242 -1.58 -11.87 30.75
CA ALA B 242 -2.67 -12.12 29.81
C ALA B 242 -2.59 -11.17 28.61
N ALA B 243 -2.76 -11.71 27.41
CA ALA B 243 -2.75 -10.91 26.21
C ALA B 243 -3.40 -11.71 25.10
N ILE B 244 -3.84 -11.03 24.04
CA ILE B 244 -4.47 -11.72 22.93
C ILE B 244 -3.46 -12.63 22.22
N GLY B 245 -2.19 -12.25 22.26
CA GLY B 245 -1.13 -13.03 21.62
C GLY B 245 0.08 -13.09 22.52
N MET B 246 1.14 -13.74 22.05
CA MET B 246 2.32 -14.01 22.88
C MET B 246 1.90 -14.57 24.24
N ARG B 247 0.92 -15.46 24.23
CA ARG B 247 0.22 -15.85 25.47
C ARG B 247 1.05 -16.70 26.42
N GLN B 248 2.14 -17.28 25.92
CA GLN B 248 2.94 -18.15 26.75
C GLN B 248 4.34 -17.60 26.99
N THR B 249 4.47 -16.27 26.97
CA THR B 249 5.78 -15.64 27.14
C THR B 249 6.10 -15.25 28.57
N ASP B 250 5.18 -15.57 29.50
CA ASP B 250 5.34 -15.27 30.93
C ASP B 250 5.77 -13.82 31.18
N SER B 251 4.97 -12.87 30.69
CA SER B 251 5.39 -11.48 30.72
C SER B 251 4.66 -10.63 31.76
N GLY B 252 4.30 -11.24 32.89
CA GLY B 252 3.55 -10.53 33.93
C GLY B 252 4.36 -9.67 34.87
N SER B 253 3.79 -9.40 36.04
CA SER B 253 4.48 -8.56 37.03
C SER B 253 5.32 -9.40 37.98
N THR B 254 6.33 -8.77 38.57
CA THR B 254 7.12 -9.40 39.62
C THR B 254 7.30 -8.43 40.78
N ASP B 255 6.98 -8.90 41.99
CA ASP B 255 7.07 -8.09 43.19
C ASP B 255 8.44 -8.22 43.83
N PHE B 256 8.99 -7.08 44.27
CA PHE B 256 10.24 -7.07 45.03
C PHE B 256 9.96 -6.47 46.41
N HIS B 257 10.23 -7.25 47.45
CA HIS B 257 9.92 -6.81 48.78
C HIS B 257 11.13 -6.94 49.68
N ASN B 258 11.78 -5.80 49.91
CA ASN B 258 13.05 -5.76 50.63
C ASN B 258 13.99 -6.87 50.17
N VAL B 259 14.23 -6.93 48.87
CA VAL B 259 15.07 -7.95 48.28
C VAL B 259 16.50 -7.46 48.33
N LYS B 260 17.38 -8.25 48.93
CA LYS B 260 18.75 -7.80 49.07
C LYS B 260 19.57 -8.15 47.83
N VAL B 261 20.30 -7.17 47.35
CA VAL B 261 21.27 -7.36 46.29
C VAL B 261 22.65 -7.28 46.92
N GLU B 262 23.40 -8.37 46.81
CA GLU B 262 24.74 -8.40 47.37
C GLU B 262 25.67 -7.53 46.52
N PRO B 263 26.78 -7.05 47.12
CA PRO B 263 27.70 -6.19 46.38
C PRO B 263 28.21 -6.82 45.11
N ASP B 264 28.61 -8.10 45.17
CA ASP B 264 29.13 -8.81 44.00
C ASP B 264 28.05 -9.16 42.98
N GLU B 265 26.80 -8.83 43.29
CA GLU B 265 25.69 -9.07 42.37
C GLU B 265 25.36 -7.86 41.51
N VAL B 266 25.99 -6.74 41.80
CA VAL B 266 25.80 -5.54 41.01
C VAL B 266 26.64 -5.62 39.74
N LEU B 267 26.02 -5.34 38.60
CA LEU B 267 26.73 -5.36 37.32
C LEU B 267 27.27 -3.96 36.98
N GLY B 268 28.57 -3.78 37.14
CA GLY B 268 29.20 -2.51 36.82
C GLY B 268 28.90 -1.47 37.87
N ALA B 269 29.43 -0.26 37.65
CA ALA B 269 29.26 0.83 38.60
C ALA B 269 27.80 1.25 38.65
N PRO B 270 27.42 2.03 39.67
CA PRO B 270 26.09 2.64 39.63
C PRO B 270 25.91 3.47 38.34
N ASN B 271 24.75 3.30 37.71
CA ASN B 271 24.39 4.01 36.48
C ASN B 271 25.22 3.60 35.26
N ALA B 272 25.85 2.43 35.34
CA ALA B 272 26.71 1.94 34.27
C ALA B 272 26.05 1.91 32.88
N PHE B 273 24.81 1.45 32.81
CA PHE B 273 24.10 1.43 31.53
C PHE B 273 23.89 2.79 30.92
N VAL B 274 23.40 3.74 31.70
CA VAL B 274 23.08 5.07 31.19
C VAL B 274 24.37 5.73 30.74
N LEU B 275 25.45 5.50 31.49
CA LEU B 275 26.73 6.07 31.13
C LEU B 275 27.19 5.48 29.82
N ALA B 276 27.12 4.17 29.70
CA ALA B 276 27.53 3.50 28.47
C ALA B 276 26.75 4.01 27.25
N PHE B 277 25.46 4.31 27.44
CA PHE B 277 24.61 4.81 26.36
C PHE B 277 25.02 6.17 25.85
N ILE B 278 25.10 7.12 26.77
CA ILE B 278 25.50 8.50 26.48
C ILE B 278 26.84 8.56 25.74
N GLN B 279 27.76 7.67 26.11
CA GLN B 279 29.10 7.63 25.55
C GLN B 279 29.13 6.79 24.27
N SER B 280 28.05 6.05 24.02
CA SER B 280 27.98 5.04 22.96
C SER B 280 29.13 4.04 23.07
N GLU B 281 29.37 3.59 24.30
CA GLU B 281 30.36 2.56 24.54
C GLU B 281 29.73 1.18 24.36
N ARG B 282 30.45 0.12 24.73
CA ARG B 282 30.03 -1.22 24.33
C ARG B 282 28.68 -1.62 24.90
N GLY B 283 28.40 -1.13 26.09
CA GLY B 283 27.13 -1.40 26.73
C GLY B 283 25.96 -0.98 25.87
N SER B 284 26.16 0.03 25.05
CA SER B 284 25.09 0.53 24.19
C SER B 284 24.73 -0.43 23.06
N LEU B 285 25.32 -1.62 23.01
CA LEU B 285 24.89 -2.57 22.00
C LEU B 285 23.58 -3.29 22.40
N PHE B 286 23.12 -3.02 23.63
CA PHE B 286 21.89 -3.67 24.10
C PHE B 286 20.72 -3.48 23.13
N ALA B 287 20.38 -2.22 22.79
CA ALA B 287 19.22 -1.98 21.93
C ALA B 287 19.34 -2.69 20.57
N PRO B 288 20.44 -2.47 19.81
CA PRO B 288 20.52 -3.18 18.52
C PRO B 288 20.45 -4.71 18.65
N ILE B 289 21.01 -5.29 19.69
CA ILE B 289 20.90 -6.74 19.86
C ILE B 289 19.43 -7.16 20.09
N ALA B 290 18.77 -6.53 21.06
CA ALA B 290 17.39 -6.90 21.39
C ALA B 290 16.41 -6.65 20.22
N GLN B 291 16.58 -5.52 19.55
CA GLN B 291 15.69 -5.14 18.46
C GLN B 291 15.87 -6.07 17.26
N LEU B 292 17.11 -6.50 16.97
CA LEU B 292 17.31 -7.42 15.86
C LEU B 292 16.70 -8.80 16.19
N ILE B 293 16.81 -9.20 17.45
CA ILE B 293 16.20 -10.43 17.91
C ILE B 293 14.69 -10.37 17.73
N PHE B 294 14.10 -9.28 18.19
CA PHE B 294 12.67 -9.07 18.04
C PHE B 294 12.24 -9.24 16.62
N ALA B 295 12.95 -8.53 15.73
CA ALA B 295 12.56 -8.51 14.33
C ALA B 295 12.56 -9.91 13.76
N ASN B 296 13.54 -10.72 14.15
CA ASN B 296 13.61 -12.10 13.63
C ASN B 296 12.55 -13.02 14.22
N VAL B 297 12.08 -12.70 15.41
CA VAL B 297 10.91 -13.38 15.91
C VAL B 297 9.74 -13.13 14.93
N TYR B 298 9.56 -11.88 14.50
CA TYR B 298 8.44 -11.55 13.61
C TYR B 298 8.63 -12.27 12.28
N LEU B 299 9.85 -12.27 11.77
CA LEU B 299 10.13 -12.95 10.51
C LEU B 299 9.85 -14.44 10.69
N GLY B 300 10.19 -14.97 11.86
CA GLY B 300 9.91 -16.36 12.16
C GLY B 300 8.42 -16.64 12.15
N ILE B 301 7.66 -15.79 12.83
CA ILE B 301 6.22 -15.95 12.86
C ILE B 301 5.61 -15.86 11.45
N ALA B 302 6.14 -14.95 10.63
CA ALA B 302 5.64 -14.77 9.27
C ALA B 302 5.84 -16.02 8.43
N HIS B 303 7.00 -16.65 8.55
CA HIS B 303 7.25 -17.94 7.89
C HIS B 303 6.33 -19.03 8.36
N GLY B 304 6.10 -19.07 9.67
CA GLY B 304 5.14 -19.98 10.26
C GLY B 304 3.75 -19.82 9.66
N ALA B 305 3.31 -18.57 9.53
CA ALA B 305 2.01 -18.25 8.90
C ALA B 305 1.99 -18.69 7.45
N LEU B 306 3.07 -18.37 6.73
CA LEU B 306 3.13 -18.66 5.32
C LEU B 306 3.12 -20.16 5.04
N ASP B 307 3.88 -20.91 5.84
CA ASP B 307 3.94 -22.34 5.66
C ASP B 307 2.63 -23.01 6.00
N ALA B 308 2.00 -22.57 7.08
CA ALA B 308 0.70 -23.11 7.48
C ALA B 308 -0.30 -22.90 6.36
N ALA B 309 -0.29 -21.70 5.78
CA ALA B 309 -1.22 -21.43 4.69
C ALA B 309 -0.96 -22.31 3.46
N ARG B 310 0.30 -22.41 3.04
CA ARG B 310 0.64 -23.14 1.82
C ARG B 310 0.14 -24.58 1.92
N GLU B 311 0.34 -25.20 3.09
CA GLU B 311 -0.08 -26.58 3.26
C GLU B 311 -1.60 -26.72 3.28
N TYR B 312 -2.28 -25.75 3.88
CA TYR B 312 -3.73 -25.79 3.89
C TYR B 312 -4.30 -25.58 2.48
N THR B 313 -3.75 -24.62 1.76
CA THR B 313 -4.19 -24.32 0.41
C THR B 313 -4.05 -25.53 -0.51
N ARG B 314 -2.92 -26.24 -0.38
CA ARG B 314 -2.67 -27.42 -1.19
C ARG B 314 -3.62 -28.56 -0.93
N THR B 315 -4.13 -28.64 0.29
CA THR B 315 -4.81 -29.83 0.75
C THR B 315 -6.29 -29.60 1.03
N GLN B 316 -6.64 -28.42 1.54
CA GLN B 316 -8.00 -28.21 2.00
C GLN B 316 -8.76 -27.13 1.23
N ALA B 317 -8.07 -26.21 0.55
CA ALA B 317 -8.75 -25.11 -0.14
C ALA B 317 -9.65 -25.59 -1.29
N ARG B 318 -10.78 -24.92 -1.44
CA ARG B 318 -11.76 -25.21 -2.47
C ARG B 318 -11.52 -24.22 -3.63
N PRO B 319 -11.54 -24.68 -4.89
CA PRO B 319 -11.49 -23.70 -5.98
C PRO B 319 -12.81 -22.94 -6.10
N TRP B 320 -12.76 -21.69 -6.56
CA TRP B 320 -13.98 -20.88 -6.74
C TRP B 320 -14.63 -21.19 -8.08
N THR B 321 -15.55 -22.15 -8.07
CA THR B 321 -16.17 -22.65 -9.30
C THR B 321 -17.04 -21.63 -10.08
N PRO B 322 -17.68 -20.65 -9.40
CA PRO B 322 -18.34 -19.66 -10.26
C PRO B 322 -17.40 -18.93 -11.23
N ALA B 323 -16.10 -18.89 -10.92
CA ALA B 323 -15.13 -18.27 -11.83
C ALA B 323 -14.53 -19.30 -12.76
N GLY B 324 -15.04 -20.53 -12.69
CA GLY B 324 -14.58 -21.60 -13.57
C GLY B 324 -13.24 -22.19 -13.14
N ILE B 325 -12.83 -21.91 -11.91
CA ILE B 325 -11.57 -22.42 -11.40
C ILE B 325 -11.70 -23.88 -10.97
N GLN B 326 -10.82 -24.73 -11.50
CA GLN B 326 -10.88 -26.18 -11.26
C GLN B 326 -9.91 -26.62 -10.17
N GLN B 327 -8.78 -25.93 -10.07
CA GLN B 327 -7.81 -26.20 -9.03
C GLN B 327 -7.45 -24.93 -8.28
N ALA B 328 -7.63 -25.00 -6.97
CA ALA B 328 -7.40 -23.89 -6.07
C ALA B 328 -5.95 -23.42 -6.19
N THR B 329 -5.03 -24.36 -6.45
CA THR B 329 -3.61 -24.03 -6.59
C THR B 329 -3.27 -23.48 -7.98
N GLU B 330 -4.27 -23.36 -8.83
CA GLU B 330 -4.10 -22.81 -10.16
C GLU B 330 -4.84 -21.47 -10.29
N ASP B 331 -5.43 -21.01 -9.20
CA ASP B 331 -6.06 -19.72 -9.20
C ASP B 331 -4.99 -18.62 -9.34
N PRO B 332 -5.13 -17.77 -10.34
CA PRO B 332 -4.10 -16.76 -10.63
C PRO B 332 -3.95 -15.74 -9.51
N TYR B 333 -5.04 -15.45 -8.82
CA TYR B 333 -4.96 -14.48 -7.73
C TYR B 333 -4.47 -15.12 -6.46
N THR B 334 -4.81 -16.39 -6.23
CA THR B 334 -4.21 -17.15 -5.15
C THR B 334 -2.69 -17.22 -5.37
N ILE B 335 -2.27 -17.49 -6.60
CA ILE B 335 -0.85 -17.54 -6.95
C ILE B 335 -0.17 -16.18 -6.74
N ARG B 336 -0.80 -15.11 -7.21
CA ARG B 336 -0.28 -13.77 -6.99
C ARG B 336 -0.05 -13.48 -5.50
N SER B 337 -1.05 -13.76 -4.67
CA SER B 337 -0.94 -13.48 -3.23
C SER B 337 0.24 -14.20 -2.57
N TYR B 338 0.44 -15.46 -2.90
CA TYR B 338 1.59 -16.20 -2.39
C TYR B 338 2.91 -15.63 -2.90
N GLY B 339 2.92 -15.23 -4.17
CA GLY B 339 4.04 -14.50 -4.72
C GLY B 339 4.31 -13.26 -3.90
N GLU B 340 3.30 -12.44 -3.64
CA GLU B 340 3.53 -11.19 -2.89
C GLU B 340 4.01 -11.44 -1.46
N PHE B 341 3.45 -12.47 -0.81
CA PHE B 341 3.82 -12.84 0.56
C PHE B 341 5.30 -13.21 0.57
N THR B 342 5.65 -14.06 -0.38
CA THR B 342 7.00 -14.57 -0.46
C THR B 342 8.00 -13.45 -0.68
N ILE B 343 7.66 -12.56 -1.58
CA ILE B 343 8.54 -11.46 -1.97
C ILE B 343 8.77 -10.50 -0.79
N ALA B 344 7.72 -10.14 -0.04
CA ALA B 344 7.91 -9.25 1.11
C ALA B 344 8.90 -9.82 2.15
N LEU B 345 8.76 -11.12 2.37
CA LEU B 345 9.57 -11.87 3.30
C LEU B 345 10.98 -12.01 2.78
N GLN B 346 11.09 -12.20 1.47
CA GLN B 346 12.38 -12.29 0.82
C GLN B 346 13.24 -11.07 1.10
N GLY B 347 12.66 -9.88 0.92
CA GLY B 347 13.42 -8.67 1.13
C GLY B 347 13.80 -8.47 2.59
N ALA B 348 12.86 -8.70 3.49
CA ALA B 348 13.07 -8.45 4.92
C ALA B 348 14.07 -9.41 5.54
N ASP B 349 14.01 -10.68 5.13
CA ASP B 349 14.96 -11.70 5.61
C ASP B 349 16.39 -11.35 5.19
N ALA B 350 16.53 -10.94 3.94
CA ALA B 350 17.86 -10.60 3.43
C ALA B 350 18.41 -9.40 4.21
N ALA B 351 17.55 -8.42 4.47
CA ALA B 351 17.97 -7.26 5.21
C ALA B 351 18.34 -7.66 6.63
N ALA B 352 17.55 -8.55 7.22
CA ALA B 352 17.86 -9.02 8.58
C ALA B 352 19.20 -9.72 8.67
N ARG B 353 19.46 -10.65 7.76
CA ARG B 353 20.72 -11.40 7.75
C ARG B 353 21.91 -10.45 7.62
N GLU B 354 21.78 -9.46 6.76
CA GLU B 354 22.77 -8.39 6.63
C GLU B 354 23.03 -7.66 7.97
N ALA B 355 21.97 -7.35 8.72
CA ALA B 355 22.13 -6.64 10.00
C ALA B 355 22.85 -7.49 11.07
N ALA B 356 22.62 -8.80 11.03
CA ALA B 356 23.27 -9.71 11.95
C ALA B 356 24.78 -9.74 11.69
N HIS B 357 25.16 -9.72 10.42
CA HIS B 357 26.60 -9.72 10.17
C HIS B 357 27.21 -8.41 10.59
N LEU B 358 26.48 -7.31 10.41
CA LEU B 358 26.98 -6.02 10.86
C LEU B 358 27.07 -6.04 12.36
N LEU B 359 26.09 -6.65 13.01
CA LEU B 359 26.15 -6.79 14.47
C LEU B 359 27.43 -7.53 14.90
N GLN B 360 27.80 -8.59 14.17
CA GLN B 360 29.02 -9.33 14.47
C GLN B 360 30.26 -8.45 14.36
N THR B 361 30.37 -7.73 13.24
CA THR B 361 31.48 -6.83 12.99
C THR B 361 31.67 -5.82 14.12
N VAL B 362 30.58 -5.17 14.55
CA VAL B 362 30.67 -4.19 15.62
C VAL B 362 30.96 -4.88 16.96
N TRP B 363 30.31 -6.00 17.21
CA TRP B 363 30.55 -6.75 18.44
C TRP B 363 32.02 -7.16 18.57
N ASP B 364 32.60 -7.60 17.46
CA ASP B 364 33.98 -8.08 17.47
C ASP B 364 35.02 -6.97 17.68
N LYS B 365 34.59 -5.70 17.55
CA LYS B 365 35.45 -4.56 17.82
C LYS B 365 35.68 -4.28 19.31
N GLY B 366 34.96 -4.99 20.18
CA GLY B 366 35.06 -4.72 21.60
C GLY B 366 34.87 -3.25 21.92
N ASP B 367 35.69 -2.71 22.82
CA ASP B 367 35.58 -1.30 23.24
C ASP B 367 36.02 -0.29 22.19
N ALA B 368 36.60 -0.79 21.11
CA ALA B 368 37.06 0.09 20.04
C ALA B 368 35.92 0.47 19.11
N LEU B 369 34.71 0.03 19.43
CA LEU B 369 33.57 0.44 18.64
C LEU B 369 33.43 1.94 18.84
N THR B 370 33.05 2.64 17.79
CA THR B 370 32.86 4.08 17.91
C THR B 370 31.37 4.39 18.03
N PRO B 371 31.03 5.62 18.44
CA PRO B 371 29.61 5.99 18.40
C PRO B 371 29.01 5.96 16.98
N GLU B 372 29.86 6.08 15.97
CA GLU B 372 29.41 5.93 14.58
C GLU B 372 29.11 4.46 14.28
N ASP B 373 29.97 3.57 14.77
CA ASP B 373 29.73 2.13 14.61
C ASP B 373 28.37 1.81 15.20
N ARG B 374 28.14 2.26 16.44
CA ARG B 374 26.93 1.97 17.17
C ARG B 374 25.73 2.52 16.39
N GLY B 375 25.86 3.78 15.99
CA GLY B 375 24.79 4.47 15.29
C GLY B 375 24.37 3.85 13.99
N GLU B 376 25.35 3.55 13.13
CA GLU B 376 25.08 2.94 11.83
C GLU B 376 24.37 1.61 12.00
N LEU B 377 24.85 0.82 12.95
CA LEU B 377 24.25 -0.48 13.20
C LEU B 377 22.80 -0.31 13.67
N MET B 378 22.58 0.63 14.58
CA MET B 378 21.23 0.80 15.14
C MET B 378 20.27 1.27 14.06
N VAL B 379 20.77 2.08 13.14
CA VAL B 379 19.97 2.54 12.02
C VAL B 379 19.59 1.34 11.17
N LYS B 380 20.57 0.49 10.89
CA LYS B 380 20.34 -0.69 10.07
C LYS B 380 19.34 -1.60 10.79
N VAL B 381 19.52 -1.81 12.09
CA VAL B 381 18.60 -2.67 12.83
C VAL B 381 17.18 -2.06 12.86
N SER B 382 17.07 -0.74 13.01
CA SER B 382 15.76 -0.08 12.98
C SER B 382 14.97 -0.43 11.70
N GLY B 383 15.64 -0.38 10.55
CA GLY B 383 15.00 -0.70 9.30
C GLY B 383 14.55 -2.15 9.25
N VAL B 384 15.38 -3.06 9.79
CA VAL B 384 14.99 -4.46 9.87
C VAL B 384 13.75 -4.62 10.72
N LYS B 385 13.72 -3.90 11.84
CA LYS B 385 12.55 -3.91 12.70
C LYS B 385 11.28 -3.47 11.93
N ALA B 386 11.42 -2.41 11.13
CA ALA B 386 10.28 -1.91 10.37
C ALA B 386 9.83 -2.92 9.32
N LEU B 387 10.79 -3.45 8.55
CA LEU B 387 10.48 -4.44 7.51
C LEU B 387 9.76 -5.67 8.08
N ALA B 388 10.28 -6.21 9.18
CA ALA B 388 9.75 -7.44 9.75
C ALA B 388 8.36 -7.25 10.32
N THR B 389 8.17 -6.13 10.99
CA THR B 389 6.87 -5.80 11.53
C THR B 389 5.85 -5.78 10.40
N ASN B 390 6.14 -4.97 9.38
CA ASN B 390 5.20 -4.81 8.28
C ASN B 390 4.97 -6.11 7.51
N ALA B 391 6.05 -6.83 7.21
CA ALA B 391 5.89 -8.08 6.45
C ALA B 391 5.11 -9.13 7.24
N ALA B 392 5.41 -9.24 8.52
CA ALA B 392 4.75 -10.27 9.32
C ALA B 392 3.26 -9.94 9.52
N LEU B 393 2.95 -8.67 9.76
CA LEU B 393 1.57 -8.25 9.91
C LEU B 393 0.77 -8.47 8.63
N ASN B 394 1.36 -8.12 7.49
CA ASN B 394 0.64 -8.23 6.23
C ASN B 394 0.43 -9.70 5.84
N ILE B 395 1.44 -10.53 6.08
CA ILE B 395 1.33 -11.94 5.79
C ILE B 395 0.45 -12.72 6.79
N SER B 396 0.64 -12.50 8.08
CA SER B 396 -0.18 -13.17 9.11
C SER B 396 -1.66 -12.93 8.85
N SER B 397 -2.01 -11.71 8.44
CA SER B 397 -3.42 -11.43 8.17
C SER B 397 -3.83 -11.82 6.74
N GLY B 398 -3.01 -11.51 5.75
CA GLY B 398 -3.37 -11.69 4.35
C GLY B 398 -3.58 -13.12 3.91
N VAL B 399 -2.92 -14.00 4.63
CA VAL B 399 -2.90 -15.43 4.40
C VAL B 399 -4.30 -16.05 4.48
N PHE B 400 -5.18 -15.41 5.23
CA PHE B 400 -6.54 -15.88 5.35
C PHE B 400 -7.26 -15.83 4.02
N GLU B 401 -6.91 -14.85 3.16
CA GLU B 401 -7.58 -14.70 1.86
C GLU B 401 -7.42 -15.93 0.96
N VAL B 402 -6.25 -16.56 0.96
CA VAL B 402 -6.01 -17.72 0.12
C VAL B 402 -6.31 -19.02 0.86
N ILE B 403 -6.61 -18.90 2.15
CA ILE B 403 -7.02 -20.04 2.97
C ILE B 403 -8.54 -20.32 2.83
N GLY B 404 -9.37 -19.30 2.97
CA GLY B 404 -10.81 -19.50 2.80
C GLY B 404 -11.59 -19.62 4.09
N ALA B 405 -12.90 -19.69 3.98
CA ALA B 405 -13.79 -19.65 5.15
C ALA B 405 -13.61 -20.76 6.19
N ARG B 406 -13.51 -22.01 5.76
CA ARG B 406 -13.43 -23.12 6.70
C ARG B 406 -12.13 -23.09 7.50
N GLY B 407 -11.17 -22.33 6.98
CA GLY B 407 -9.91 -22.16 7.66
C GLY B 407 -10.03 -21.25 8.86
N THR B 408 -11.21 -20.68 9.09
CA THR B 408 -11.41 -19.84 10.29
C THR B 408 -11.82 -20.66 11.51
N HIS B 409 -11.96 -21.97 11.35
CA HIS B 409 -12.30 -22.80 12.51
C HIS B 409 -11.15 -22.73 13.53
N PRO B 410 -11.48 -22.66 14.83
CA PRO B 410 -10.49 -22.54 15.90
C PRO B 410 -9.49 -23.71 16.00
N ARG B 411 -9.87 -24.87 15.48
CA ARG B 411 -9.01 -26.04 15.53
C ARG B 411 -7.77 -25.87 14.66
N TYR B 412 -7.80 -24.90 13.75
CA TYR B 412 -6.64 -24.60 12.93
C TYR B 412 -5.75 -23.53 13.59
N GLY B 413 -6.35 -22.75 14.48
CA GLY B 413 -5.66 -21.64 15.15
C GLY B 413 -4.86 -20.76 14.21
N PHE B 414 -5.37 -20.52 13.01
CA PHE B 414 -4.60 -19.76 12.01
C PHE B 414 -4.39 -18.29 12.37
N ASP B 415 -5.18 -17.75 13.31
CA ASP B 415 -5.00 -16.33 13.73
C ASP B 415 -3.91 -16.16 14.79
N ARG B 416 -3.32 -17.27 15.21
CA ARG B 416 -2.32 -17.17 16.29
C ARG B 416 -1.08 -16.45 15.80
N PHE B 417 -0.76 -16.57 14.52
CA PHE B 417 0.41 -15.89 13.93
C PHE B 417 0.20 -14.38 14.00
N TRP B 418 -0.93 -13.90 13.52
CA TRP B 418 -1.22 -12.48 13.61
C TRP B 418 -1.27 -11.97 15.05
N ARG B 419 -2.00 -12.67 15.93
CA ARG B 419 -2.11 -12.25 17.32
C ARG B 419 -0.75 -12.15 18.01
N ASN B 420 0.13 -13.08 17.73
CA ASN B 420 1.47 -13.02 18.30
C ASN B 420 2.29 -11.79 17.85
N VAL B 421 2.33 -11.52 16.54
CA VAL B 421 3.07 -10.36 16.01
C VAL B 421 2.42 -9.05 16.37
N ARG B 422 1.11 -9.04 16.27
CA ARG B 422 0.33 -7.84 16.55
C ARG B 422 0.55 -7.46 18.02
N THR B 423 0.69 -8.45 18.90
CA THR B 423 0.96 -8.13 20.30
C THR B 423 2.38 -7.58 20.48
N HIS B 424 3.41 -8.33 20.11
CA HIS B 424 4.76 -7.87 20.47
C HIS B 424 5.25 -6.70 19.61
N SER B 425 4.72 -6.52 18.40
CA SER B 425 5.12 -5.40 17.55
C SER B 425 4.86 -4.06 18.23
N LEU B 426 4.15 -4.10 19.35
CA LEU B 426 3.82 -2.93 20.14
C LEU B 426 4.80 -2.71 21.30
N HIS B 427 5.77 -3.60 21.44
CA HIS B 427 6.79 -3.44 22.50
C HIS B 427 7.37 -2.03 22.47
N ASP B 428 7.79 -1.56 21.28
CA ASP B 428 8.15 -0.16 21.07
C ASP B 428 7.70 0.26 19.67
N PRO B 429 7.31 1.55 19.52
CA PRO B 429 6.61 2.01 18.32
C PRO B 429 7.48 1.99 17.08
N VAL B 430 7.06 1.19 16.10
CA VAL B 430 7.76 1.06 14.83
C VAL B 430 7.85 2.41 14.12
N SER B 431 6.94 3.33 14.45
CA SER B 431 6.93 4.66 13.89
C SER B 431 8.24 5.37 14.17
N TYR B 432 8.80 5.17 15.36
CA TYR B 432 10.05 5.83 15.68
C TYR B 432 11.27 5.06 15.20
N LYS B 433 11.10 3.76 14.95
CA LYS B 433 12.15 3.07 14.23
C LYS B 433 12.25 3.71 12.81
N ILE B 434 11.10 3.92 12.18
CA ILE B 434 11.08 4.55 10.87
C ILE B 434 11.67 5.97 10.92
N ALA B 435 11.27 6.76 11.91
CA ALA B 435 11.78 8.14 12.08
C ALA B 435 13.29 8.15 12.29
N ASP B 436 13.80 7.24 13.12
CA ASP B 436 15.23 7.16 13.34
C ASP B 436 15.98 6.93 12.02
N VAL B 437 15.42 6.08 11.14
CA VAL B 437 16.05 5.85 9.85
C VAL B 437 16.07 7.13 9.01
N GLY B 438 14.93 7.81 8.93
CA GLY B 438 14.82 9.00 8.13
C GLY B 438 15.75 10.11 8.61
N LYS B 439 15.87 10.28 9.91
CA LYS B 439 16.76 11.29 10.47
C LYS B 439 18.18 11.00 10.00
N HIS B 440 18.50 9.72 9.91
CA HIS B 440 19.83 9.35 9.46
C HIS B 440 20.03 9.64 7.96
N THR B 441 19.08 9.17 7.16
CA THR B 441 19.11 9.37 5.72
C THR B 441 19.19 10.84 5.36
N LEU B 442 18.35 11.65 6.00
CA LEU B 442 18.24 13.07 5.64
C LEU B 442 19.32 13.92 6.28
N ASN B 443 19.52 13.76 7.58
CA ASN B 443 20.40 14.62 8.38
C ASN B 443 21.69 13.97 8.87
N GLY B 444 21.84 12.68 8.63
CA GLY B 444 23.02 11.98 9.15
C GLY B 444 23.03 11.87 10.68
N GLN B 445 21.90 12.12 11.32
CA GLN B 445 21.79 11.99 12.78
C GLN B 445 21.65 10.50 13.16
N TYR B 446 22.28 10.11 14.27
CA TYR B 446 22.13 8.76 14.83
C TYR B 446 21.04 8.71 15.90
N PRO B 447 20.50 7.51 16.20
CA PRO B 447 19.50 7.38 17.26
C PRO B 447 20.03 7.73 18.67
N ILE B 448 19.15 8.24 19.53
CA ILE B 448 19.53 8.49 20.90
C ILE B 448 19.64 7.12 21.57
N PRO B 449 20.83 6.77 22.07
CA PRO B 449 21.01 5.44 22.65
C PRO B 449 20.13 5.26 23.88
N GLY B 450 19.43 4.15 23.95
CA GLY B 450 18.57 3.87 25.09
C GLY B 450 18.31 2.39 25.11
N PHE B 451 17.24 1.99 25.77
CA PHE B 451 16.93 0.57 25.88
C PHE B 451 16.31 0.02 24.61
N THR B 452 15.75 0.91 23.79
CA THR B 452 15.14 0.47 22.54
C THR B 452 15.67 1.17 21.30
N SER B 453 16.64 2.06 21.45
CA SER B 453 17.21 2.71 20.27
C SER B 453 18.67 3.09 20.49
N ASP C 55 -37.23 7.38 13.83
CA ASP C 55 -35.92 7.18 13.23
C ASP C 55 -35.33 5.85 13.65
N PRO C 56 -35.26 4.92 12.71
CA PRO C 56 -34.74 3.60 13.04
C PRO C 56 -33.27 3.64 13.42
N VAL C 57 -32.53 4.60 12.87
CA VAL C 57 -31.10 4.72 13.15
C VAL C 57 -30.87 5.09 14.62
N ALA C 58 -31.70 5.99 15.15
CA ALA C 58 -31.61 6.37 16.56
C ALA C 58 -31.90 5.17 17.48
N VAL C 59 -32.93 4.39 17.12
CA VAL C 59 -33.25 3.19 17.88
C VAL C 59 -32.10 2.21 17.81
N ALA C 60 -31.51 2.07 16.63
CA ALA C 60 -30.37 1.18 16.46
C ALA C 60 -29.20 1.62 17.37
N ARG C 61 -28.94 2.92 17.43
CA ARG C 61 -27.90 3.42 18.32
C ARG C 61 -28.22 3.14 19.79
N GLY C 62 -29.49 3.18 20.15
CA GLY C 62 -29.87 2.85 21.51
C GLY C 62 -29.44 1.43 21.87
N LEU C 63 -29.69 0.49 20.96
CA LEU C 63 -29.31 -0.89 21.18
C LEU C 63 -27.79 -0.99 21.30
N ALA C 64 -27.08 -0.25 20.46
CA ALA C 64 -25.62 -0.24 20.46
C ALA C 64 -25.10 0.16 21.85
N GLU C 65 -25.72 1.19 22.41
CA GLU C 65 -25.37 1.70 23.73
C GLU C 65 -25.44 0.59 24.77
N LYS C 66 -26.57 -0.13 24.74
CA LYS C 66 -26.82 -1.25 25.63
C LYS C 66 -25.85 -2.41 25.43
N TRP C 67 -25.58 -2.75 24.18
CA TRP C 67 -24.77 -3.92 23.85
C TRP C 67 -23.28 -3.79 24.12
N ARG C 68 -22.76 -2.57 24.08
CA ARG C 68 -21.31 -2.42 24.24
C ARG C 68 -20.83 -2.92 25.62
N ALA C 69 -21.67 -2.78 26.65
CA ALA C 69 -21.27 -3.17 28.00
C ALA C 69 -20.98 -4.68 28.12
N THR C 70 -21.48 -5.47 27.18
CA THR C 70 -21.24 -6.90 27.23
C THR C 70 -20.50 -7.38 25.97
N ALA C 71 -19.99 -6.42 25.20
CA ALA C 71 -19.33 -6.75 23.93
C ALA C 71 -18.10 -7.65 24.07
N VAL C 72 -17.25 -7.39 25.04
CA VAL C 72 -16.05 -8.22 25.22
C VAL C 72 -16.41 -9.64 25.63
N GLU C 73 -17.24 -9.76 26.67
CA GLU C 73 -17.65 -11.06 27.15
C GLU C 73 -18.36 -11.88 26.09
N ARG C 74 -19.27 -11.26 25.36
CA ARG C 74 -20.05 -12.01 24.39
C ARG C 74 -19.12 -12.53 23.31
N ASP C 75 -18.14 -11.71 22.89
CA ASP C 75 -17.20 -12.16 21.89
C ASP C 75 -16.41 -13.36 22.44
N ARG C 76 -16.01 -13.25 23.70
CA ARG C 76 -15.23 -14.30 24.36
C ARG C 76 -16.01 -15.61 24.54
N ALA C 77 -17.28 -15.50 24.91
CA ALA C 77 -18.13 -16.67 25.16
C ALA C 77 -18.57 -17.41 23.88
N GLY C 78 -18.78 -16.65 22.81
CA GLY C 78 -19.35 -17.23 21.61
C GLY C 78 -20.75 -17.73 21.89
N GLY C 79 -21.19 -18.73 21.14
CA GLY C 79 -22.54 -19.23 21.24
C GLY C 79 -23.51 -18.23 20.64
N SER C 80 -24.79 -18.34 21.02
CA SER C 80 -25.84 -17.50 20.49
C SER C 80 -26.03 -16.25 21.35
N ALA C 81 -26.31 -15.13 20.70
CA ALA C 81 -26.63 -13.90 21.42
C ALA C 81 -28.14 -13.81 21.73
N THR C 82 -28.63 -14.72 22.57
CA THR C 82 -30.07 -14.87 22.76
C THR C 82 -30.72 -13.57 23.24
N ALA C 83 -30.09 -12.95 24.24
CA ALA C 83 -30.59 -11.70 24.79
C ALA C 83 -30.60 -10.55 23.77
N GLU C 84 -29.55 -10.44 22.96
CA GLU C 84 -29.46 -9.34 22.02
C GLU C 84 -30.41 -9.58 20.85
N ARG C 85 -30.58 -10.83 20.45
CA ARG C 85 -31.58 -11.18 19.47
C ARG C 85 -32.96 -10.74 19.98
N GLU C 86 -33.20 -10.88 21.28
CA GLU C 86 -34.46 -10.44 21.88
C GLU C 86 -34.59 -8.90 21.95
N ASP C 87 -33.50 -8.19 22.27
CA ASP C 87 -33.50 -6.73 22.19
C ASP C 87 -33.94 -6.27 20.81
N LEU C 88 -33.37 -6.90 19.78
CA LEU C 88 -33.71 -6.55 18.41
C LEU C 88 -35.19 -6.88 18.10
N ARG C 89 -35.65 -8.05 18.48
CA ARG C 89 -37.04 -8.43 18.27
C ARG C 89 -37.98 -7.39 18.89
N ALA C 90 -37.77 -7.11 20.18
CA ALA C 90 -38.59 -6.17 20.91
C ALA C 90 -38.55 -4.74 20.31
N SER C 91 -37.44 -4.37 19.66
CA SER C 91 -37.31 -3.02 19.11
C SER C 91 -38.27 -2.72 17.95
N GLY C 92 -38.77 -3.76 17.28
CA GLY C 92 -39.64 -3.58 16.12
C GLY C 92 -38.83 -3.43 14.85
N LEU C 93 -37.51 -3.44 14.99
CA LEU C 93 -36.59 -3.12 13.91
C LEU C 93 -36.52 -4.24 12.86
N LEU C 94 -37.02 -5.43 13.20
CA LEU C 94 -37.01 -6.56 12.25
C LEU C 94 -37.94 -6.35 11.03
N SER C 95 -38.92 -5.45 11.15
CA SER C 95 -39.81 -5.13 10.04
C SER C 95 -39.37 -3.86 9.32
N LEU C 96 -38.10 -3.52 9.47
CA LEU C 96 -37.55 -2.27 8.97
C LEU C 96 -37.86 -2.00 7.49
N LEU C 97 -37.71 -3.03 6.66
CA LEU C 97 -37.87 -2.90 5.22
C LEU C 97 -39.26 -3.34 4.75
N VAL C 98 -40.10 -3.79 5.66
CA VAL C 98 -41.48 -4.09 5.29
C VAL C 98 -42.25 -2.78 5.09
N PRO C 99 -42.98 -2.66 3.98
CA PRO C 99 -43.81 -1.46 3.78
C PRO C 99 -44.66 -1.18 5.01
N ARG C 100 -44.88 0.10 5.33
CA ARG C 100 -45.68 0.52 6.49
C ARG C 100 -47.06 -0.11 6.44
N GLU C 101 -47.52 -0.25 5.21
CA GLU C 101 -48.85 -0.71 4.89
C GLU C 101 -49.07 -2.20 5.19
N TYR C 102 -47.99 -2.94 5.43
CA TYR C 102 -48.13 -4.30 5.93
C TYR C 102 -47.68 -4.33 7.40
N GLY C 103 -47.51 -3.15 7.99
CA GLY C 103 -47.15 -3.05 9.40
C GLY C 103 -45.70 -2.76 9.75
N GLY C 104 -44.83 -2.68 8.75
CA GLY C 104 -43.42 -2.40 8.96
C GLY C 104 -43.06 -0.91 8.98
N TRP C 105 -41.75 -0.60 8.89
CA TRP C 105 -41.27 0.78 8.94
C TRP C 105 -41.25 1.43 7.56
N GLY C 106 -41.24 0.63 6.51
CA GLY C 106 -41.17 1.16 5.16
C GLY C 106 -39.93 2.02 4.88
N ALA C 107 -38.82 1.70 5.53
CA ALA C 107 -37.59 2.43 5.32
C ALA C 107 -37.00 2.17 3.92
N ASP C 108 -36.26 3.12 3.39
CA ASP C 108 -35.64 2.92 2.09
C ASP C 108 -34.28 2.23 2.30
N TRP C 109 -33.64 1.80 1.21
CA TRP C 109 -32.38 1.08 1.33
C TRP C 109 -31.25 1.90 2.00
N PRO C 110 -31.07 3.18 1.63
CA PRO C 110 -30.05 3.95 2.35
C PRO C 110 -30.26 3.97 3.86
N THR C 111 -31.51 4.11 4.28
CA THR C 111 -31.81 4.13 5.71
C THR C 111 -31.54 2.79 6.38
N ALA C 112 -31.94 1.72 5.71
CA ALA C 112 -31.76 0.38 6.26
C ALA C 112 -30.27 0.09 6.43
N ILE C 113 -29.50 0.51 5.45
CA ILE C 113 -28.08 0.28 5.49
C ILE C 113 -27.42 1.08 6.62
N GLU C 114 -27.91 2.29 6.89
CA GLU C 114 -27.41 3.03 8.05
C GLU C 114 -27.66 2.26 9.33
N VAL C 115 -28.81 1.58 9.40
CA VAL C 115 -29.13 0.78 10.58
C VAL C 115 -28.13 -0.37 10.73
N VAL C 116 -27.84 -1.06 9.65
CA VAL C 116 -26.88 -2.15 9.69
C VAL C 116 -25.50 -1.68 10.16
N ARG C 117 -25.05 -0.55 9.62
CA ARG C 117 -23.77 -0.02 9.98
C ARG C 117 -23.67 0.29 11.46
N GLU C 118 -24.73 0.89 12.00
CA GLU C 118 -24.79 1.27 13.42
C GLU C 118 -24.65 0.04 14.34
N ILE C 119 -25.41 -0.99 14.02
CA ILE C 119 -25.42 -2.22 14.80
C ILE C 119 -24.05 -2.93 14.70
N ALA C 120 -23.50 -2.95 13.49
CA ALA C 120 -22.23 -3.62 13.21
C ALA C 120 -21.05 -2.97 13.93
N ALA C 121 -21.10 -1.66 14.15
CA ALA C 121 -20.05 -0.98 14.90
C ALA C 121 -20.03 -1.44 16.36
N ALA C 122 -21.21 -1.74 16.90
CA ALA C 122 -21.31 -2.23 18.27
C ALA C 122 -20.96 -3.72 18.35
N ASP C 123 -21.44 -4.49 17.38
CA ASP C 123 -21.24 -5.92 17.39
C ASP C 123 -21.24 -6.48 15.97
N GLY C 124 -20.06 -6.92 15.54
CA GLY C 124 -19.92 -7.44 14.20
C GLY C 124 -20.88 -8.59 13.94
N SER C 125 -21.09 -9.44 14.95
CA SER C 125 -21.99 -10.57 14.79
C SER C 125 -23.45 -10.15 14.69
N LEU C 126 -23.86 -9.22 15.54
CA LEU C 126 -25.22 -8.72 15.49
C LEU C 126 -25.47 -7.91 14.21
N GLY C 127 -24.45 -7.19 13.76
CA GLY C 127 -24.53 -6.50 12.49
C GLY C 127 -24.79 -7.47 11.34
N HIS C 128 -24.02 -8.54 11.28
CA HIS C 128 -24.22 -9.58 10.28
C HIS C 128 -25.60 -10.26 10.43
N LEU C 129 -25.98 -10.60 11.65
CA LEU C 129 -27.26 -11.26 11.89
C LEU C 129 -28.43 -10.43 11.37
N PHE C 130 -28.48 -9.17 11.80
CA PHE C 130 -29.57 -8.30 11.46
C PHE C 130 -29.55 -7.95 9.98
N GLY C 131 -28.35 -7.67 9.46
CA GLY C 131 -28.17 -7.37 8.05
C GLY C 131 -28.57 -8.54 7.17
N TYR C 132 -28.22 -9.76 7.58
CA TYR C 132 -28.53 -10.89 6.74
C TYR C 132 -30.04 -11.13 6.85
N HIS C 133 -30.60 -10.88 8.02
CA HIS C 133 -32.05 -10.90 8.17
C HIS C 133 -32.74 -10.02 7.12
N LEU C 134 -32.23 -8.80 6.92
CA LEU C 134 -32.86 -7.87 5.99
C LEU C 134 -32.81 -8.33 4.54
N THR C 135 -31.86 -9.18 4.18
CA THR C 135 -31.77 -9.58 2.79
C THR C 135 -32.82 -10.65 2.51
N ASN C 136 -33.35 -11.27 3.55
CA ASN C 136 -34.21 -12.43 3.36
C ASN C 136 -35.59 -12.13 2.84
N ALA C 137 -36.35 -11.29 3.56
CA ALA C 137 -37.71 -10.97 3.13
C ALA C 137 -37.80 -10.57 1.65
N PRO C 138 -36.98 -9.57 1.20
CA PRO C 138 -37.07 -9.15 -0.21
C PRO C 138 -37.05 -10.29 -1.22
N MET C 139 -36.42 -11.40 -0.87
CA MET C 139 -36.48 -12.62 -1.68
C MET C 139 -37.92 -13.01 -1.97
N ILE C 140 -38.84 -12.67 -1.06
CA ILE C 140 -40.25 -12.94 -1.32
C ILE C 140 -40.71 -12.10 -2.49
N GLU C 141 -40.34 -10.83 -2.45
CA GLU C 141 -40.66 -9.89 -3.51
C GLU C 141 -40.01 -10.26 -4.84
N LEU C 142 -38.75 -10.63 -4.83
CA LEU C 142 -38.01 -10.75 -6.07
C LEU C 142 -38.44 -11.94 -6.93
N ILE C 143 -39.00 -12.98 -6.31
CA ILE C 143 -39.49 -14.12 -7.09
C ILE C 143 -40.83 -14.72 -6.66
N GLY C 144 -41.39 -14.25 -5.56
CA GLY C 144 -42.66 -14.75 -5.07
C GLY C 144 -43.82 -14.03 -5.73
N SER C 145 -45.04 -14.39 -5.34
CA SER C 145 -46.24 -13.73 -5.85
C SER C 145 -46.70 -12.58 -4.95
N GLN C 146 -47.58 -11.73 -5.48
CA GLN C 146 -48.19 -10.65 -4.71
C GLN C 146 -48.94 -11.16 -3.47
N GLU C 147 -49.52 -12.36 -3.57
CA GLU C 147 -50.19 -12.99 -2.43
C GLU C 147 -49.22 -13.46 -1.35
N GLN C 148 -48.14 -14.14 -1.74
CA GLN C 148 -47.14 -14.54 -0.77
C GLN C 148 -46.49 -13.32 -0.14
N GLU C 149 -46.18 -12.35 -0.99
CA GLU C 149 -45.53 -11.12 -0.55
C GLU C 149 -46.34 -10.38 0.53
N GLU C 150 -47.60 -10.03 0.26
CA GLU C 150 -48.41 -9.41 1.33
C GLU C 150 -48.63 -10.26 2.58
N HIS C 151 -48.89 -11.55 2.38
CA HIS C 151 -49.10 -12.43 3.51
C HIS C 151 -47.83 -12.53 4.35
N LEU C 152 -46.71 -12.84 3.72
CA LEU C 152 -45.48 -13.05 4.47
C LEU C 152 -44.93 -11.77 5.07
N TYR C 153 -44.98 -10.66 4.32
CA TYR C 153 -44.56 -9.37 4.88
C TYR C 153 -45.42 -9.00 6.06
N THR C 154 -46.73 -9.21 5.92
CA THR C 154 -47.64 -8.91 7.01
C THR C 154 -47.31 -9.78 8.22
N GLN C 155 -46.99 -11.06 8.00
CA GLN C 155 -46.74 -11.92 9.14
C GLN C 155 -45.43 -11.50 9.82
N ILE C 156 -44.44 -11.13 9.02
CA ILE C 156 -43.17 -10.71 9.55
C ILE C 156 -43.29 -9.46 10.44
N ALA C 157 -43.97 -8.43 9.94
CA ALA C 157 -44.20 -7.21 10.71
C ALA C 157 -45.07 -7.46 11.95
N GLN C 158 -46.14 -8.24 11.78
CA GLN C 158 -47.10 -8.47 12.87
C GLN C 158 -46.48 -9.26 14.03
N ASN C 159 -45.69 -10.27 13.68
CA ASN C 159 -45.10 -11.15 14.68
C ASN C 159 -43.68 -10.79 15.06
N ASN C 160 -43.10 -9.78 14.40
CA ASN C 160 -41.70 -9.44 14.59
C ASN C 160 -40.81 -10.65 14.41
N TRP C 161 -40.95 -11.30 13.27
CA TRP C 161 -40.24 -12.53 12.97
C TRP C 161 -38.77 -12.31 12.61
N TRP C 162 -37.89 -13.09 13.22
CA TRP C 162 -36.54 -13.27 12.70
C TRP C 162 -36.57 -14.16 11.48
N THR C 163 -35.98 -13.70 10.39
CA THR C 163 -35.79 -14.58 9.27
C THR C 163 -34.32 -14.99 9.21
N GLY C 164 -34.10 -16.24 8.84
CA GLY C 164 -32.79 -16.83 8.70
C GLY C 164 -32.67 -17.45 7.33
N ASN C 165 -31.52 -18.05 7.07
CA ASN C 165 -31.10 -18.38 5.72
C ASN C 165 -30.43 -19.74 5.70
N ALA C 166 -30.94 -20.64 4.86
CA ALA C 166 -30.29 -21.91 4.61
C ALA C 166 -30.37 -22.18 3.11
N SER C 167 -29.66 -21.35 2.36
CA SER C 167 -29.92 -21.17 0.96
C SER C 167 -28.83 -21.70 0.03
N SER C 168 -28.05 -20.80 -0.54
CA SER C 168 -27.17 -21.16 -1.64
C SER C 168 -25.92 -21.87 -1.16
N GLU C 169 -25.48 -22.83 -1.96
CA GLU C 169 -24.20 -23.47 -1.80
C GLU C 169 -23.31 -22.87 -2.90
N ASN C 170 -22.69 -21.75 -2.58
CA ASN C 170 -22.03 -20.88 -3.56
C ASN C 170 -20.89 -21.51 -4.34
N ASN C 171 -20.34 -22.59 -3.79
CA ASN C 171 -19.17 -23.19 -4.39
C ASN C 171 -19.40 -24.67 -4.69
N SER C 172 -20.58 -24.99 -5.16
CA SER C 172 -20.89 -26.37 -5.53
C SER C 172 -21.79 -26.41 -6.74
N HIS C 173 -21.56 -27.39 -7.60
CA HIS C 173 -22.46 -27.60 -8.72
C HIS C 173 -23.78 -28.02 -8.12
N VAL C 174 -24.89 -27.53 -8.68
CA VAL C 174 -26.20 -27.69 -8.04
C VAL C 174 -26.52 -29.17 -7.76
N LEU C 175 -26.09 -30.07 -8.65
CA LEU C 175 -26.32 -31.50 -8.44
C LEU C 175 -25.43 -32.09 -7.34
N ASP C 176 -24.53 -31.28 -6.80
CA ASP C 176 -23.74 -31.69 -5.63
C ASP C 176 -24.25 -31.06 -4.32
N TRP C 177 -25.26 -30.20 -4.41
CA TRP C 177 -25.79 -29.53 -3.21
C TRP C 177 -26.32 -30.59 -2.24
N LYS C 178 -26.19 -30.34 -0.95
CA LYS C 178 -26.50 -31.38 0.01
C LYS C 178 -27.99 -31.47 0.26
N VAL C 179 -28.72 -30.42 -0.08
CA VAL C 179 -30.15 -30.43 0.19
C VAL C 179 -30.95 -30.67 -1.07
N SER C 180 -31.61 -31.81 -1.10
CA SER C 180 -32.43 -32.21 -2.24
C SER C 180 -33.87 -31.78 -2.03
N ALA C 181 -34.53 -31.43 -3.13
CA ALA C 181 -35.95 -31.12 -3.14
C ALA C 181 -36.68 -32.11 -4.01
N THR C 182 -37.56 -32.88 -3.38
CA THR C 182 -38.37 -33.83 -4.10
C THR C 182 -39.77 -33.30 -4.38
N PRO C 183 -40.13 -33.17 -5.66
CA PRO C 183 -41.45 -32.63 -6.00
C PRO C 183 -42.56 -33.55 -5.53
N THR C 184 -43.65 -32.98 -5.01
CA THR C 184 -44.81 -33.80 -4.63
C THR C 184 -46.03 -33.38 -5.43
N GLU C 185 -46.92 -34.35 -5.62
CA GLU C 185 -48.19 -34.23 -6.31
C GLU C 185 -48.96 -32.92 -6.08
N ASP C 186 -48.96 -32.41 -4.85
CA ASP C 186 -49.76 -31.24 -4.55
C ASP C 186 -49.08 -29.95 -5.02
N GLY C 187 -47.91 -30.11 -5.64
CA GLY C 187 -47.15 -28.99 -6.17
C GLY C 187 -46.11 -28.46 -5.21
N GLY C 188 -45.95 -29.15 -4.08
CA GLY C 188 -44.98 -28.73 -3.09
C GLY C 188 -43.71 -29.54 -3.24
N TYR C 189 -42.85 -29.49 -2.24
CA TYR C 189 -41.60 -30.24 -2.28
C TYR C 189 -41.25 -30.81 -0.92
N VAL C 190 -40.39 -31.83 -0.91
CA VAL C 190 -39.85 -32.30 0.35
C VAL C 190 -38.33 -32.10 0.38
N LEU C 191 -37.85 -31.50 1.46
CA LEU C 191 -36.44 -31.16 1.59
C LEU C 191 -35.68 -32.24 2.38
N ASN C 192 -34.50 -32.60 1.88
CA ASN C 192 -33.65 -33.56 2.57
C ASN C 192 -32.19 -33.21 2.49
N GLY C 193 -31.50 -33.30 3.63
CA GLY C 193 -30.07 -33.07 3.68
C GLY C 193 -29.69 -32.02 4.71
N THR C 194 -28.44 -31.61 4.64
CA THR C 194 -27.89 -30.68 5.58
C THR C 194 -27.28 -29.50 4.86
N LYS C 195 -27.74 -28.31 5.18
CA LYS C 195 -27.08 -27.10 4.71
C LYS C 195 -26.01 -26.77 5.74
N HIS C 196 -24.75 -26.84 5.34
CA HIS C 196 -23.65 -26.80 6.30
C HIS C 196 -23.27 -25.42 6.78
N PHE C 197 -23.47 -24.43 5.94
CA PHE C 197 -23.14 -23.09 6.35
C PHE C 197 -24.42 -22.29 6.19
N CYS C 198 -25.04 -21.97 7.32
CA CYS C 198 -26.26 -21.20 7.28
C CYS C 198 -25.99 -19.85 7.89
N SER C 199 -26.97 -18.97 7.82
CA SER C 199 -26.86 -17.65 8.39
C SER C 199 -28.12 -17.30 9.13
N GLY C 200 -28.06 -17.37 10.46
CA GLY C 200 -29.15 -16.94 11.31
C GLY C 200 -30.32 -17.89 11.35
N ALA C 201 -30.12 -19.12 10.88
CA ALA C 201 -31.21 -20.08 10.87
C ALA C 201 -31.67 -20.41 12.31
N LYS C 202 -30.71 -20.62 13.22
CA LYS C 202 -30.96 -21.07 14.59
C LYS C 202 -32.09 -20.38 15.39
N GLY C 203 -32.01 -19.08 15.56
CA GLY C 203 -33.09 -18.42 16.30
C GLY C 203 -34.24 -17.90 15.43
N SER C 204 -34.27 -18.25 14.15
CA SER C 204 -35.21 -17.64 13.20
C SER C 204 -36.63 -18.17 13.37
N ASP C 205 -37.59 -17.40 12.90
CA ASP C 205 -38.97 -17.85 12.86
C ASP C 205 -39.32 -18.40 11.49
N LEU C 206 -38.80 -17.70 10.47
CA LEU C 206 -39.07 -18.01 9.07
C LEU C 206 -37.77 -18.31 8.35
N LEU C 207 -37.69 -19.48 7.72
CA LEU C 207 -36.43 -19.91 7.14
C LEU C 207 -36.55 -19.92 5.63
N PHE C 208 -35.61 -19.24 4.98
CA PHE C 208 -35.53 -19.21 3.52
C PHE C 208 -34.52 -20.26 3.06
N VAL C 209 -35.03 -21.31 2.41
CA VAL C 209 -34.27 -22.50 2.08
C VAL C 209 -34.19 -22.69 0.58
N PHE C 210 -33.04 -23.19 0.12
CA PHE C 210 -32.88 -23.60 -1.27
C PHE C 210 -32.62 -25.10 -1.32
N GLY C 211 -33.29 -25.76 -2.25
CA GLY C 211 -33.03 -27.15 -2.51
C GLY C 211 -32.91 -27.37 -4.00
N VAL C 212 -32.21 -28.45 -4.37
CA VAL C 212 -32.05 -28.82 -5.75
C VAL C 212 -32.77 -30.13 -6.03
N VAL C 213 -33.56 -30.14 -7.10
CA VAL C 213 -34.24 -31.35 -7.56
C VAL C 213 -33.17 -32.28 -8.15
N GLN C 214 -32.94 -33.41 -7.48
CA GLN C 214 -31.92 -34.37 -7.88
C GLN C 214 -32.48 -35.79 -8.17
N ASP C 215 -33.68 -35.85 -8.74
CA ASP C 215 -34.47 -37.08 -8.83
C ASP C 215 -34.43 -37.84 -10.17
N ASP C 216 -33.59 -37.37 -11.11
CA ASP C 216 -33.57 -37.79 -12.51
C ASP C 216 -34.87 -37.66 -13.32
N SER C 217 -35.67 -36.63 -13.04
CA SER C 217 -36.75 -36.22 -13.94
C SER C 217 -36.13 -35.16 -14.84
N PRO C 218 -36.90 -34.62 -15.77
CA PRO C 218 -36.34 -33.43 -16.44
C PRO C 218 -36.23 -32.20 -15.52
N GLN C 219 -36.88 -32.19 -14.35
CA GLN C 219 -36.70 -31.04 -13.46
C GLN C 219 -35.34 -31.08 -12.79
N GLN C 220 -34.55 -32.10 -13.07
CA GLN C 220 -33.26 -32.26 -12.42
C GLN C 220 -32.38 -31.01 -12.51
N GLY C 221 -31.78 -30.63 -11.38
CA GLY C 221 -30.93 -29.47 -11.35
C GLY C 221 -31.65 -28.19 -11.02
N ALA C 222 -32.98 -28.26 -10.91
CA ALA C 222 -33.75 -27.05 -10.61
C ALA C 222 -33.55 -26.64 -9.17
N ILE C 223 -33.27 -25.35 -8.96
CA ILE C 223 -33.23 -24.80 -7.62
C ILE C 223 -34.64 -24.43 -7.16
N ILE C 224 -35.04 -24.98 -6.02
CA ILE C 224 -36.31 -24.69 -5.41
C ILE C 224 -36.11 -23.72 -4.28
N ALA C 225 -36.81 -22.60 -4.32
CA ALA C 225 -36.72 -21.62 -3.24
C ALA C 225 -37.97 -21.70 -2.40
N ALA C 226 -37.82 -21.62 -1.08
CA ALA C 226 -38.98 -21.69 -0.19
C ALA C 226 -38.80 -20.89 1.09
N ALA C 227 -39.92 -20.50 1.67
CA ALA C 227 -39.93 -19.89 2.99
C ALA C 227 -40.85 -20.70 3.90
N ILE C 228 -40.26 -21.33 4.90
CA ILE C 228 -41.01 -22.20 5.79
C ILE C 228 -40.73 -21.83 7.23
N PRO C 229 -41.66 -22.19 8.15
CA PRO C 229 -41.39 -21.96 9.57
C PRO C 229 -40.18 -22.76 10.04
N THR C 230 -39.28 -22.12 10.77
CA THR C 230 -38.08 -22.76 11.28
C THR C 230 -38.47 -23.91 12.20
N SER C 231 -39.63 -23.77 12.81
CA SER C 231 -40.17 -24.76 13.72
C SER C 231 -40.83 -25.93 13.02
N ARG C 232 -40.78 -26.00 11.70
CA ARG C 232 -41.40 -27.16 11.06
C ARG C 232 -40.63 -28.42 11.44
N ALA C 233 -41.37 -29.49 11.68
CA ALA C 233 -40.80 -30.80 11.96
C ALA C 233 -39.79 -31.21 10.88
N GLY C 234 -38.68 -31.78 11.32
CA GLY C 234 -37.65 -32.22 10.41
C GLY C 234 -36.57 -31.19 10.20
N VAL C 235 -36.80 -29.97 10.68
CA VAL C 235 -35.82 -28.89 10.59
C VAL C 235 -35.00 -28.70 11.87
N THR C 236 -33.69 -28.87 11.80
CA THR C 236 -32.89 -28.68 12.99
C THR C 236 -31.74 -27.74 12.74
N PRO C 237 -31.90 -26.47 13.12
CA PRO C 237 -30.77 -25.55 13.14
C PRO C 237 -29.86 -25.92 14.30
N ASN C 238 -28.63 -26.34 13.99
CA ASN C 238 -27.71 -26.79 15.03
C ASN C 238 -26.91 -25.67 15.64
N ASP C 239 -26.49 -25.87 16.89
CA ASP C 239 -25.64 -24.94 17.60
C ASP C 239 -24.21 -25.36 17.27
N ASP C 240 -23.84 -25.12 16.02
CA ASP C 240 -22.86 -25.92 15.33
C ASP C 240 -21.58 -25.11 15.03
N TRP C 241 -21.75 -23.81 15.17
CA TRP C 241 -20.85 -22.81 14.64
C TRP C 241 -19.64 -22.53 15.49
N ALA C 242 -18.47 -22.63 14.89
CA ALA C 242 -17.26 -22.19 15.56
C ALA C 242 -16.31 -21.55 14.56
N ALA C 243 -15.77 -20.39 14.92
CA ALA C 243 -14.78 -19.67 14.10
C ALA C 243 -14.05 -18.67 14.98
N ILE C 244 -12.90 -18.17 14.51
CA ILE C 244 -12.14 -17.21 15.29
C ILE C 244 -12.90 -15.89 15.49
N GLY C 245 -13.78 -15.56 14.56
CA GLY C 245 -14.56 -14.33 14.65
C GLY C 245 -16.00 -14.59 14.26
N MET C 246 -16.82 -13.54 14.28
CA MET C 246 -18.24 -13.68 14.04
C MET C 246 -18.82 -14.78 14.90
N ARG C 247 -18.39 -14.84 16.15
CA ARG C 247 -18.62 -16.02 16.97
C ARG C 247 -20.08 -16.18 17.38
N GLN C 248 -20.85 -15.11 17.22
CA GLN C 248 -22.24 -15.16 17.64
C GLN C 248 -23.23 -15.05 16.48
N THR C 249 -22.83 -15.46 15.28
CA THR C 249 -23.72 -15.33 14.14
C THR C 249 -24.51 -16.62 13.88
N ASP C 250 -24.29 -17.63 14.72
CA ASP C 250 -25.00 -18.90 14.59
C ASP C 250 -24.96 -19.42 13.15
N SER C 251 -23.76 -19.59 12.61
CA SER C 251 -23.61 -19.92 11.20
C SER C 251 -23.26 -21.38 11.01
N GLY C 252 -23.83 -22.23 11.87
CA GLY C 252 -23.56 -23.64 11.78
C GLY C 252 -24.42 -24.27 10.71
N SER C 253 -24.62 -25.57 10.83
CA SER C 253 -25.43 -26.31 9.87
C SER C 253 -26.90 -26.39 10.27
N THR C 254 -27.74 -26.67 9.28
CA THR C 254 -29.17 -26.92 9.51
C THR C 254 -29.53 -28.23 8.82
N ASP C 255 -30.15 -29.14 9.55
CA ASP C 255 -30.56 -30.43 9.01
C ASP C 255 -32.01 -30.40 8.51
N PHE C 256 -32.29 -31.01 7.37
CA PHE C 256 -33.68 -31.15 6.92
C PHE C 256 -33.96 -32.64 6.72
N HIS C 257 -34.98 -33.15 7.42
CA HIS C 257 -35.29 -34.58 7.37
C HIS C 257 -36.77 -34.77 7.07
N ASN C 258 -37.05 -35.12 5.82
CA ASN C 258 -38.41 -35.18 5.29
C ASN C 258 -39.22 -33.93 5.63
N VAL C 259 -38.68 -32.78 5.26
CA VAL C 259 -39.33 -31.53 5.56
C VAL C 259 -40.26 -31.14 4.42
N LYS C 260 -41.54 -30.96 4.75
CA LYS C 260 -42.54 -30.66 3.73
C LYS C 260 -42.57 -29.16 3.45
N VAL C 261 -42.59 -28.83 2.16
CA VAL C 261 -42.83 -27.47 1.72
C VAL C 261 -44.20 -27.41 1.08
N GLU C 262 -45.08 -26.56 1.59
CA GLU C 262 -46.41 -26.43 1.00
C GLU C 262 -46.27 -25.69 -0.31
N PRO C 263 -47.23 -25.86 -1.23
CA PRO C 263 -47.19 -25.22 -2.55
C PRO C 263 -47.07 -23.71 -2.42
N ASP C 264 -47.89 -23.14 -1.55
CA ASP C 264 -47.89 -21.72 -1.28
C ASP C 264 -46.65 -21.24 -0.49
N GLU C 265 -45.78 -22.17 -0.09
CA GLU C 265 -44.52 -21.80 0.55
C GLU C 265 -43.34 -21.80 -0.45
N VAL C 266 -43.58 -22.27 -1.67
CA VAL C 266 -42.55 -22.25 -2.71
C VAL C 266 -42.54 -20.85 -3.34
N LEU C 267 -41.36 -20.25 -3.46
CA LEU C 267 -41.27 -18.89 -3.96
C LEU C 267 -41.06 -18.92 -5.46
N GLY C 268 -42.11 -18.69 -6.22
CA GLY C 268 -42.00 -18.73 -7.68
C GLY C 268 -41.87 -20.14 -8.23
N ALA C 269 -41.71 -20.22 -9.56
CA ALA C 269 -41.59 -21.50 -10.26
C ALA C 269 -40.26 -22.18 -9.92
N PRO C 270 -40.14 -23.48 -10.23
CA PRO C 270 -38.83 -24.14 -10.07
C PRO C 270 -37.71 -23.43 -10.84
N ASN C 271 -36.56 -23.27 -10.20
CA ASN C 271 -35.40 -22.62 -10.79
C ASN C 271 -35.62 -21.14 -11.06
N ALA C 272 -36.62 -20.55 -10.41
CA ALA C 272 -36.95 -19.14 -10.61
C ALA C 272 -35.72 -18.25 -10.45
N PHE C 273 -34.91 -18.50 -9.43
CA PHE C 273 -33.70 -17.69 -9.26
C PHE C 273 -32.71 -17.79 -10.40
N VAL C 274 -32.43 -19.01 -10.85
CA VAL C 274 -31.45 -19.23 -11.90
C VAL C 274 -31.94 -18.61 -13.20
N LEU C 275 -33.24 -18.71 -13.43
CA LEU C 275 -33.84 -18.13 -14.61
C LEU C 275 -33.78 -16.61 -14.53
N ALA C 276 -34.15 -16.04 -13.38
CA ALA C 276 -34.05 -14.60 -13.22
C ALA C 276 -32.60 -14.10 -13.39
N PHE C 277 -31.62 -14.90 -12.93
CA PHE C 277 -30.20 -14.54 -13.02
C PHE C 277 -29.77 -14.45 -14.48
N ILE C 278 -30.07 -15.49 -15.24
CA ILE C 278 -29.79 -15.51 -16.67
C ILE C 278 -30.42 -14.31 -17.40
N GLN C 279 -31.64 -13.94 -17.01
CA GLN C 279 -32.38 -12.86 -17.66
C GLN C 279 -32.03 -11.51 -17.08
N SER C 280 -31.34 -11.51 -15.94
CA SER C 280 -31.08 -10.31 -15.14
C SER C 280 -32.38 -9.57 -14.82
N GLU C 281 -33.41 -10.33 -14.47
CA GLU C 281 -34.68 -9.75 -14.02
C GLU C 281 -34.62 -9.47 -12.51
N ARG C 282 -35.75 -9.14 -11.88
CA ARG C 282 -35.68 -8.60 -10.52
C ARG C 282 -35.05 -9.58 -9.51
N GLY C 283 -35.24 -10.88 -9.73
CA GLY C 283 -34.61 -11.87 -8.87
C GLY C 283 -33.11 -11.70 -8.81
N SER C 284 -32.53 -11.17 -9.89
CA SER C 284 -31.07 -11.00 -9.90
C SER C 284 -30.57 -9.84 -8.99
N LEU C 285 -31.47 -9.19 -8.26
CA LEU C 285 -31.03 -8.17 -7.29
C LEU C 285 -30.50 -8.78 -6.01
N PHE C 286 -30.62 -10.09 -5.88
CA PHE C 286 -30.15 -10.78 -4.68
C PHE C 286 -28.69 -10.47 -4.33
N ALA C 287 -27.77 -10.73 -5.24
CA ALA C 287 -26.35 -10.50 -4.97
C ALA C 287 -26.04 -9.03 -4.59
N PRO C 288 -26.46 -8.06 -5.43
CA PRO C 288 -26.12 -6.68 -5.05
C PRO C 288 -26.64 -6.30 -3.67
N ILE C 289 -27.83 -6.77 -3.34
CA ILE C 289 -28.40 -6.50 -2.02
C ILE C 289 -27.57 -7.12 -0.92
N ALA C 290 -27.29 -8.42 -1.03
CA ALA C 290 -26.53 -9.12 0.02
C ALA C 290 -25.12 -8.56 0.12
N GLN C 291 -24.49 -8.35 -1.02
CA GLN C 291 -23.12 -7.88 -1.03
C GLN C 291 -22.98 -6.46 -0.45
N LEU C 292 -23.95 -5.59 -0.71
CA LEU C 292 -23.88 -4.22 -0.19
C LEU C 292 -24.03 -4.25 1.31
N ILE C 293 -24.90 -5.14 1.79
CA ILE C 293 -25.07 -5.34 3.23
C ILE C 293 -23.76 -5.81 3.88
N PHE C 294 -23.15 -6.83 3.29
CA PHE C 294 -21.87 -7.34 3.77
C PHE C 294 -20.89 -6.17 3.85
N ALA C 295 -20.78 -5.39 2.78
CA ALA C 295 -19.80 -4.28 2.76
C ALA C 295 -20.03 -3.32 3.94
N ASN C 296 -21.28 -3.00 4.21
CA ASN C 296 -21.58 -2.09 5.31
C ASN C 296 -21.40 -2.71 6.69
N VAL C 297 -21.56 -4.03 6.80
CA VAL C 297 -21.19 -4.69 8.03
C VAL C 297 -19.70 -4.44 8.31
N TYR C 298 -18.86 -4.60 7.29
CA TYR C 298 -17.41 -4.41 7.45
C TYR C 298 -17.12 -2.96 7.81
N LEU C 299 -17.83 -2.04 7.15
CA LEU C 299 -17.63 -0.62 7.44
C LEU C 299 -17.99 -0.26 8.89
N GLY C 300 -19.05 -0.84 9.42
CA GLY C 300 -19.44 -0.62 10.79
C GLY C 300 -18.37 -1.15 11.73
N ILE C 301 -17.88 -2.35 11.44
CA ILE C 301 -16.80 -2.91 12.25
C ILE C 301 -15.55 -2.03 12.24
N ALA C 302 -15.22 -1.46 11.08
CA ALA C 302 -14.08 -0.54 11.01
C ALA C 302 -14.36 0.71 11.85
N HIS C 303 -15.58 1.23 11.76
CA HIS C 303 -15.94 2.37 12.60
C HIS C 303 -15.86 2.00 14.08
N GLY C 304 -16.38 0.83 14.44
CA GLY C 304 -16.26 0.35 15.81
C GLY C 304 -14.80 0.32 16.26
N ALA C 305 -13.93 -0.23 15.44
CA ALA C 305 -12.52 -0.30 15.78
C ALA C 305 -11.95 1.12 15.95
N LEU C 306 -12.26 2.00 15.01
CA LEU C 306 -11.69 3.34 15.05
C LEU C 306 -12.15 4.06 16.32
N ASP C 307 -13.41 3.92 16.68
CA ASP C 307 -13.92 4.57 17.88
C ASP C 307 -13.39 3.98 19.20
N ALA C 308 -13.29 2.67 19.31
CA ALA C 308 -12.69 2.05 20.48
C ALA C 308 -11.24 2.50 20.62
N ALA C 309 -10.51 2.48 19.51
CA ALA C 309 -9.12 2.92 19.53
C ALA C 309 -9.01 4.38 19.99
N ARG C 310 -9.80 5.24 19.38
CA ARG C 310 -9.73 6.67 19.66
C ARG C 310 -9.98 6.95 21.15
N GLU C 311 -10.93 6.24 21.72
CA GLU C 311 -11.27 6.43 23.11
C GLU C 311 -10.10 5.95 24.02
N TYR C 312 -9.46 4.85 23.64
CA TYR C 312 -8.31 4.33 24.40
C TYR C 312 -7.10 5.27 24.29
N THR C 313 -6.83 5.79 23.10
CA THR C 313 -5.76 6.77 22.89
C THR C 313 -5.96 7.99 23.78
N ARG C 314 -7.22 8.43 23.88
CA ARG C 314 -7.63 9.58 24.69
C ARG C 314 -7.51 9.38 26.22
N THR C 315 -7.58 8.12 26.68
CA THR C 315 -7.66 7.85 28.10
C THR C 315 -6.50 7.04 28.69
N GLN C 316 -6.02 6.07 27.93
CA GLN C 316 -5.12 5.07 28.48
C GLN C 316 -3.73 5.06 27.89
N ALA C 317 -3.58 5.55 26.67
CA ALA C 317 -2.30 5.55 25.98
C ALA C 317 -1.27 6.44 26.65
N ARG C 318 -0.02 6.00 26.57
CA ARG C 318 1.17 6.71 27.04
C ARG C 318 1.93 7.30 25.86
N PRO C 319 2.42 8.54 26.01
CA PRO C 319 3.28 9.12 24.97
C PRO C 319 4.64 8.41 24.91
N TRP C 320 5.27 8.40 23.74
CA TRP C 320 6.59 7.81 23.64
C TRP C 320 7.64 8.84 24.09
N THR C 321 7.92 8.86 25.38
CA THR C 321 8.79 9.88 25.97
C THR C 321 10.26 9.86 25.48
N PRO C 322 10.81 8.70 25.05
CA PRO C 322 12.15 8.87 24.45
C PRO C 322 12.19 9.83 23.25
N ALA C 323 11.06 10.06 22.59
CA ALA C 323 11.00 11.05 21.50
C ALA C 323 10.53 12.43 21.97
N GLY C 324 10.36 12.62 23.27
CA GLY C 324 9.97 13.91 23.80
C GLY C 324 8.51 14.29 23.65
N ILE C 325 7.66 13.29 23.37
CA ILE C 325 6.23 13.50 23.23
C ILE C 325 5.64 13.63 24.62
N GLN C 326 4.74 14.58 24.77
CA GLN C 326 4.23 14.93 26.08
C GLN C 326 2.94 14.20 26.39
N GLN C 327 2.06 14.11 25.38
CA GLN C 327 0.76 13.45 25.50
C GLN C 327 0.50 12.54 24.31
N ALA C 328 -0.06 11.37 24.54
CA ALA C 328 -0.32 10.41 23.47
C ALA C 328 -1.13 11.01 22.32
N THR C 329 -2.05 11.91 22.65
CA THR C 329 -2.90 12.50 21.60
C THR C 329 -2.17 13.57 20.81
N GLU C 330 -0.92 13.85 21.15
CA GLU C 330 -0.23 14.92 20.45
C GLU C 330 0.86 14.34 19.54
N ASP C 331 1.00 13.03 19.54
CA ASP C 331 2.01 12.40 18.70
C ASP C 331 1.72 12.58 17.20
N PRO C 332 2.70 13.11 16.44
CA PRO C 332 2.46 13.48 15.04
C PRO C 332 2.17 12.24 14.16
N TYR C 333 2.73 11.09 14.51
CA TYR C 333 2.46 9.86 13.77
C TYR C 333 1.15 9.23 14.21
N THR C 334 0.81 9.36 15.50
CA THR C 334 -0.53 8.95 15.94
C THR C 334 -1.62 9.76 15.24
N ILE C 335 -1.43 11.07 15.17
CA ILE C 335 -2.36 11.95 14.48
C ILE C 335 -2.50 11.55 13.00
N ARG C 336 -1.37 11.35 12.34
CA ARG C 336 -1.38 10.92 10.94
C ARG C 336 -2.17 9.62 10.73
N SER C 337 -1.94 8.63 11.57
CA SER C 337 -2.61 7.35 11.43
C SER C 337 -4.15 7.49 11.54
N TYR C 338 -4.59 8.27 12.53
CA TYR C 338 -6.02 8.50 12.67
C TYR C 338 -6.55 9.22 11.44
N GLY C 339 -5.75 10.13 10.88
CA GLY C 339 -6.12 10.77 9.64
C GLY C 339 -6.40 9.79 8.53
N GLU C 340 -5.43 8.90 8.30
CA GLU C 340 -5.49 7.90 7.23
C GLU C 340 -6.64 6.90 7.46
N PHE C 341 -6.89 6.53 8.71
CA PHE C 341 -8.01 5.64 9.02
C PHE C 341 -9.31 6.35 8.62
N THR C 342 -9.42 7.61 9.04
CA THR C 342 -10.62 8.38 8.78
C THR C 342 -10.83 8.57 7.29
N ILE C 343 -9.74 8.90 6.59
CA ILE C 343 -9.80 9.21 5.17
C ILE C 343 -10.20 7.99 4.34
N ALA C 344 -9.63 6.82 4.64
CA ALA C 344 -9.97 5.58 3.96
C ALA C 344 -11.46 5.24 4.12
N LEU C 345 -11.96 5.48 5.32
CA LEU C 345 -13.33 5.20 5.65
C LEU C 345 -14.24 6.24 4.96
N GLN C 346 -13.76 7.48 4.90
CA GLN C 346 -14.48 8.55 4.21
C GLN C 346 -14.77 8.14 2.76
N GLY C 347 -13.77 7.60 2.08
CA GLY C 347 -13.91 7.19 0.71
C GLY C 347 -14.83 5.99 0.60
N ALA C 348 -14.65 5.01 1.50
CA ALA C 348 -15.42 3.79 1.44
C ALA C 348 -16.91 4.00 1.78
N ASP C 349 -17.18 4.81 2.79
CA ASP C 349 -18.54 5.15 3.19
C ASP C 349 -19.25 5.97 2.11
N ALA C 350 -18.55 6.92 1.49
CA ALA C 350 -19.20 7.70 0.44
C ALA C 350 -19.60 6.77 -0.72
N ALA C 351 -18.73 5.81 -1.07
CA ALA C 351 -19.05 4.84 -2.13
C ALA C 351 -20.22 3.93 -1.71
N ALA C 352 -20.22 3.50 -0.45
CA ALA C 352 -21.31 2.69 0.08
C ALA C 352 -22.62 3.45 -0.06
N ARG C 353 -22.64 4.71 0.37
CA ARG C 353 -23.87 5.52 0.26
C ARG C 353 -24.33 5.71 -1.18
N GLU C 354 -23.38 6.01 -2.06
CA GLU C 354 -23.72 6.11 -3.47
C GLU C 354 -24.36 4.80 -3.98
N ALA C 355 -23.79 3.66 -3.61
CA ALA C 355 -24.32 2.39 -4.10
C ALA C 355 -25.73 2.15 -3.53
N ALA C 356 -25.94 2.55 -2.29
CA ALA C 356 -27.25 2.38 -1.66
C ALA C 356 -28.31 3.22 -2.36
N HIS C 357 -27.98 4.46 -2.72
CA HIS C 357 -28.94 5.29 -3.48
C HIS C 357 -29.16 4.70 -4.87
N LEU C 358 -28.12 4.12 -5.46
CA LEU C 358 -28.29 3.46 -6.74
C LEU C 358 -29.20 2.22 -6.58
N LEU C 359 -29.00 1.45 -5.51
CA LEU C 359 -29.87 0.30 -5.23
C LEU C 359 -31.32 0.75 -5.06
N GLN C 360 -31.54 1.88 -4.40
CA GLN C 360 -32.91 2.39 -4.24
C GLN C 360 -33.59 2.67 -5.60
N THR C 361 -32.89 3.40 -6.45
CA THR C 361 -33.34 3.75 -7.78
C THR C 361 -33.73 2.51 -8.57
N VAL C 362 -32.85 1.51 -8.55
CA VAL C 362 -33.10 0.28 -9.28
C VAL C 362 -34.23 -0.51 -8.64
N TRP C 363 -34.23 -0.56 -7.31
CA TRP C 363 -35.29 -1.22 -6.56
C TRP C 363 -36.65 -0.60 -6.92
N ASP C 364 -36.69 0.72 -7.07
CA ASP C 364 -37.92 1.43 -7.38
C ASP C 364 -38.46 1.13 -8.77
N LYS C 365 -37.63 0.56 -9.63
CA LYS C 365 -38.08 0.19 -10.96
C LYS C 365 -38.92 -1.09 -10.93
N GLY C 366 -38.96 -1.78 -9.80
CA GLY C 366 -39.64 -3.06 -9.77
C GLY C 366 -39.16 -3.97 -10.90
N ASP C 367 -40.08 -4.66 -11.56
CA ASP C 367 -39.72 -5.59 -12.63
C ASP C 367 -39.26 -4.92 -13.92
N ALA C 368 -39.34 -3.59 -13.96
CA ALA C 368 -38.90 -2.84 -15.13
C ALA C 368 -37.38 -2.55 -15.17
N LEU C 369 -36.60 -3.12 -14.24
CA LEU C 369 -35.14 -2.97 -14.30
C LEU C 369 -34.60 -3.68 -15.55
N THR C 370 -33.53 -3.15 -16.15
CA THR C 370 -32.90 -3.79 -17.33
C THR C 370 -31.67 -4.58 -16.91
N PRO C 371 -31.18 -5.47 -17.80
CA PRO C 371 -29.92 -6.13 -17.47
C PRO C 371 -28.74 -5.17 -17.32
N GLU C 372 -28.81 -4.00 -17.91
CA GLU C 372 -27.79 -2.98 -17.70
C GLU C 372 -27.89 -2.36 -16.31
N ASP C 373 -29.12 -2.10 -15.84
CA ASP C 373 -29.32 -1.56 -14.50
C ASP C 373 -28.67 -2.49 -13.47
N ARG C 374 -29.02 -3.77 -13.55
CA ARG C 374 -28.56 -4.76 -12.58
C ARG C 374 -27.05 -4.83 -12.64
N GLY C 375 -26.53 -4.89 -13.86
CA GLY C 375 -25.11 -4.96 -14.10
C GLY C 375 -24.36 -3.75 -13.57
N GLU C 376 -24.82 -2.55 -13.91
CA GLU C 376 -24.17 -1.34 -13.42
C GLU C 376 -24.25 -1.32 -11.90
N LEU C 377 -25.39 -1.71 -11.35
CA LEU C 377 -25.51 -1.74 -9.90
C LEU C 377 -24.52 -2.74 -9.27
N MET C 378 -24.45 -3.94 -9.83
CA MET C 378 -23.57 -4.99 -9.29
C MET C 378 -22.10 -4.57 -9.40
N VAL C 379 -21.76 -3.84 -10.46
CA VAL C 379 -20.37 -3.39 -10.62
C VAL C 379 -19.99 -2.45 -9.50
N LYS C 380 -20.90 -1.51 -9.24
CA LYS C 380 -20.74 -0.52 -8.19
C LYS C 380 -20.62 -1.17 -6.81
N VAL C 381 -21.51 -2.13 -6.52
CA VAL C 381 -21.50 -2.81 -5.22
C VAL C 381 -20.24 -3.66 -5.01
N SER C 382 -19.80 -4.31 -6.07
CA SER C 382 -18.54 -5.06 -6.02
C SER C 382 -17.38 -4.16 -5.57
N GLY C 383 -17.32 -2.94 -6.08
CA GLY C 383 -16.28 -2.00 -5.68
C GLY C 383 -16.38 -1.61 -4.20
N VAL C 384 -17.61 -1.41 -3.72
CA VAL C 384 -17.83 -1.08 -2.33
C VAL C 384 -17.36 -2.25 -1.47
N LYS C 385 -17.71 -3.46 -1.88
CA LYS C 385 -17.29 -4.67 -1.17
C LYS C 385 -15.76 -4.67 -1.03
N ALA C 386 -15.06 -4.33 -2.13
CA ALA C 386 -13.61 -4.33 -2.07
C ALA C 386 -13.10 -3.23 -1.15
N LEU C 387 -13.67 -2.04 -1.32
CA LEU C 387 -13.30 -0.88 -0.52
C LEU C 387 -13.47 -1.13 0.97
N ALA C 388 -14.59 -1.72 1.31
CA ALA C 388 -14.95 -1.98 2.70
C ALA C 388 -14.04 -3.06 3.29
N THR C 389 -13.77 -4.10 2.51
CA THR C 389 -12.90 -5.18 2.95
C THR C 389 -11.52 -4.69 3.36
N ASN C 390 -10.90 -3.99 2.42
CA ASN C 390 -9.55 -3.51 2.59
C ASN C 390 -9.47 -2.47 3.72
N ALA C 391 -10.43 -1.55 3.76
CA ALA C 391 -10.39 -0.52 4.78
C ALA C 391 -10.56 -1.11 6.18
N ALA C 392 -11.52 -2.03 6.31
CA ALA C 392 -11.84 -2.63 7.60
C ALA C 392 -10.68 -3.50 8.07
N LEU C 393 -10.11 -4.25 7.16
CA LEU C 393 -8.96 -5.08 7.51
C LEU C 393 -7.79 -4.21 7.95
N ASN C 394 -7.54 -3.15 7.20
CA ASN C 394 -6.38 -2.32 7.49
C ASN C 394 -6.57 -1.51 8.80
N ILE C 395 -7.76 -1.01 9.04
CA ILE C 395 -8.03 -0.27 10.27
C ILE C 395 -8.13 -1.17 11.51
N SER C 396 -8.84 -2.30 11.38
CA SER C 396 -8.95 -3.26 12.47
C SER C 396 -7.60 -3.66 13.04
N SER C 397 -6.64 -3.87 12.15
CA SER C 397 -5.29 -4.22 12.58
C SER C 397 -4.49 -2.98 12.92
N GLY C 398 -4.59 -1.94 12.07
CA GLY C 398 -3.68 -0.80 12.20
C GLY C 398 -3.83 -0.03 13.50
N VAL C 399 -5.05 -0.07 14.01
CA VAL C 399 -5.44 0.65 15.19
C VAL C 399 -4.65 0.25 16.47
N PHE C 400 -4.12 -0.97 16.47
CA PHE C 400 -3.29 -1.42 17.59
C PHE C 400 -2.03 -0.58 17.74
N GLU C 401 -1.52 -0.11 16.61
CA GLU C 401 -0.29 0.67 16.60
C GLU C 401 -0.45 1.91 17.48
N VAL C 402 -1.62 2.53 17.44
CA VAL C 402 -1.82 3.76 18.20
C VAL C 402 -2.39 3.45 19.59
N ILE C 403 -2.76 2.20 19.81
CA ILE C 403 -3.26 1.77 21.12
C ILE C 403 -2.11 1.45 22.07
N GLY C 404 -1.15 0.65 21.63
CA GLY C 404 0.02 0.33 22.42
C GLY C 404 -0.10 -1.03 23.09
N ALA C 405 0.99 -1.46 23.74
CA ALA C 405 1.09 -2.79 24.31
C ALA C 405 0.03 -3.16 25.35
N ARG C 406 -0.28 -2.25 26.26
CA ARG C 406 -1.23 -2.59 27.32
C ARG C 406 -2.62 -2.86 26.78
N GLY C 407 -2.89 -2.41 25.57
CA GLY C 407 -4.17 -2.66 24.90
C GLY C 407 -4.35 -4.05 24.37
N THR C 408 -3.33 -4.89 24.49
CA THR C 408 -3.44 -6.27 24.07
C THR C 408 -4.07 -7.14 25.17
N HIS C 409 -4.37 -6.53 26.31
CA HIS C 409 -4.99 -7.30 27.39
C HIS C 409 -6.36 -7.75 26.93
N PRO C 410 -6.72 -9.02 27.14
CA PRO C 410 -8.00 -9.55 26.66
C PRO C 410 -9.21 -8.83 27.22
N ARG C 411 -9.08 -8.14 28.36
CA ARG C 411 -10.24 -7.46 28.92
C ARG C 411 -10.67 -6.29 28.01
N TYR C 412 -9.82 -5.88 27.07
CA TYR C 412 -10.23 -4.86 26.11
C TYR C 412 -10.89 -5.51 24.90
N GLY C 413 -10.50 -6.76 24.63
CA GLY C 413 -10.96 -7.48 23.46
C GLY C 413 -10.82 -6.70 22.17
N PHE C 414 -9.73 -5.93 22.05
CA PHE C 414 -9.55 -5.10 20.89
C PHE C 414 -9.32 -5.88 19.60
N ASP C 415 -8.97 -7.15 19.70
CA ASP C 415 -8.80 -7.91 18.45
C ASP C 415 -10.13 -8.42 17.89
N ARG C 416 -11.27 -8.13 18.53
CA ARG C 416 -12.54 -8.69 18.03
C ARG C 416 -12.97 -8.08 16.70
N PHE C 417 -12.63 -6.81 16.48
CA PHE C 417 -13.00 -6.16 15.24
C PHE C 417 -12.32 -6.85 14.08
N TRP C 418 -11.01 -7.03 14.16
CA TRP C 418 -10.26 -7.68 13.11
C TRP C 418 -10.73 -9.11 12.87
N ARG C 419 -10.86 -9.87 13.95
CA ARG C 419 -11.30 -11.22 13.83
C ARG C 419 -12.69 -11.28 13.19
N ASN C 420 -13.58 -10.35 13.56
CA ASN C 420 -14.92 -10.35 12.97
C ASN C 420 -14.83 -10.10 11.46
N VAL C 421 -14.11 -9.06 11.01
CA VAL C 421 -14.00 -8.85 9.54
C VAL C 421 -13.15 -9.89 8.85
N ARG C 422 -12.07 -10.33 9.50
CA ARG C 422 -11.17 -11.28 8.87
C ARG C 422 -11.92 -12.55 8.52
N THR C 423 -12.87 -12.89 9.38
CA THR C 423 -13.71 -14.07 9.19
C THR C 423 -14.72 -13.91 8.05
N HIS C 424 -15.58 -12.90 8.11
CA HIS C 424 -16.64 -12.87 7.10
C HIS C 424 -16.19 -12.44 5.73
N SER C 425 -15.13 -11.64 5.67
CA SER C 425 -14.57 -11.18 4.41
C SER C 425 -14.14 -12.33 3.51
N LEU C 426 -14.17 -13.56 4.05
CA LEU C 426 -13.83 -14.75 3.30
C LEU C 426 -15.08 -15.46 2.75
N HIS C 427 -16.27 -14.94 3.06
CA HIS C 427 -17.52 -15.51 2.55
C HIS C 427 -17.47 -15.75 1.04
N ASP C 428 -17.03 -14.74 0.30
CA ASP C 428 -16.72 -14.92 -1.11
C ASP C 428 -15.46 -14.09 -1.42
N PRO C 429 -14.62 -14.57 -2.33
CA PRO C 429 -13.27 -14.01 -2.53
C PRO C 429 -13.30 -12.58 -3.08
N VAL C 430 -12.70 -11.63 -2.36
CA VAL C 430 -12.68 -10.24 -2.81
C VAL C 430 -11.94 -10.09 -4.16
N SER C 431 -11.03 -11.02 -4.46
CA SER C 431 -10.31 -10.99 -5.73
C SER C 431 -11.26 -11.00 -6.93
N TYR C 432 -12.36 -11.76 -6.87
CA TYR C 432 -13.24 -11.79 -8.02
C TYR C 432 -14.24 -10.65 -8.00
N LYS C 433 -14.44 -10.03 -6.84
CA LYS C 433 -15.11 -8.72 -6.81
C LYS C 433 -14.30 -7.66 -7.56
N ILE C 434 -13.00 -7.59 -7.31
CA ILE C 434 -12.11 -6.69 -8.07
C ILE C 434 -12.06 -7.05 -9.57
N ALA C 435 -11.94 -8.33 -9.87
CA ALA C 435 -11.88 -8.76 -11.25
C ALA C 435 -13.14 -8.34 -11.98
N ASP C 436 -14.30 -8.55 -11.37
CA ASP C 436 -15.55 -8.14 -12.00
C ASP C 436 -15.54 -6.66 -12.31
N VAL C 437 -14.99 -5.83 -11.40
CA VAL C 437 -14.94 -4.41 -11.72
C VAL C 437 -14.07 -4.16 -12.95
N GLY C 438 -12.88 -4.78 -12.96
CA GLY C 438 -11.95 -4.59 -14.06
C GLY C 438 -12.54 -5.04 -15.37
N LYS C 439 -13.25 -6.16 -15.34
CA LYS C 439 -13.88 -6.67 -16.55
C LYS C 439 -14.83 -5.64 -17.14
N HIS C 440 -15.55 -4.96 -16.26
CA HIS C 440 -16.50 -3.96 -16.71
C HIS C 440 -15.79 -2.71 -17.21
N THR C 441 -14.83 -2.21 -16.44
CA THR C 441 -14.08 -1.04 -16.86
C THR C 441 -13.43 -1.26 -18.23
N LEU C 442 -12.78 -2.41 -18.40
CA LEU C 442 -11.98 -2.67 -19.59
C LEU C 442 -12.83 -3.11 -20.78
N ASN C 443 -13.71 -4.09 -20.55
CA ASN C 443 -14.44 -4.75 -21.61
C ASN C 443 -15.93 -4.43 -21.64
N GLY C 444 -16.41 -3.64 -20.70
CA GLY C 444 -17.83 -3.32 -20.60
C GLY C 444 -18.67 -4.54 -20.25
N GLN C 445 -18.03 -5.63 -19.86
CA GLN C 445 -18.76 -6.86 -19.50
C GLN C 445 -19.35 -6.74 -18.10
N TYR C 446 -20.56 -7.26 -17.95
CA TYR C 446 -21.21 -7.30 -16.63
C TYR C 446 -20.94 -8.60 -15.89
N PRO C 447 -20.99 -8.56 -14.55
CA PRO C 447 -20.77 -9.81 -13.82
C PRO C 447 -21.83 -10.86 -14.16
N ILE C 448 -21.44 -12.14 -14.12
CA ILE C 448 -22.36 -13.23 -14.36
C ILE C 448 -23.27 -13.29 -13.14
N PRO C 449 -24.57 -13.10 -13.36
CA PRO C 449 -25.46 -13.09 -12.20
C PRO C 449 -25.47 -14.43 -11.51
N GLY C 450 -25.36 -14.41 -10.18
CA GLY C 450 -25.39 -15.60 -9.35
C GLY C 450 -25.71 -15.18 -7.93
N PHE C 451 -25.36 -16.01 -6.96
CA PHE C 451 -25.71 -15.65 -5.59
C PHE C 451 -24.74 -14.62 -5.00
N THR C 452 -23.56 -14.50 -5.58
CA THR C 452 -22.59 -13.56 -5.05
C THR C 452 -22.05 -12.56 -6.04
N SER C 453 -22.56 -12.57 -7.26
CA SER C 453 -22.11 -11.61 -8.25
C SER C 453 -23.23 -11.33 -9.26
N ASP D 55 -27.10 23.13 -20.91
CA ASP D 55 -26.34 22.14 -20.14
C ASP D 55 -24.83 22.39 -20.28
N PRO D 56 -24.21 22.98 -19.25
CA PRO D 56 -22.79 23.35 -19.31
C PRO D 56 -21.86 22.15 -19.41
N VAL D 57 -22.27 21.01 -18.88
CA VAL D 57 -21.44 19.82 -18.98
C VAL D 57 -21.41 19.32 -20.43
N ALA D 58 -22.55 19.43 -21.10
CA ALA D 58 -22.64 19.07 -22.51
C ALA D 58 -21.72 19.94 -23.34
N VAL D 59 -21.69 21.22 -23.00
CA VAL D 59 -20.83 22.17 -23.67
C VAL D 59 -19.35 21.81 -23.46
N ALA D 60 -19.00 21.55 -22.20
CA ALA D 60 -17.63 21.19 -21.81
C ALA D 60 -17.16 19.88 -22.44
N ARG D 61 -18.05 18.90 -22.49
CA ARG D 61 -17.74 17.64 -23.14
C ARG D 61 -17.48 17.87 -24.64
N GLY D 62 -18.23 18.80 -25.23
CA GLY D 62 -18.03 19.20 -26.62
C GLY D 62 -16.64 19.77 -26.82
N LEU D 63 -16.22 20.64 -25.91
CA LEU D 63 -14.86 21.19 -25.97
C LEU D 63 -13.80 20.10 -25.78
N ALA D 64 -14.10 19.17 -24.86
CA ALA D 64 -13.19 18.07 -24.55
C ALA D 64 -12.83 17.23 -25.76
N GLU D 65 -13.83 16.84 -26.54
CA GLU D 65 -13.58 16.08 -27.77
C GLU D 65 -12.69 16.84 -28.75
N LYS D 66 -12.96 18.12 -28.92
CA LYS D 66 -12.15 18.95 -29.79
C LYS D 66 -10.72 19.07 -29.26
N TRP D 67 -10.56 19.26 -27.97
CA TRP D 67 -9.23 19.51 -27.42
C TRP D 67 -8.34 18.28 -27.38
N ARG D 68 -8.97 17.13 -27.25
CA ARG D 68 -8.21 15.88 -27.09
C ARG D 68 -7.35 15.61 -28.31
N ALA D 69 -7.81 16.04 -29.48
CA ALA D 69 -7.09 15.79 -30.72
C ALA D 69 -5.72 16.48 -30.77
N THR D 70 -5.52 17.52 -29.95
CA THR D 70 -4.24 18.20 -29.93
C THR D 70 -3.59 18.13 -28.56
N ALA D 71 -4.13 17.32 -27.65
CA ALA D 71 -3.62 17.27 -26.27
C ALA D 71 -2.15 16.88 -26.16
N VAL D 72 -1.72 15.93 -26.97
CA VAL D 72 -0.33 15.50 -26.91
C VAL D 72 0.62 16.60 -27.33
N GLU D 73 0.36 17.23 -28.46
CA GLU D 73 1.28 18.26 -28.94
C GLU D 73 1.36 19.44 -27.98
N ARG D 74 0.22 19.84 -27.43
CA ARG D 74 0.18 21.00 -26.55
C ARG D 74 0.95 20.75 -25.26
N ASP D 75 0.85 19.55 -24.72
CA ASP D 75 1.61 19.24 -23.53
C ASP D 75 3.09 19.32 -23.84
N ARG D 76 3.47 18.77 -25.00
CA ARG D 76 4.87 18.79 -25.38
C ARG D 76 5.34 20.21 -25.68
N ALA D 77 4.51 21.03 -26.33
CA ALA D 77 4.92 22.39 -26.66
C ALA D 77 4.97 23.35 -25.46
N GLY D 78 4.07 23.16 -24.50
CA GLY D 78 3.95 24.09 -23.39
C GLY D 78 3.47 25.46 -23.84
N GLY D 79 3.82 26.49 -23.09
CA GLY D 79 3.37 27.84 -23.38
C GLY D 79 1.90 28.02 -23.10
N SER D 80 1.27 29.02 -23.73
CA SER D 80 -0.15 29.26 -23.51
C SER D 80 -0.98 28.51 -24.54
N ALA D 81 -2.12 27.99 -24.09
CA ALA D 81 -3.07 27.36 -24.97
C ALA D 81 -4.01 28.44 -25.48
N THR D 82 -3.47 29.38 -26.24
CA THR D 82 -4.21 30.61 -26.56
C THR D 82 -5.52 30.28 -27.28
N ALA D 83 -5.46 29.41 -28.27
CA ALA D 83 -6.64 28.98 -29.02
C ALA D 83 -7.70 28.27 -28.14
N GLU D 84 -7.28 27.41 -27.21
CA GLU D 84 -8.25 26.69 -26.37
C GLU D 84 -8.90 27.60 -25.32
N ARG D 85 -8.14 28.55 -24.79
CA ARG D 85 -8.67 29.60 -23.92
C ARG D 85 -9.79 30.36 -24.63
N GLU D 86 -9.60 30.64 -25.90
CA GLU D 86 -10.62 31.31 -26.68
C GLU D 86 -11.82 30.39 -26.94
N ASP D 87 -11.58 29.09 -27.12
CA ASP D 87 -12.66 28.10 -27.19
C ASP D 87 -13.54 28.23 -25.95
N LEU D 88 -12.88 28.32 -24.79
CA LEU D 88 -13.60 28.50 -23.54
C LEU D 88 -14.33 29.82 -23.50
N ARG D 89 -13.63 30.90 -23.86
CA ARG D 89 -14.27 32.20 -23.88
C ARG D 89 -15.51 32.15 -24.76
N ALA D 90 -15.32 31.66 -25.99
CA ALA D 90 -16.42 31.55 -26.95
C ALA D 90 -17.56 30.64 -26.50
N SER D 91 -17.25 29.64 -25.67
CA SER D 91 -18.29 28.71 -25.21
C SER D 91 -19.28 29.41 -24.28
N GLY D 92 -18.88 30.54 -23.71
CA GLY D 92 -19.72 31.26 -22.77
C GLY D 92 -19.55 30.77 -21.34
N LEU D 93 -18.69 29.78 -21.18
CA LEU D 93 -18.56 29.02 -19.92
C LEU D 93 -17.84 29.77 -18.80
N LEU D 94 -17.12 30.83 -19.14
CA LEU D 94 -16.37 31.61 -18.15
C LEU D 94 -17.29 32.27 -17.12
N SER D 95 -18.56 32.43 -17.46
CA SER D 95 -19.51 33.01 -16.51
C SER D 95 -20.35 31.95 -15.82
N LEU D 96 -19.82 30.73 -15.76
CA LEU D 96 -20.56 29.59 -15.22
C LEU D 96 -21.16 29.80 -13.83
N LEU D 97 -20.36 30.36 -12.92
CA LEU D 97 -20.78 30.51 -11.53
C LEU D 97 -21.33 31.88 -11.21
N VAL D 98 -21.34 32.75 -12.21
CA VAL D 98 -21.93 34.08 -12.09
C VAL D 98 -23.45 33.92 -12.05
N PRO D 99 -24.11 34.59 -11.09
CA PRO D 99 -25.57 34.57 -10.92
C PRO D 99 -26.33 34.85 -12.20
N ARG D 100 -27.47 34.20 -12.38
CA ARG D 100 -28.32 34.41 -13.55
C ARG D 100 -28.70 35.87 -13.73
N GLU D 101 -28.93 36.56 -12.63
CA GLU D 101 -29.42 37.94 -12.68
C GLU D 101 -28.39 38.93 -13.21
N TYR D 102 -27.13 38.51 -13.29
CA TYR D 102 -26.11 39.38 -13.85
C TYR D 102 -25.64 38.94 -15.22
N GLY D 103 -26.33 37.95 -15.79
CA GLY D 103 -25.96 37.45 -17.11
C GLY D 103 -25.21 36.13 -17.12
N GLY D 104 -24.91 35.61 -15.93
CA GLY D 104 -24.20 34.34 -15.86
C GLY D 104 -25.13 33.13 -15.92
N TRP D 105 -24.59 31.95 -15.62
CA TRP D 105 -25.35 30.71 -15.65
C TRP D 105 -26.03 30.44 -14.31
N GLY D 106 -25.52 31.09 -13.26
CA GLY D 106 -26.02 30.90 -11.91
C GLY D 106 -25.97 29.45 -11.46
N ALA D 107 -24.99 28.71 -11.95
CA ALA D 107 -24.87 27.30 -11.64
C ALA D 107 -24.46 27.07 -10.19
N ASP D 108 -24.81 25.91 -9.65
CA ASP D 108 -24.41 25.59 -8.28
C ASP D 108 -23.03 24.95 -8.27
N TRP D 109 -22.45 24.80 -7.09
CA TRP D 109 -21.10 24.29 -6.99
C TRP D 109 -20.92 22.85 -7.51
N PRO D 110 -21.85 21.93 -7.19
CA PRO D 110 -21.66 20.58 -7.75
C PRO D 110 -21.61 20.54 -9.28
N THR D 111 -22.43 21.36 -9.95
CA THR D 111 -22.45 21.40 -11.40
C THR D 111 -21.16 22.00 -11.96
N ALA D 112 -20.73 23.10 -11.34
CA ALA D 112 -19.51 23.79 -11.78
C ALA D 112 -18.34 22.85 -11.68
N ILE D 113 -18.35 22.03 -10.63
CA ILE D 113 -17.30 21.07 -10.41
C ILE D 113 -17.33 19.94 -11.47
N GLU D 114 -18.53 19.51 -11.88
CA GLU D 114 -18.62 18.53 -12.97
C GLU D 114 -18.01 19.05 -14.26
N VAL D 115 -18.22 20.34 -14.54
CA VAL D 115 -17.66 20.98 -15.72
C VAL D 115 -16.13 21.01 -15.62
N VAL D 116 -15.64 21.34 -14.44
CA VAL D 116 -14.20 21.31 -14.21
C VAL D 116 -13.64 19.89 -14.45
N ARG D 117 -14.33 18.88 -13.93
CA ARG D 117 -13.88 17.50 -14.04
C ARG D 117 -13.83 17.10 -15.50
N GLU D 118 -14.83 17.52 -16.29
CA GLU D 118 -14.90 17.23 -17.74
C GLU D 118 -13.71 17.76 -18.51
N ILE D 119 -13.39 19.03 -18.27
CA ILE D 119 -12.26 19.67 -18.91
C ILE D 119 -10.94 19.03 -18.44
N ALA D 120 -10.81 18.77 -17.15
CA ALA D 120 -9.58 18.23 -16.58
C ALA D 120 -9.23 16.86 -17.15
N ALA D 121 -10.24 16.05 -17.45
CA ALA D 121 -10.00 14.73 -18.04
C ALA D 121 -9.38 14.83 -19.45
N ALA D 122 -9.76 15.86 -20.21
CA ALA D 122 -9.19 16.10 -21.54
C ALA D 122 -7.81 16.76 -21.48
N ASP D 123 -7.66 17.70 -20.57
CA ASP D 123 -6.44 18.47 -20.48
C ASP D 123 -6.26 19.00 -19.07
N GLY D 124 -5.28 18.46 -18.36
CA GLY D 124 -5.03 18.83 -16.97
C GLY D 124 -4.77 20.32 -16.75
N SER D 125 -4.05 20.94 -17.68
CA SER D 125 -3.74 22.35 -17.57
C SER D 125 -4.99 23.24 -17.72
N LEU D 126 -5.82 22.92 -18.70
CA LEU D 126 -7.08 23.64 -18.95
C LEU D 126 -8.11 23.42 -17.83
N GLY D 127 -8.16 22.22 -17.28
CA GLY D 127 -8.99 21.95 -16.12
C GLY D 127 -8.64 22.84 -14.93
N HIS D 128 -7.35 22.90 -14.60
CA HIS D 128 -6.87 23.81 -13.57
C HIS D 128 -7.04 25.29 -13.91
N LEU D 129 -6.70 25.65 -15.14
CA LEU D 129 -6.83 27.03 -15.57
C LEU D 129 -8.28 27.50 -15.39
N PHE D 130 -9.21 26.74 -15.99
CA PHE D 130 -10.61 27.10 -15.94
C PHE D 130 -11.11 27.00 -14.51
N GLY D 131 -10.72 25.92 -13.85
CA GLY D 131 -11.13 25.68 -12.48
C GLY D 131 -10.68 26.80 -11.59
N TYR D 132 -9.46 27.30 -11.76
CA TYR D 132 -8.98 28.32 -10.84
C TYR D 132 -9.66 29.65 -11.14
N HIS D 133 -9.93 29.89 -12.42
CA HIS D 133 -10.73 31.02 -12.84
C HIS D 133 -12.07 31.11 -12.10
N LEU D 134 -12.75 29.97 -11.94
CA LEU D 134 -14.04 29.96 -11.26
C LEU D 134 -13.97 30.37 -9.79
N THR D 135 -12.80 30.19 -9.17
CA THR D 135 -12.67 30.53 -7.75
C THR D 135 -12.44 32.01 -7.50
N ASN D 136 -12.08 32.75 -8.53
CA ASN D 136 -11.70 34.14 -8.32
C ASN D 136 -12.91 35.05 -8.04
N ALA D 137 -13.87 35.13 -8.97
CA ALA D 137 -15.05 36.00 -8.79
C ALA D 137 -15.73 35.86 -7.41
N PRO D 138 -16.03 34.62 -6.97
CA PRO D 138 -16.68 34.44 -5.66
C PRO D 138 -16.00 35.22 -4.52
N MET D 139 -14.71 35.53 -4.67
CA MET D 139 -14.02 36.42 -3.75
C MET D 139 -14.72 37.74 -3.56
N ILE D 140 -15.36 38.23 -4.62
CA ILE D 140 -16.11 39.47 -4.56
C ILE D 140 -17.28 39.28 -3.61
N GLU D 141 -17.95 38.16 -3.79
CA GLU D 141 -19.09 37.84 -2.97
C GLU D 141 -18.63 37.69 -1.51
N LEU D 142 -17.48 37.05 -1.30
CA LEU D 142 -17.05 36.68 0.05
C LEU D 142 -16.52 37.82 0.94
N ILE D 143 -15.94 38.86 0.34
CA ILE D 143 -15.49 40.03 1.11
C ILE D 143 -15.81 41.36 0.44
N GLY D 144 -16.33 41.31 -0.78
CA GLY D 144 -16.66 42.53 -1.48
C GLY D 144 -18.03 43.02 -1.09
N SER D 145 -18.40 44.18 -1.64
CA SER D 145 -19.69 44.80 -1.36
C SER D 145 -20.77 44.43 -2.37
N GLN D 146 -22.00 44.76 -2.01
CA GLN D 146 -23.17 44.54 -2.86
C GLN D 146 -23.06 45.26 -4.22
N GLU D 147 -22.45 46.44 -4.22
CA GLU D 147 -22.23 47.16 -5.47
C GLU D 147 -21.13 46.51 -6.30
N GLN D 148 -20.05 46.11 -5.63
CA GLN D 148 -18.94 45.44 -6.31
C GLN D 148 -19.41 44.17 -7.03
N GLU D 149 -20.26 43.39 -6.37
CA GLU D 149 -20.83 42.19 -6.99
C GLU D 149 -21.59 42.50 -8.26
N GLU D 150 -22.55 43.41 -8.16
CA GLU D 150 -23.36 43.83 -9.29
C GLU D 150 -22.51 44.37 -10.43
N HIS D 151 -21.55 45.23 -10.12
CA HIS D 151 -20.70 45.80 -11.15
C HIS D 151 -19.77 44.77 -11.81
N LEU D 152 -19.02 44.02 -11.01
CA LEU D 152 -18.02 43.12 -11.57
C LEU D 152 -18.63 41.88 -12.20
N TYR D 153 -19.61 41.26 -11.54
CA TYR D 153 -20.28 40.09 -12.09
C TYR D 153 -20.92 40.41 -13.44
N THR D 154 -21.56 41.56 -13.54
CA THR D 154 -22.18 41.97 -14.79
C THR D 154 -21.14 42.08 -15.90
N GLN D 155 -20.00 42.71 -15.63
CA GLN D 155 -19.01 42.88 -16.68
C GLN D 155 -18.31 41.57 -16.99
N ILE D 156 -18.11 40.73 -15.98
CA ILE D 156 -17.48 39.44 -16.24
C ILE D 156 -18.34 38.62 -17.20
N ALA D 157 -19.62 38.50 -16.87
CA ALA D 157 -20.59 37.75 -17.68
C ALA D 157 -20.82 38.37 -19.07
N GLN D 158 -21.02 39.68 -19.12
CA GLN D 158 -21.28 40.38 -20.39
C GLN D 158 -20.07 40.43 -21.34
N ASN D 159 -18.87 40.62 -20.79
CA ASN D 159 -17.67 40.75 -21.62
C ASN D 159 -16.95 39.43 -21.83
N ASN D 160 -17.48 38.37 -21.20
CA ASN D 160 -16.86 37.05 -21.23
C ASN D 160 -15.38 37.13 -20.83
N TRP D 161 -15.15 37.71 -19.66
CA TRP D 161 -13.81 37.91 -19.15
C TRP D 161 -13.15 36.69 -18.55
N TRP D 162 -11.88 36.48 -18.91
CA TRP D 162 -11.01 35.61 -18.11
C TRP D 162 -10.61 36.36 -16.84
N THR D 163 -10.76 35.70 -15.69
CA THR D 163 -10.24 36.27 -14.46
C THR D 163 -8.93 35.55 -14.15
N GLY D 164 -7.99 36.30 -13.60
CA GLY D 164 -6.69 35.75 -13.26
C GLY D 164 -6.38 36.06 -11.80
N ASN D 165 -5.21 35.60 -11.37
CA ASN D 165 -4.92 35.49 -9.97
C ASN D 165 -3.46 35.83 -9.67
N ALA D 166 -3.25 36.79 -8.79
CA ALA D 166 -1.93 37.09 -8.26
C ALA D 166 -2.10 37.42 -6.77
N SER D 167 -2.44 36.41 -5.99
CA SER D 167 -2.99 36.62 -4.65
C SER D 167 -2.03 36.21 -3.55
N SER D 168 -2.32 35.07 -2.95
CA SER D 168 -1.63 34.66 -1.74
C SER D 168 -0.24 34.10 -2.03
N GLU D 169 0.67 34.38 -1.11
CA GLU D 169 1.95 33.70 -0.99
C GLU D 169 1.83 32.76 0.22
N ASN D 170 1.34 31.55 -0.04
CA ASN D 170 0.85 30.62 1.00
C ASN D 170 1.87 30.17 2.05
N ASN D 171 3.15 30.28 1.76
CA ASN D 171 4.16 29.86 2.74
C ASN D 171 5.20 30.93 3.03
N SER D 172 4.76 32.18 3.06
CA SER D 172 5.67 33.26 3.38
C SER D 172 4.95 34.18 4.33
N HIS D 173 5.71 34.68 5.29
CA HIS D 173 5.19 35.61 6.26
C HIS D 173 4.79 36.88 5.52
N VAL D 174 3.65 37.45 5.90
CA VAL D 174 3.07 38.56 5.19
C VAL D 174 4.06 39.70 5.00
N LEU D 175 4.90 39.93 6.00
CA LEU D 175 5.87 41.01 5.92
C LEU D 175 7.00 40.71 4.93
N ASP D 176 7.04 39.48 4.44
CA ASP D 176 8.00 39.05 3.41
C ASP D 176 7.41 38.98 2.02
N TRP D 177 6.11 39.21 1.88
CA TRP D 177 5.49 39.11 0.55
C TRP D 177 6.12 40.11 -0.40
N LYS D 178 6.19 39.74 -1.67
CA LYS D 178 6.90 40.52 -2.66
C LYS D 178 6.07 41.67 -3.22
N VAL D 179 4.74 41.63 -3.04
CA VAL D 179 3.92 42.72 -3.56
C VAL D 179 3.41 43.59 -2.43
N SER D 180 3.88 44.84 -2.38
CA SER D 180 3.47 45.78 -1.35
C SER D 180 2.31 46.63 -1.82
N ALA D 181 1.43 47.00 -0.91
CA ALA D 181 0.37 47.95 -1.22
C ALA D 181 0.57 49.21 -0.38
N THR D 182 0.97 50.30 -1.02
CA THR D 182 1.20 51.56 -0.33
C THR D 182 -0.04 52.43 -0.43
N PRO D 183 -0.59 52.84 0.72
CA PRO D 183 -1.84 53.61 0.75
C PRO D 183 -1.72 54.96 0.03
N THR D 184 -2.81 55.35 -0.65
CA THR D 184 -2.87 56.66 -1.29
C THR D 184 -4.00 57.47 -0.67
N GLU D 185 -3.80 58.78 -0.62
CA GLU D 185 -4.78 59.75 -0.10
C GLU D 185 -6.24 59.52 -0.50
N ASP D 186 -6.49 59.12 -1.74
CA ASP D 186 -7.87 59.00 -2.22
C ASP D 186 -8.57 57.71 -1.74
N GLY D 187 -7.89 56.93 -0.90
CA GLY D 187 -8.45 55.68 -0.40
C GLY D 187 -8.03 54.48 -1.23
N GLY D 188 -7.12 54.71 -2.17
CA GLY D 188 -6.61 53.63 -3.00
C GLY D 188 -5.24 53.12 -2.57
N TYR D 189 -4.61 52.34 -3.44
CA TYR D 189 -3.28 51.81 -3.16
C TYR D 189 -2.44 51.79 -4.44
N VAL D 190 -1.13 51.77 -4.28
CA VAL D 190 -0.25 51.53 -5.40
C VAL D 190 0.51 50.25 -5.16
N LEU D 191 0.55 49.40 -6.18
CA LEU D 191 1.17 48.11 -6.05
C LEU D 191 2.60 48.08 -6.60
N ASN D 192 3.49 47.45 -5.84
CA ASN D 192 4.87 47.29 -6.26
C ASN D 192 5.44 45.95 -5.90
N GLY D 193 6.14 45.34 -6.85
CA GLY D 193 6.86 44.10 -6.62
C GLY D 193 6.49 43.06 -7.67
N THR D 194 6.95 41.83 -7.47
CA THR D 194 6.69 40.75 -8.40
C THR D 194 6.07 39.56 -7.65
N LYS D 195 4.89 39.14 -8.06
CA LYS D 195 4.29 37.93 -7.50
C LYS D 195 4.85 36.76 -8.28
N HIS D 196 5.64 35.92 -7.63
CA HIS D 196 6.42 34.92 -8.36
C HIS D 196 5.58 33.72 -8.81
N PHE D 197 4.52 33.42 -8.08
CA PHE D 197 3.61 32.35 -8.51
C PHE D 197 2.19 32.86 -8.66
N CYS D 198 1.76 32.99 -9.91
CA CYS D 198 0.42 33.46 -10.21
C CYS D 198 -0.38 32.37 -10.87
N SER D 199 -1.66 32.64 -11.08
CA SER D 199 -2.54 31.66 -11.69
C SER D 199 -3.47 32.33 -12.70
N GLY D 200 -3.15 32.19 -13.99
CA GLY D 200 -3.99 32.72 -15.06
C GLY D 200 -3.94 34.23 -15.28
N ALA D 201 -2.93 34.88 -14.71
CA ALA D 201 -2.80 36.34 -14.89
C ALA D 201 -2.57 36.71 -16.35
N LYS D 202 -1.68 35.96 -17.00
CA LYS D 202 -1.21 36.25 -18.36
C LYS D 202 -2.28 36.63 -19.40
N GLY D 203 -3.24 35.75 -19.65
CA GLY D 203 -4.29 36.08 -20.61
C GLY D 203 -5.55 36.73 -20.02
N SER D 204 -5.50 37.11 -18.75
CA SER D 204 -6.72 37.53 -18.05
C SER D 204 -7.17 38.94 -18.40
N ASP D 205 -8.46 39.21 -18.18
CA ASP D 205 -8.97 40.54 -18.36
C ASP D 205 -9.07 41.26 -17.02
N LEU D 206 -9.46 40.51 -16.00
CA LEU D 206 -9.62 41.01 -14.64
C LEU D 206 -8.72 40.24 -13.70
N LEU D 207 -7.92 40.96 -12.95
CA LEU D 207 -6.90 40.36 -12.11
C LEU D 207 -7.20 40.55 -10.64
N PHE D 208 -7.15 39.46 -9.88
CA PHE D 208 -7.32 39.52 -8.43
C PHE D 208 -5.95 39.50 -7.75
N VAL D 209 -5.61 40.62 -7.13
CA VAL D 209 -4.29 40.85 -6.55
C VAL D 209 -4.33 41.06 -5.04
N PHE D 210 -3.31 40.55 -4.36
CA PHE D 210 -3.11 40.84 -2.95
C PHE D 210 -1.81 41.61 -2.82
N GLY D 211 -1.82 42.65 -2.00
CA GLY D 211 -0.58 43.35 -1.66
C GLY D 211 -0.53 43.55 -0.17
N VAL D 212 0.66 43.66 0.39
CA VAL D 212 0.75 43.83 1.83
C VAL D 212 1.25 45.21 2.18
N VAL D 213 0.51 45.87 3.05
CA VAL D 213 0.94 47.17 3.52
C VAL D 213 2.12 46.98 4.44
N GLN D 214 3.27 47.37 3.92
CA GLN D 214 4.56 47.24 4.60
C GLN D 214 5.11 48.64 4.66
N ASP D 215 4.20 49.58 4.87
CA ASP D 215 4.47 50.96 4.60
C ASP D 215 5.15 51.58 5.83
N ASP D 216 4.36 51.68 6.89
CA ASP D 216 4.65 52.30 8.19
C ASP D 216 3.36 52.92 8.71
N SER D 217 2.29 52.75 7.95
CA SER D 217 1.07 53.53 8.14
C SER D 217 0.31 52.80 9.23
N PRO D 218 -0.85 53.31 9.66
CA PRO D 218 -1.63 52.49 10.60
C PRO D 218 -2.17 51.19 9.98
N GLN D 219 -2.22 51.12 8.65
CA GLN D 219 -2.69 49.90 7.99
C GLN D 219 -1.60 48.82 7.88
N GLN D 220 -0.40 49.09 8.40
CA GLN D 220 0.74 48.19 8.17
C GLN D 220 0.53 46.72 8.51
N GLY D 221 1.00 45.86 7.61
CA GLY D 221 0.94 44.42 7.77
C GLY D 221 -0.34 43.80 7.23
N ALA D 222 -1.28 44.66 6.86
CA ALA D 222 -2.58 44.23 6.34
C ALA D 222 -2.50 43.72 4.91
N ILE D 223 -3.22 42.64 4.65
CA ILE D 223 -3.40 42.16 3.29
C ILE D 223 -4.55 42.90 2.63
N ILE D 224 -4.27 43.51 1.48
CA ILE D 224 -5.25 44.20 0.66
C ILE D 224 -5.66 43.39 -0.58
N ALA D 225 -6.95 43.18 -0.76
CA ALA D 225 -7.46 42.46 -1.94
C ALA D 225 -8.12 43.43 -2.91
N ALA D 226 -7.86 43.24 -4.19
CA ALA D 226 -8.41 44.12 -5.20
C ALA D 226 -8.67 43.38 -6.51
N ALA D 227 -9.60 43.93 -7.27
CA ALA D 227 -9.88 43.43 -8.58
C ALA D 227 -9.69 44.60 -9.53
N ILE D 228 -8.66 44.50 -10.36
CA ILE D 228 -8.33 45.57 -11.29
C ILE D 228 -8.20 44.97 -12.67
N PRO D 229 -8.36 45.81 -13.71
CA PRO D 229 -8.18 45.28 -15.07
C PRO D 229 -6.73 44.83 -15.26
N THR D 230 -6.51 43.66 -15.87
CA THR D 230 -5.14 43.20 -16.09
C THR D 230 -4.34 44.17 -16.96
N SER D 231 -5.04 44.91 -17.84
CA SER D 231 -4.37 45.83 -18.79
C SER D 231 -3.97 47.18 -18.18
N ARG D 232 -4.11 47.34 -16.87
CA ARG D 232 -3.70 48.58 -16.23
C ARG D 232 -2.19 48.78 -16.33
N ALA D 233 -1.79 50.03 -16.55
CA ALA D 233 -0.38 50.41 -16.60
C ALA D 233 0.37 49.93 -15.36
N GLY D 234 1.57 49.40 -15.58
CA GLY D 234 2.41 48.92 -14.51
C GLY D 234 2.25 47.44 -14.21
N VAL D 235 1.23 46.82 -14.78
CA VAL D 235 0.98 45.39 -14.59
C VAL D 235 1.58 44.60 -15.75
N THR D 236 2.54 43.75 -15.44
CA THR D 236 3.18 42.96 -16.49
C THR D 236 3.15 41.47 -16.11
N PRO D 237 2.14 40.75 -16.60
CA PRO D 237 2.16 39.29 -16.44
C PRO D 237 3.17 38.67 -17.39
N ASN D 238 4.22 38.06 -16.84
CA ASN D 238 5.35 37.55 -17.63
C ASN D 238 5.09 36.19 -18.31
N ASP D 239 5.79 35.93 -19.40
CA ASP D 239 5.67 34.64 -20.07
C ASP D 239 6.69 33.70 -19.42
N ASP D 240 6.38 33.31 -18.19
CA ASP D 240 7.37 32.92 -17.21
C ASP D 240 7.30 31.45 -16.76
N TRP D 241 6.20 30.79 -17.06
CA TRP D 241 5.89 29.51 -16.43
C TRP D 241 6.61 28.30 -17.05
N ALA D 242 7.29 27.51 -16.20
CA ALA D 242 7.89 26.23 -16.61
C ALA D 242 7.71 25.17 -15.50
N ALA D 243 7.28 23.97 -15.89
CA ALA D 243 7.10 22.85 -14.95
C ALA D 243 7.08 21.54 -15.71
N ILE D 244 7.33 20.43 -15.02
CA ILE D 244 7.35 19.15 -15.69
C ILE D 244 5.93 18.84 -16.19
N GLY D 245 4.95 19.37 -15.45
CA GLY D 245 3.54 19.21 -15.77
C GLY D 245 2.75 20.50 -15.57
N MET D 246 1.44 20.44 -15.83
CA MET D 246 0.60 21.64 -15.81
C MET D 246 1.22 22.74 -16.68
N ARG D 247 1.72 22.34 -17.85
CA ARG D 247 2.58 23.19 -18.66
C ARG D 247 1.89 24.38 -19.35
N GLN D 248 0.57 24.35 -19.41
CA GLN D 248 -0.16 25.41 -20.08
C GLN D 248 -1.07 26.17 -19.11
N THR D 249 -0.72 26.22 -17.82
CA THR D 249 -1.57 26.87 -16.81
C THR D 249 -1.19 28.33 -16.57
N ASP D 250 -0.18 28.81 -17.31
CA ASP D 250 0.27 30.20 -17.20
C ASP D 250 0.50 30.66 -15.78
N SER D 251 1.34 29.92 -15.07
CA SER D 251 1.52 30.16 -13.65
C SER D 251 2.86 30.86 -13.34
N GLY D 252 3.28 31.73 -14.24
CA GLY D 252 4.54 32.43 -14.07
C GLY D 252 4.38 33.62 -13.15
N SER D 253 5.33 34.55 -13.24
CA SER D 253 5.32 35.74 -12.39
C SER D 253 4.59 36.88 -13.05
N THR D 254 4.14 37.81 -12.23
CA THR D 254 3.53 39.04 -12.70
C THR D 254 4.18 40.22 -11.98
N ASP D 255 4.72 41.18 -12.73
CA ASP D 255 5.38 42.33 -12.11
C ASP D 255 4.41 43.49 -11.91
N PHE D 256 4.56 44.20 -10.81
CA PHE D 256 3.77 45.42 -10.56
C PHE D 256 4.68 46.63 -10.36
N HIS D 257 4.50 47.67 -11.18
CA HIS D 257 5.34 48.85 -11.11
C HIS D 257 4.48 50.10 -11.04
N ASN D 258 4.35 50.67 -9.84
CA ASN D 258 3.43 51.78 -9.58
C ASN D 258 2.04 51.56 -10.17
N VAL D 259 1.44 50.44 -9.81
CA VAL D 259 0.09 50.09 -10.28
C VAL D 259 -0.89 50.68 -9.31
N LYS D 260 -1.74 51.59 -9.75
CA LYS D 260 -2.64 52.19 -8.78
C LYS D 260 -3.92 51.38 -8.73
N VAL D 261 -4.41 51.19 -7.52
CA VAL D 261 -5.71 50.58 -7.27
C VAL D 261 -6.67 51.70 -6.87
N GLU D 262 -7.78 51.80 -7.58
CA GLU D 262 -8.82 52.78 -7.28
C GLU D 262 -9.55 52.36 -6.02
N PRO D 263 -10.19 53.31 -5.31
CA PRO D 263 -10.90 53.00 -4.07
C PRO D 263 -11.99 51.94 -4.19
N ASP D 264 -12.88 52.08 -5.17
CA ASP D 264 -13.96 51.11 -5.35
C ASP D 264 -13.49 49.76 -5.94
N GLU D 265 -12.20 49.61 -6.22
CA GLU D 265 -11.68 48.33 -6.69
C GLU D 265 -11.13 47.50 -5.53
N VAL D 266 -11.07 48.11 -4.34
CA VAL D 266 -10.59 47.39 -3.17
C VAL D 266 -11.69 46.52 -2.57
N LEU D 267 -11.38 45.25 -2.34
CA LEU D 267 -12.37 44.31 -1.83
C LEU D 267 -12.33 44.19 -0.31
N GLY D 268 -13.31 44.80 0.35
CA GLY D 268 -13.42 44.76 1.80
C GLY D 268 -12.43 45.67 2.48
N ALA D 269 -12.44 45.65 3.82
CA ALA D 269 -11.55 46.47 4.61
C ALA D 269 -10.12 45.99 4.46
N PRO D 270 -9.15 46.82 4.89
CA PRO D 270 -7.78 46.29 4.98
C PRO D 270 -7.73 45.05 5.88
N ASN D 271 -7.00 44.02 5.44
CA ASN D 271 -6.84 42.77 6.20
C ASN D 271 -8.13 41.93 6.33
N ALA D 272 -9.13 42.20 5.49
CA ALA D 272 -10.41 41.50 5.56
C ALA D 272 -10.28 39.97 5.54
N PHE D 273 -9.44 39.45 4.65
CA PHE D 273 -9.29 38.01 4.57
C PHE D 273 -8.80 37.44 5.87
N VAL D 274 -7.79 38.08 6.45
CA VAL D 274 -7.21 37.61 7.70
C VAL D 274 -8.22 37.65 8.85
N LEU D 275 -9.03 38.70 8.90
CA LEU D 275 -10.04 38.83 9.93
C LEU D 275 -11.13 37.76 9.75
N ALA D 276 -11.57 37.58 8.50
CA ALA D 276 -12.55 36.56 8.20
C ALA D 276 -12.03 35.18 8.61
N PHE D 277 -10.72 34.97 8.43
CA PHE D 277 -10.13 33.69 8.79
C PHE D 277 -10.25 33.46 10.29
N ILE D 278 -9.81 34.43 11.09
CA ILE D 278 -9.92 34.33 12.55
C ILE D 278 -11.36 34.11 13.05
N GLN D 279 -12.32 34.76 12.39
CA GLN D 279 -13.72 34.64 12.79
C GLN D 279 -14.43 33.46 12.13
N SER D 280 -13.77 32.85 11.15
CA SER D 280 -14.38 31.85 10.27
C SER D 280 -15.65 32.41 9.65
N GLU D 281 -15.58 33.66 9.23
CA GLU D 281 -16.70 34.28 8.53
C GLU D 281 -16.60 33.87 7.07
N ARG D 282 -17.41 34.46 6.21
CA ARG D 282 -17.62 33.91 4.88
C ARG D 282 -16.34 33.89 4.05
N GLY D 283 -15.46 34.86 4.28
CA GLY D 283 -14.17 34.93 3.61
C GLY D 283 -13.34 33.68 3.79
N SER D 284 -13.56 32.98 4.89
CA SER D 284 -12.81 31.75 5.16
C SER D 284 -13.24 30.55 4.31
N LEU D 285 -14.16 30.74 3.37
CA LEU D 285 -14.54 29.66 2.47
C LEU D 285 -13.55 29.53 1.29
N PHE D 286 -12.61 30.46 1.21
CA PHE D 286 -11.63 30.49 0.13
C PHE D 286 -10.93 29.13 -0.01
N ALA D 287 -10.28 28.69 1.06
CA ALA D 287 -9.54 27.42 1.03
C ALA D 287 -10.42 26.21 0.64
N PRO D 288 -11.56 25.99 1.34
CA PRO D 288 -12.37 24.82 0.98
C PRO D 288 -12.76 24.80 -0.49
N ILE D 289 -13.07 25.98 -1.02
CA ILE D 289 -13.41 26.13 -2.44
C ILE D 289 -12.26 25.76 -3.36
N ALA D 290 -11.10 26.39 -3.19
CA ALA D 290 -9.97 26.14 -4.06
C ALA D 290 -9.48 24.70 -3.91
N GLN D 291 -9.42 24.22 -2.67
CA GLN D 291 -8.88 22.88 -2.40
C GLN D 291 -9.74 21.78 -2.99
N LEU D 292 -11.05 22.01 -2.98
CA LEU D 292 -12.00 21.08 -3.58
C LEU D 292 -11.88 21.10 -5.08
N ILE D 293 -11.65 22.29 -5.61
CA ILE D 293 -11.43 22.46 -7.05
C ILE D 293 -10.19 21.68 -7.50
N PHE D 294 -9.09 21.85 -6.78
CA PHE D 294 -7.87 21.11 -7.06
C PHE D 294 -8.12 19.59 -7.09
N ALA D 295 -8.75 19.07 -6.04
CA ALA D 295 -8.95 17.62 -5.91
C ALA D 295 -9.70 17.09 -7.11
N ASN D 296 -10.73 17.82 -7.54
CA ASN D 296 -11.48 17.37 -8.70
C ASN D 296 -10.70 17.51 -10.00
N VAL D 297 -9.81 18.48 -10.09
CA VAL D 297 -8.87 18.50 -11.22
C VAL D 297 -8.07 17.19 -11.26
N TYR D 298 -7.58 16.75 -10.09
CA TYR D 298 -6.77 15.54 -10.03
C TYR D 298 -7.63 14.32 -10.42
N LEU D 299 -8.86 14.27 -9.94
CA LEU D 299 -9.76 13.17 -10.29
C LEU D 299 -10.08 13.16 -11.80
N GLY D 300 -10.28 14.35 -12.38
CA GLY D 300 -10.54 14.42 -13.80
C GLY D 300 -9.35 13.85 -14.55
N ILE D 301 -8.15 14.26 -14.13
CA ILE D 301 -6.92 13.79 -14.76
C ILE D 301 -6.80 12.26 -14.64
N ALA D 302 -7.22 11.72 -13.50
CA ALA D 302 -7.18 10.26 -13.30
C ALA D 302 -8.13 9.52 -14.27
N HIS D 303 -9.32 10.07 -14.48
CA HIS D 303 -10.26 9.53 -15.47
C HIS D 303 -9.72 9.63 -16.90
N GLY D 304 -9.11 10.76 -17.25
CA GLY D 304 -8.43 10.89 -18.55
C GLY D 304 -7.37 9.80 -18.76
N ALA D 305 -6.55 9.58 -17.75
CA ALA D 305 -5.52 8.54 -17.79
C ALA D 305 -6.16 7.14 -17.88
N LEU D 306 -7.17 6.88 -17.05
CA LEU D 306 -7.80 5.57 -17.06
C LEU D 306 -8.48 5.29 -18.42
N ASP D 307 -9.17 6.28 -18.99
CA ASP D 307 -9.88 6.12 -20.27
C ASP D 307 -8.88 5.95 -21.42
N ALA D 308 -7.79 6.72 -21.39
CA ALA D 308 -6.72 6.54 -22.38
C ALA D 308 -6.13 5.13 -22.35
N ALA D 309 -5.89 4.62 -21.15
CA ALA D 309 -5.30 3.29 -20.99
C ALA D 309 -6.24 2.24 -21.54
N ARG D 310 -7.52 2.35 -21.16
CA ARG D 310 -8.51 1.36 -21.55
C ARG D 310 -8.57 1.27 -23.06
N GLU D 311 -8.52 2.43 -23.70
CA GLU D 311 -8.64 2.50 -25.15
C GLU D 311 -7.44 1.83 -25.79
N TYR D 312 -6.25 2.11 -25.25
CA TYR D 312 -5.03 1.51 -25.79
C TYR D 312 -4.98 0.00 -25.55
N THR D 313 -5.33 -0.43 -24.35
CA THR D 313 -5.33 -1.85 -24.03
C THR D 313 -6.26 -2.62 -24.98
N ARG D 314 -7.41 -2.04 -25.28
CA ARG D 314 -8.36 -2.67 -26.17
C ARG D 314 -7.92 -2.83 -27.63
N THR D 315 -7.07 -1.93 -28.10
CA THR D 315 -6.80 -1.84 -29.53
C THR D 315 -5.36 -2.16 -29.85
N GLN D 316 -4.45 -1.78 -28.96
CA GLN D 316 -3.03 -1.81 -29.23
C GLN D 316 -2.21 -2.79 -28.40
N ALA D 317 -2.65 -3.11 -27.19
CA ALA D 317 -1.91 -4.01 -26.31
C ALA D 317 -1.86 -5.44 -26.84
N ARG D 318 -0.71 -6.08 -26.64
CA ARG D 318 -0.51 -7.48 -26.98
C ARG D 318 -0.49 -8.34 -25.72
N PRO D 319 -1.08 -9.54 -25.83
CA PRO D 319 -1.06 -10.47 -24.70
C PRO D 319 0.36 -10.99 -24.43
N TRP D 320 0.64 -11.35 -23.18
CA TRP D 320 1.92 -11.97 -22.84
C TRP D 320 1.88 -13.45 -23.19
N THR D 321 2.27 -13.80 -24.41
CA THR D 321 2.18 -15.20 -24.89
C THR D 321 3.08 -16.21 -24.14
N PRO D 322 4.25 -15.77 -23.60
CA PRO D 322 4.97 -16.74 -22.77
C PRO D 322 4.14 -17.27 -21.60
N ALA D 323 3.11 -16.54 -21.20
CA ALA D 323 2.20 -17.00 -20.17
C ALA D 323 1.01 -17.71 -20.78
N GLY D 324 1.01 -17.85 -22.10
CA GLY D 324 -0.07 -18.52 -22.78
C GLY D 324 -1.31 -17.64 -22.90
N ILE D 325 -1.15 -16.34 -22.70
CA ILE D 325 -2.29 -15.44 -22.83
C ILE D 325 -2.56 -15.13 -24.31
N GLN D 326 -3.82 -15.28 -24.73
CA GLN D 326 -4.20 -15.10 -26.13
C GLN D 326 -4.83 -13.74 -26.43
N GLN D 327 -5.49 -13.16 -25.44
CA GLN D 327 -6.06 -11.83 -25.60
C GLN D 327 -5.64 -10.93 -24.45
N ALA D 328 -5.10 -9.76 -24.78
CA ALA D 328 -4.63 -8.84 -23.77
C ALA D 328 -5.76 -8.49 -22.81
N THR D 329 -6.99 -8.41 -23.33
CA THR D 329 -8.12 -8.02 -22.52
C THR D 329 -8.62 -9.17 -21.63
N GLU D 330 -8.00 -10.34 -21.75
CA GLU D 330 -8.43 -11.48 -20.95
C GLU D 330 -7.37 -11.92 -19.93
N ASP D 331 -6.29 -11.16 -19.86
CA ASP D 331 -5.25 -11.39 -18.87
C ASP D 331 -5.79 -11.09 -17.44
N PRO D 332 -5.63 -12.05 -16.52
CA PRO D 332 -6.20 -11.92 -15.18
C PRO D 332 -5.58 -10.79 -14.36
N TYR D 333 -4.30 -10.49 -14.58
CA TYR D 333 -3.67 -9.41 -13.81
C TYR D 333 -3.94 -8.06 -14.42
N THR D 334 -4.06 -8.00 -15.73
CA THR D 334 -4.52 -6.78 -16.37
C THR D 334 -5.92 -6.42 -15.90
N ILE D 335 -6.81 -7.41 -15.86
CA ILE D 335 -8.16 -7.20 -15.40
C ILE D 335 -8.20 -6.73 -13.95
N ARG D 336 -7.46 -7.42 -13.07
CA ARG D 336 -7.34 -7.04 -11.66
C ARG D 336 -6.88 -5.58 -11.50
N SER D 337 -5.84 -5.19 -12.23
CA SER D 337 -5.30 -3.82 -12.15
C SER D 337 -6.34 -2.76 -12.57
N TYR D 338 -7.08 -3.03 -13.64
CA TYR D 338 -8.14 -2.12 -14.03
C TYR D 338 -9.20 -2.02 -12.95
N GLY D 339 -9.53 -3.14 -12.32
CA GLY D 339 -10.39 -3.15 -11.18
C GLY D 339 -9.91 -2.24 -10.07
N GLU D 340 -8.66 -2.42 -9.67
CA GLU D 340 -8.10 -1.64 -8.57
C GLU D 340 -8.11 -0.15 -8.85
N PHE D 341 -7.84 0.23 -10.11
CA PHE D 341 -7.83 1.64 -10.51
C PHE D 341 -9.21 2.26 -10.35
N THR D 342 -10.20 1.53 -10.86
CA THR D 342 -11.57 1.99 -10.86
C THR D 342 -12.08 2.19 -9.45
N ILE D 343 -11.74 1.23 -8.60
CA ILE D 343 -12.23 1.16 -7.23
C ILE D 343 -11.68 2.28 -6.35
N ALA D 344 -10.39 2.57 -6.47
CA ALA D 344 -9.80 3.70 -5.79
C ALA D 344 -10.46 5.03 -6.25
N LEU D 345 -10.75 5.12 -7.54
CA LEU D 345 -11.42 6.31 -8.08
C LEU D 345 -12.87 6.38 -7.65
N GLN D 346 -13.51 5.22 -7.60
CA GLN D 346 -14.87 5.11 -7.14
C GLN D 346 -15.03 5.73 -5.75
N GLY D 347 -14.11 5.39 -4.86
CA GLY D 347 -14.15 5.87 -3.49
C GLY D 347 -13.86 7.36 -3.44
N ALA D 348 -12.85 7.78 -4.19
CA ALA D 348 -12.43 9.18 -4.18
C ALA D 348 -13.49 10.08 -4.82
N ASP D 349 -14.10 9.61 -5.92
CA ASP D 349 -15.16 10.41 -6.57
C ASP D 349 -16.36 10.61 -5.67
N ALA D 350 -16.79 9.55 -5.01
CA ALA D 350 -17.96 9.62 -4.15
C ALA D 350 -17.74 10.61 -3.02
N ALA D 351 -16.54 10.59 -2.43
CA ALA D 351 -16.22 11.50 -1.35
C ALA D 351 -16.16 12.94 -1.86
N ALA D 352 -15.62 13.12 -3.06
CA ALA D 352 -15.57 14.47 -3.65
C ALA D 352 -16.98 15.01 -3.84
N ARG D 353 -17.86 14.20 -4.41
CA ARG D 353 -19.24 14.65 -4.68
C ARG D 353 -20.01 15.01 -3.41
N GLU D 354 -19.90 14.19 -2.35
CA GLU D 354 -20.51 14.54 -1.06
C GLU D 354 -20.01 15.90 -0.60
N ALA D 355 -18.70 16.12 -0.76
CA ALA D 355 -18.11 17.36 -0.31
C ALA D 355 -18.64 18.54 -1.15
N ALA D 356 -18.96 18.29 -2.41
CA ALA D 356 -19.51 19.36 -3.25
C ALA D 356 -20.86 19.80 -2.73
N HIS D 357 -21.67 18.83 -2.31
CA HIS D 357 -22.97 19.17 -1.75
C HIS D 357 -22.83 19.87 -0.39
N LEU D 358 -21.87 19.46 0.43
CA LEU D 358 -21.66 20.14 1.72
C LEU D 358 -21.22 21.59 1.47
N LEU D 359 -20.34 21.81 0.51
CA LEU D 359 -19.95 23.17 0.13
C LEU D 359 -21.16 24.01 -0.30
N GLN D 360 -22.05 23.43 -1.08
CA GLN D 360 -23.26 24.14 -1.47
C GLN D 360 -24.06 24.54 -0.25
N THR D 361 -24.30 23.56 0.62
CA THR D 361 -25.03 23.79 1.85
C THR D 361 -24.46 24.93 2.65
N VAL D 362 -23.14 24.94 2.81
CA VAL D 362 -22.50 25.97 3.61
C VAL D 362 -22.58 27.30 2.88
N TRP D 363 -22.31 27.26 1.57
CA TRP D 363 -22.39 28.45 0.72
C TRP D 363 -23.75 29.14 0.78
N ASP D 364 -24.82 28.34 0.78
CA ASP D 364 -26.18 28.91 0.81
C ASP D 364 -26.52 29.59 2.14
N LYS D 365 -25.75 29.33 3.19
CA LYS D 365 -25.99 29.99 4.48
C LYS D 365 -25.55 31.44 4.56
N GLY D 366 -24.89 31.93 3.51
CA GLY D 366 -24.36 33.29 3.51
C GLY D 366 -23.53 33.60 4.74
N ASP D 367 -23.76 34.78 5.31
CA ASP D 367 -23.01 35.22 6.49
C ASP D 367 -23.41 34.51 7.78
N ALA D 368 -24.49 33.73 7.73
CA ALA D 368 -24.96 33.00 8.90
C ALA D 368 -24.24 31.66 9.13
N LEU D 369 -23.20 31.38 8.34
CA LEU D 369 -22.38 30.18 8.55
C LEU D 369 -21.63 30.34 9.88
N THR D 370 -21.41 29.21 10.57
CA THR D 370 -20.69 29.18 11.86
C THR D 370 -19.26 28.68 11.73
N PRO D 371 -18.45 28.85 12.78
CA PRO D 371 -17.12 28.20 12.74
C PRO D 371 -17.23 26.67 12.69
N GLU D 372 -18.37 26.15 13.14
CA GLU D 372 -18.65 24.72 13.05
C GLU D 372 -18.92 24.32 11.59
N ASP D 373 -19.72 25.11 10.87
CA ASP D 373 -19.98 24.84 9.43
C ASP D 373 -18.69 24.79 8.64
N ARG D 374 -17.91 25.85 8.76
CA ARG D 374 -16.64 26.02 8.02
C ARG D 374 -15.65 24.90 8.37
N GLY D 375 -15.51 24.60 9.66
CA GLY D 375 -14.59 23.56 10.10
C GLY D 375 -14.88 22.17 9.56
N GLU D 376 -16.13 21.73 9.70
CA GLU D 376 -16.52 20.43 9.21
C GLU D 376 -16.28 20.31 7.71
N LEU D 377 -16.58 21.39 6.98
CA LEU D 377 -16.43 21.41 5.54
C LEU D 377 -14.97 21.23 5.12
N MET D 378 -14.08 21.98 5.75
CA MET D 378 -12.66 21.95 5.43
C MET D 378 -12.07 20.58 5.77
N VAL D 379 -12.56 19.99 6.85
CA VAL D 379 -12.12 18.68 7.27
C VAL D 379 -12.48 17.63 6.20
N LYS D 380 -13.70 17.73 5.68
CA LYS D 380 -14.13 16.85 4.58
C LYS D 380 -13.32 17.08 3.29
N VAL D 381 -13.12 18.35 2.92
CA VAL D 381 -12.38 18.68 1.71
C VAL D 381 -10.92 18.25 1.85
N SER D 382 -10.37 18.42 3.06
CA SER D 382 -9.01 17.96 3.33
C SER D 382 -8.87 16.48 3.00
N GLY D 383 -9.86 15.69 3.39
CA GLY D 383 -9.88 14.25 3.10
C GLY D 383 -10.04 13.95 1.62
N VAL D 384 -10.88 14.71 0.93
CA VAL D 384 -11.02 14.56 -0.52
C VAL D 384 -9.71 14.88 -1.22
N LYS D 385 -9.06 15.97 -0.82
CA LYS D 385 -7.78 16.36 -1.42
C LYS D 385 -6.77 15.24 -1.32
N ALA D 386 -6.73 14.57 -0.16
CA ALA D 386 -5.85 13.42 0.06
C ALA D 386 -6.25 12.20 -0.79
N LEU D 387 -7.54 11.86 -0.76
CA LEU D 387 -8.08 10.75 -1.53
C LEU D 387 -7.78 10.90 -3.02
N ALA D 388 -8.02 12.10 -3.56
CA ALA D 388 -7.80 12.42 -4.97
C ALA D 388 -6.32 12.44 -5.33
N THR D 389 -5.50 12.97 -4.42
CA THR D 389 -4.07 13.00 -4.66
C THR D 389 -3.53 11.58 -4.86
N ASN D 390 -3.81 10.72 -3.88
CA ASN D 390 -3.26 9.38 -3.90
C ASN D 390 -3.78 8.57 -5.07
N ALA D 391 -5.09 8.68 -5.32
CA ALA D 391 -5.72 7.92 -6.39
C ALA D 391 -5.19 8.37 -7.75
N ALA D 392 -5.07 9.68 -7.97
CA ALA D 392 -4.60 10.15 -9.26
C ALA D 392 -3.13 9.76 -9.47
N LEU D 393 -2.31 9.87 -8.42
CA LEU D 393 -0.90 9.44 -8.54
C LEU D 393 -0.79 7.95 -8.87
N ASN D 394 -1.54 7.12 -8.14
CA ASN D 394 -1.46 5.66 -8.34
C ASN D 394 -1.99 5.22 -9.70
N ILE D 395 -3.07 5.85 -10.14
CA ILE D 395 -3.66 5.50 -11.42
C ILE D 395 -2.81 6.02 -12.57
N SER D 396 -2.40 7.29 -12.48
CA SER D 396 -1.53 7.89 -13.49
C SER D 396 -0.28 7.09 -13.73
N SER D 397 0.31 6.58 -12.66
CA SER D 397 1.53 5.82 -12.81
C SER D 397 1.24 4.36 -13.17
N GLY D 398 0.26 3.75 -12.50
CA GLY D 398 -0.03 2.32 -12.64
C GLY D 398 -0.56 1.88 -13.99
N VAL D 399 -1.20 2.81 -14.66
CA VAL D 399 -1.82 2.56 -15.94
C VAL D 399 -0.78 2.12 -16.98
N PHE D 400 0.48 2.47 -16.75
CA PHE D 400 1.54 2.01 -17.63
C PHE D 400 1.71 0.49 -17.58
N GLU D 401 1.48 -0.11 -16.42
CA GLU D 401 1.65 -1.53 -16.28
C GLU D 401 0.77 -2.28 -17.29
N VAL D 402 -0.46 -1.79 -17.50
CA VAL D 402 -1.37 -2.47 -18.41
C VAL D 402 -1.31 -1.94 -19.85
N ILE D 403 -0.57 -0.86 -20.07
CA ILE D 403 -0.43 -0.33 -21.42
C ILE D 403 0.70 -1.08 -22.17
N GLY D 404 1.84 -1.26 -21.53
CA GLY D 404 2.92 -1.99 -22.15
C GLY D 404 4.02 -1.08 -22.68
N ALA D 405 5.09 -1.72 -23.13
CA ALA D 405 6.30 -1.01 -23.50
C ALA D 405 6.11 -0.02 -24.67
N ARG D 406 5.41 -0.45 -25.71
CA ARG D 406 5.27 0.39 -26.90
C ARG D 406 4.45 1.65 -26.58
N GLY D 407 3.72 1.59 -25.47
CA GLY D 407 2.94 2.75 -25.04
C GLY D 407 3.78 3.85 -24.42
N THR D 408 5.09 3.62 -24.26
CA THR D 408 5.94 4.68 -23.73
C THR D 408 6.41 5.66 -24.80
N HIS D 409 5.98 5.45 -26.04
CA HIS D 409 6.37 6.38 -27.09
C HIS D 409 5.75 7.77 -26.85
N PRO D 410 6.54 8.84 -27.10
CA PRO D 410 6.08 10.21 -26.90
C PRO D 410 4.83 10.59 -27.70
N ARG D 411 4.54 9.88 -28.80
CA ARG D 411 3.36 10.27 -29.59
C ARG D 411 2.06 10.00 -28.84
N TYR D 412 2.14 9.18 -27.81
CA TYR D 412 0.99 8.89 -26.99
C TYR D 412 0.90 9.90 -25.83
N GLY D 413 2.04 10.47 -25.45
CA GLY D 413 2.12 11.35 -24.30
C GLY D 413 1.42 10.79 -23.05
N PHE D 414 1.55 9.49 -22.83
CA PHE D 414 0.80 8.88 -21.71
C PHE D 414 1.29 9.34 -20.34
N ASP D 415 2.49 9.91 -20.26
CA ASP D 415 2.99 10.38 -18.98
C ASP D 415 2.46 11.76 -18.58
N ARG D 416 1.65 12.38 -19.44
CA ARG D 416 1.22 13.74 -19.14
C ARG D 416 0.28 13.78 -17.94
N PHE D 417 -0.48 12.73 -17.74
CA PHE D 417 -1.43 12.66 -16.65
C PHE D 417 -0.67 12.69 -15.32
N TRP D 418 0.30 11.79 -15.19
CA TRP D 418 1.12 11.72 -14.00
C TRP D 418 1.85 13.04 -13.78
N ARG D 419 2.50 13.54 -14.82
CA ARG D 419 3.22 14.81 -14.71
C ARG D 419 2.30 15.94 -14.29
N ASN D 420 1.06 15.97 -14.77
CA ASN D 420 0.12 17.02 -14.34
C ASN D 420 -0.26 16.89 -12.87
N VAL D 421 -0.60 15.68 -12.42
CA VAL D 421 -0.95 15.49 -11.02
C VAL D 421 0.25 15.66 -10.09
N ARG D 422 1.41 15.12 -10.50
CA ARG D 422 2.61 15.17 -9.69
C ARG D 422 3.03 16.60 -9.42
N THR D 423 2.81 17.47 -10.40
CA THR D 423 3.20 18.87 -10.27
C THR D 423 2.31 19.60 -9.28
N HIS D 424 1.01 19.61 -9.57
CA HIS D 424 0.11 20.45 -8.77
C HIS D 424 -0.16 19.90 -7.37
N SER D 425 -0.06 18.59 -7.20
CA SER D 425 -0.26 17.99 -5.89
C SER D 425 0.74 18.50 -4.85
N LEU D 426 1.76 19.24 -5.29
CA LEU D 426 2.75 19.82 -4.39
C LEU D 426 2.43 21.28 -4.01
N HIS D 427 1.36 21.83 -4.57
CA HIS D 427 0.88 23.18 -4.26
C HIS D 427 0.84 23.40 -2.72
N ASP D 428 0.25 22.45 -2.00
CA ASP D 428 0.34 22.42 -0.55
C ASP D 428 0.42 20.96 -0.07
N PRO D 429 1.14 20.72 1.04
CA PRO D 429 1.51 19.36 1.41
C PRO D 429 0.34 18.53 1.89
N VAL D 430 0.09 17.45 1.15
CA VAL D 430 -0.98 16.51 1.46
C VAL D 430 -0.82 15.95 2.87
N SER D 431 0.43 15.88 3.37
CA SER D 431 0.67 15.37 4.72
C SER D 431 -0.11 16.15 5.78
N TYR D 432 -0.24 17.47 5.63
CA TYR D 432 -0.98 18.28 6.61
C TYR D 432 -2.48 18.32 6.31
N LYS D 433 -2.86 17.99 5.09
CA LYS D 433 -4.28 17.72 4.83
C LYS D 433 -4.67 16.49 5.64
N ILE D 434 -3.83 15.45 5.55
CA ILE D 434 -4.02 14.23 6.33
C ILE D 434 -3.98 14.51 7.84
N ALA D 435 -3.00 15.31 8.26
CA ALA D 435 -2.85 15.68 9.66
C ALA D 435 -4.05 16.44 10.18
N ASP D 436 -4.57 17.38 9.39
CA ASP D 436 -5.76 18.11 9.81
C ASP D 436 -6.96 17.19 10.07
N VAL D 437 -7.15 16.18 9.22
CA VAL D 437 -8.23 15.23 9.42
C VAL D 437 -8.01 14.44 10.72
N GLY D 438 -6.78 14.02 10.95
CA GLY D 438 -6.44 13.26 12.14
C GLY D 438 -6.65 14.05 13.43
N LYS D 439 -6.27 15.33 13.39
CA LYS D 439 -6.44 16.24 14.50
C LYS D 439 -7.91 16.41 14.86
N HIS D 440 -8.76 16.46 13.85
CA HIS D 440 -10.20 16.55 14.08
C HIS D 440 -10.75 15.22 14.58
N THR D 441 -10.39 14.14 13.91
CA THR D 441 -10.82 12.82 14.38
C THR D 441 -10.37 12.53 15.83
N LEU D 442 -9.10 12.78 16.14
CA LEU D 442 -8.58 12.37 17.44
C LEU D 442 -8.88 13.41 18.52
N ASN D 443 -8.61 14.68 18.22
CA ASN D 443 -8.65 15.72 19.24
C ASN D 443 -9.82 16.67 19.09
N GLY D 444 -10.61 16.47 18.05
CA GLY D 444 -11.76 17.31 17.73
C GLY D 444 -11.43 18.71 17.28
N GLN D 445 -10.16 18.97 16.95
CA GLN D 445 -9.73 20.30 16.50
C GLN D 445 -10.14 20.56 15.06
N TYR D 446 -10.54 21.79 14.74
CA TYR D 446 -10.73 22.13 13.35
C TYR D 446 -9.42 22.77 12.83
N PRO D 447 -9.16 22.69 11.51
CA PRO D 447 -7.96 23.35 10.99
C PRO D 447 -8.02 24.86 11.16
N ILE D 448 -6.85 25.46 11.36
CA ILE D 448 -6.75 26.90 11.46
C ILE D 448 -6.97 27.51 10.10
N PRO D 449 -7.99 28.34 9.99
CA PRO D 449 -8.31 28.91 8.69
C PRO D 449 -7.18 29.74 8.14
N GLY D 450 -6.88 29.51 6.86
CA GLY D 450 -5.86 30.25 6.14
C GLY D 450 -6.16 30.09 4.66
N PHE D 451 -5.17 30.34 3.82
CA PHE D 451 -5.39 30.26 2.39
C PHE D 451 -5.41 28.82 1.84
N THR D 452 -4.86 27.86 2.58
CA THR D 452 -4.82 26.47 2.11
C THR D 452 -5.45 25.47 3.09
N SER D 453 -6.01 25.97 4.19
CA SER D 453 -6.64 25.12 5.19
C SER D 453 -7.75 25.84 5.93
#